data_3E0J
#
_entry.id   3E0J
#
_cell.length_a   95.128
_cell.length_b   248.535
_cell.length_c   103.461
_cell.angle_alpha   90.00
_cell.angle_beta   106.94
_cell.angle_gamma   90.00
#
_symmetry.space_group_name_H-M   'P 1 21 1'
#
loop_
_entity.id
_entity.type
_entity.pdbx_description
1 polymer 'DNA polymerase subunit delta-2'
2 polymer 'DNA polymerase subunit delta-3'
3 water water
#
loop_
_entity_poly.entity_id
_entity_poly.type
_entity_poly.pdbx_seq_one_letter_code
_entity_poly.pdbx_strand_id
1 'polypeptide(L)'
;HHHHHHGMFSEQAAQRAHTLLSPPSANNATFARVPVATYTNSSQPFRLGERSFSRQYAHIYATRLIQMRPFLENRAQQHW
GSGVGVKKLCELQPEEKCCVVGTLFKAMPLQPSILREVSEEHNLLPQPPRSKYIHPDDELVLEDELQRIKLKGTIDVSKL
VTGTVLAVFGSVRDDGKFLVEDYCFADLAPQKPAPPLDTDRFVLLVSGLGLGGGGGESLLGTQLLVDVVTGQLGDEGEQC
SAAHVSRVILAGNLLSHSTQSRDSINKAKYLTKKTQAASVEAVKMLDEILLQLSASVPVDVMPGEFDPTNYTLPQQPLHP
CMFPLATAYSTLQLVTNPYQATIDGVRFLGTSGQNVSDIFRYSSMEDHLEILEWTLRVRHISPTAPDTLGCYPFYKTDPF
IFPECPHVYFCGNTPSFGSKIIRGPEDQTVLLVTVPDFSATQTACLVNLRSLACQPISFSGFGAEDDDLGGLGLGP
;
A,C,E,G
2 'polypeptide(L)'
;MADQLYLENIDEFVTDQNKIVTYKWLSYTLGVHVNQAKQMLYDYVERKRKENSGAQLHVTYLVSGSLIQNGHSCHKVAVV
REDKLEAVKSKLAVTASIHVYSIQKAMLKDSGPLFNTDYDILKSNLQNCSKFSAIQCAAAVPRA
;
B,D,F,H
#
# COMPACT_ATOMS: atom_id res chain seq x y z
N HIS A 4 7.55 50.04 39.55
CA HIS A 4 6.23 50.73 39.46
C HIS A 4 5.10 49.71 39.68
N HIS A 5 4.26 49.96 40.69
CA HIS A 5 3.14 49.07 41.01
C HIS A 5 1.82 49.74 41.21
N HIS A 6 0.90 49.44 40.31
CA HIS A 6 -0.44 49.97 40.30
C HIS A 6 -0.93 49.72 38.90
N GLY A 7 -2.16 49.23 38.78
CA GLY A 7 -2.67 48.98 37.46
C GLY A 7 -2.23 47.63 36.93
N MET A 8 -1.85 46.72 37.81
CA MET A 8 -1.46 45.38 37.41
C MET A 8 -2.71 44.77 36.82
N PHE A 9 -2.58 43.73 36.01
CA PHE A 9 -3.78 43.16 35.42
C PHE A 9 -4.84 42.75 36.43
N SER A 10 -4.53 41.74 37.24
CA SER A 10 -5.47 41.23 38.24
C SER A 10 -6.22 42.34 38.94
N GLU A 11 -5.53 43.41 39.29
CA GLU A 11 -6.18 44.50 39.99
C GLU A 11 -7.27 45.08 39.10
N GLN A 12 -6.89 45.69 37.97
CA GLN A 12 -7.90 46.29 37.08
C GLN A 12 -9.00 45.30 36.72
N ALA A 13 -8.64 44.03 36.67
CA ALA A 13 -9.57 42.98 36.33
C ALA A 13 -10.65 42.72 37.38
N ALA A 14 -10.27 42.65 38.65
CA ALA A 14 -11.26 42.39 39.68
C ALA A 14 -12.08 43.66 39.98
N GLN A 15 -11.63 44.77 39.44
CA GLN A 15 -12.24 46.06 39.63
C GLN A 15 -13.75 46.14 39.55
N ARG A 16 -14.44 45.06 39.18
CA ARG A 16 -15.90 45.14 39.12
C ARG A 16 -16.68 43.87 39.33
N ALA A 17 -17.88 44.06 39.88
CA ALA A 17 -18.84 43.04 40.24
C ALA A 17 -18.83 41.79 39.41
N HIS A 18 -19.23 40.66 40.02
CA HIS A 18 -19.30 39.39 39.31
C HIS A 18 -20.71 39.28 38.73
N THR A 19 -20.94 38.34 37.82
CA THR A 19 -22.26 38.22 37.20
C THR A 19 -22.62 36.82 36.70
N LEU A 20 -21.60 36.07 36.31
CA LEU A 20 -21.82 34.75 35.75
C LEU A 20 -22.27 33.62 36.66
N LEU A 21 -22.63 33.96 37.89
CA LEU A 21 -23.09 32.94 38.82
C LEU A 21 -24.53 33.29 39.07
N SER A 22 -25.31 33.18 38.01
CA SER A 22 -26.71 33.52 38.06
C SER A 22 -27.38 33.09 36.78
N PRO A 23 -28.71 33.01 36.78
CA PRO A 23 -29.43 32.60 35.57
C PRO A 23 -29.28 33.66 34.49
N PRO A 24 -29.33 33.22 33.23
CA PRO A 24 -29.20 34.09 32.06
C PRO A 24 -30.02 35.34 32.22
N SER A 25 -29.43 36.48 31.89
CA SER A 25 -30.14 37.73 31.91
C SER A 25 -30.10 38.00 30.44
N ALA A 26 -30.91 38.92 29.94
CA ALA A 26 -30.84 39.17 28.52
C ALA A 26 -29.67 40.12 28.31
N ASN A 27 -29.68 41.23 29.03
CA ASN A 27 -28.64 42.24 28.94
C ASN A 27 -27.30 41.57 29.02
N ASN A 28 -26.49 41.70 27.97
CA ASN A 28 -25.18 41.09 27.95
C ASN A 28 -24.12 42.03 27.50
N ALA A 29 -23.08 42.17 28.31
CA ALA A 29 -22.02 43.08 27.96
C ALA A 29 -21.10 42.54 26.86
N THR A 30 -20.79 43.40 25.90
CA THR A 30 -19.91 43.04 24.83
C THR A 30 -19.05 44.27 24.75
N PHE A 31 -17.75 44.07 24.97
CA PHE A 31 -16.81 45.17 25.00
C PHE A 31 -16.10 45.51 23.72
N ALA A 32 -15.98 46.82 23.51
CA ALA A 32 -15.30 47.38 22.37
C ALA A 32 -13.85 47.45 22.76
N ARG A 33 -13.00 46.79 22.01
CA ARG A 33 -11.58 46.81 22.33
C ARG A 33 -11.00 48.23 22.25
N VAL A 34 -9.84 48.42 22.87
CA VAL A 34 -9.22 49.73 22.85
C VAL A 34 -8.75 50.06 21.45
N PRO A 35 -8.68 51.35 21.15
CA PRO A 35 -8.23 51.85 19.85
C PRO A 35 -6.78 51.49 19.58
N VAL A 36 -6.58 50.43 18.81
CA VAL A 36 -5.23 50.00 18.48
C VAL A 36 -4.74 50.85 17.31
N ALA A 37 -4.96 52.16 17.40
CA ALA A 37 -4.58 53.05 16.31
C ALA A 37 -3.24 53.77 16.44
N THR A 38 -2.65 53.81 17.63
CA THR A 38 -1.36 54.50 17.78
C THR A 38 -0.18 53.53 17.82
N TYR A 39 0.30 53.08 16.67
CA TYR A 39 1.39 52.13 16.60
C TYR A 39 2.30 52.50 15.46
N THR A 40 3.57 52.17 15.60
CA THR A 40 4.54 52.48 14.57
C THR A 40 5.61 51.44 14.62
N ASN A 41 5.60 50.52 13.67
CA ASN A 41 6.65 49.54 13.66
C ASN A 41 7.84 50.37 13.26
N SER A 42 8.99 50.09 13.87
CA SER A 42 10.19 50.84 13.56
C SER A 42 11.35 49.88 13.55
N SER A 43 11.14 48.68 13.02
CA SER A 43 12.21 47.72 13.00
C SER A 43 12.94 47.68 11.65
N GLN A 44 12.76 48.73 10.84
CA GLN A 44 13.40 48.75 9.53
C GLN A 44 14.86 48.35 9.70
N PRO A 45 15.59 49.05 10.58
CA PRO A 45 16.98 48.71 10.78
C PRO A 45 17.23 47.25 11.16
N PHE A 46 16.26 46.38 10.90
CA PHE A 46 16.43 44.97 11.20
C PHE A 46 16.08 44.17 9.96
N ARG A 47 15.39 44.82 9.03
CA ARG A 47 15.02 44.22 7.74
C ARG A 47 16.20 44.32 6.76
N LEU A 48 16.55 43.21 6.12
CA LEU A 48 17.67 43.23 5.20
C LEU A 48 17.34 42.56 3.87
N TYR A 61 35.43 43.64 13.69
CA TYR A 61 34.42 44.26 14.53
C TYR A 61 34.61 45.78 14.62
N ALA A 62 35.61 46.26 13.88
CA ALA A 62 35.97 47.68 13.86
C ALA A 62 34.78 48.61 13.82
N THR A 63 33.93 48.44 12.81
CA THR A 63 32.77 49.28 12.67
C THR A 63 32.10 49.53 14.02
N ARG A 64 32.08 48.51 14.88
CA ARG A 64 31.50 48.69 16.21
C ARG A 64 32.36 49.72 16.92
N LEU A 65 33.60 49.32 17.16
CA LEU A 65 34.60 50.14 17.82
C LEU A 65 34.50 51.58 17.38
N ILE A 66 34.22 51.77 16.10
CA ILE A 66 34.13 53.08 15.51
C ILE A 66 32.92 53.83 16.03
N GLN A 67 31.78 53.16 16.05
CA GLN A 67 30.54 53.77 16.52
C GLN A 67 30.52 53.91 18.04
N MET A 68 30.98 52.86 18.72
CA MET A 68 31.04 52.80 20.17
C MET A 68 32.05 53.77 20.79
N ARG A 69 33.19 53.93 20.10
CA ARG A 69 34.25 54.82 20.57
C ARG A 69 33.70 56.08 21.22
N PRO A 70 33.05 56.96 20.44
CA PRO A 70 32.50 58.20 20.98
C PRO A 70 31.79 58.02 22.30
N PHE A 71 31.09 56.91 22.40
CA PHE A 71 30.34 56.56 23.59
C PHE A 71 31.26 56.18 24.75
N LEU A 72 31.96 55.05 24.60
CA LEU A 72 32.86 54.56 25.63
C LEU A 72 33.84 55.64 26.08
N GLU A 73 34.22 56.52 25.15
CA GLU A 73 35.15 57.60 25.48
C GLU A 73 34.46 58.60 26.39
N ASN A 74 33.32 59.14 25.96
CA ASN A 74 32.61 60.12 26.75
C ASN A 74 32.13 59.53 28.08
N ARG A 75 32.12 58.20 28.17
CA ARG A 75 31.73 57.51 29.40
C ARG A 75 32.95 57.47 30.31
N ALA A 76 34.09 57.09 29.74
CA ALA A 76 35.32 57.02 30.51
C ALA A 76 35.70 58.44 30.95
N GLN A 77 35.51 59.40 30.07
CA GLN A 77 35.84 60.79 30.37
C GLN A 77 35.11 61.31 31.59
N GLN A 78 33.86 60.91 31.75
CA GLN A 78 33.09 61.37 32.90
C GLN A 78 33.34 60.45 34.09
N HIS A 79 33.66 59.20 33.79
CA HIS A 79 33.91 58.18 34.80
C HIS A 79 35.26 58.37 35.52
N TRP A 80 36.22 58.97 34.82
CA TRP A 80 37.55 59.20 35.37
C TRP A 80 38.06 60.64 35.23
N GLY A 81 37.17 61.56 34.85
CA GLY A 81 37.54 62.96 34.70
C GLY A 81 38.38 63.33 33.48
N SER A 82 38.50 64.63 33.25
CA SER A 82 39.28 65.16 32.14
C SER A 82 40.53 64.32 31.84
N GLY A 83 41.18 63.78 32.88
CA GLY A 83 42.37 62.95 32.72
C GLY A 83 42.24 61.93 31.60
N VAL A 84 42.30 62.44 30.38
CA VAL A 84 42.15 61.66 29.18
C VAL A 84 43.20 60.56 29.00
N GLY A 85 42.80 59.33 29.27
CA GLY A 85 43.71 58.22 29.09
C GLY A 85 43.67 57.82 27.63
N VAL A 86 42.84 58.53 26.86
CA VAL A 86 42.66 58.27 25.43
C VAL A 86 43.94 58.01 24.65
N LYS A 87 44.35 56.75 24.59
CA LYS A 87 45.57 56.34 23.88
C LYS A 87 45.27 55.02 23.18
N LYS A 88 45.42 55.00 21.86
CA LYS A 88 45.15 53.76 21.14
C LYS A 88 46.12 52.68 21.57
N LEU A 89 45.92 51.46 21.05
CA LEU A 89 46.77 50.33 21.43
C LEU A 89 48.22 50.49 20.96
N CYS A 90 48.44 51.36 19.98
CA CYS A 90 49.78 51.59 19.45
C CYS A 90 50.58 52.63 20.24
N GLU A 91 49.95 53.77 20.55
CA GLU A 91 50.62 54.86 21.28
C GLU A 91 50.88 54.58 22.76
N LEU A 92 50.82 53.30 23.14
CA LEU A 92 51.04 52.91 24.53
C LEU A 92 52.52 52.88 24.95
N GLN A 93 52.83 53.59 26.03
CA GLN A 93 54.18 53.65 26.58
C GLN A 93 54.25 52.75 27.81
N PRO A 94 55.03 51.65 27.74
CA PRO A 94 55.13 50.75 28.89
C PRO A 94 55.03 51.49 30.23
N GLU A 95 54.20 50.98 31.13
CA GLU A 95 54.02 51.57 32.46
C GLU A 95 53.29 52.93 32.45
N GLU A 96 52.55 53.21 31.39
CA GLU A 96 51.82 54.46 31.29
C GLU A 96 50.34 54.26 31.68
N LYS A 97 49.84 55.11 32.58
CA LYS A 97 48.45 55.04 33.02
C LYS A 97 47.55 55.76 32.02
N CYS A 98 46.79 54.97 31.26
CA CYS A 98 45.90 55.53 30.26
C CYS A 98 44.63 54.70 30.10
N CYS A 99 43.83 55.05 29.09
CA CYS A 99 42.58 54.35 28.80
C CYS A 99 42.48 53.97 27.32
N VAL A 100 42.39 52.66 27.08
CA VAL A 100 42.27 52.11 25.74
C VAL A 100 40.81 51.70 25.51
N VAL A 101 40.27 51.99 24.32
CA VAL A 101 38.88 51.64 23.98
C VAL A 101 38.89 50.56 22.91
N GLY A 102 38.32 49.40 23.23
CA GLY A 102 38.33 48.32 22.25
C GLY A 102 37.30 47.20 22.35
N THR A 103 37.58 46.11 21.64
CA THR A 103 36.74 44.92 21.59
C THR A 103 37.40 43.80 22.39
N LEU A 104 36.60 42.95 23.01
CA LEU A 104 37.18 41.86 23.80
C LEU A 104 37.04 40.54 23.07
N PHE A 105 38.01 39.65 23.28
CA PHE A 105 38.00 38.33 22.68
C PHE A 105 38.36 37.36 23.79
N LYS A 106 37.68 36.23 23.84
CA LYS A 106 37.94 35.22 24.86
C LYS A 106 38.47 33.96 24.21
N ALA A 107 39.23 33.16 24.97
CA ALA A 107 39.77 31.91 24.45
C ALA A 107 40.45 31.13 25.57
N MET A 108 40.62 29.82 25.36
CA MET A 108 41.23 28.93 26.34
C MET A 108 42.67 28.54 26.02
N SER A 131 25.76 23.03 27.96
CA SER A 131 25.45 23.98 29.03
C SER A 131 26.11 25.34 28.76
N LYS A 132 27.30 25.54 29.31
CA LYS A 132 28.06 26.78 29.13
C LYS A 132 29.44 26.35 28.67
N TYR A 133 30.05 27.12 27.78
CA TYR A 133 31.37 26.77 27.30
C TYR A 133 32.50 27.62 27.88
N ILE A 134 32.26 28.22 29.05
CA ILE A 134 33.30 29.01 29.67
C ILE A 134 34.36 28.02 30.13
N HIS A 135 35.62 28.42 30.02
CA HIS A 135 36.75 27.57 30.41
C HIS A 135 37.23 27.96 31.81
N PRO A 136 37.73 26.98 32.58
CA PRO A 136 38.20 27.23 33.95
C PRO A 136 38.96 28.55 34.02
N ASP A 137 39.89 28.69 33.09
CA ASP A 137 40.73 29.88 32.98
C ASP A 137 40.78 30.31 31.54
N ASP A 138 40.03 31.37 31.25
CA ASP A 138 39.96 31.94 29.93
C ASP A 138 40.88 33.15 29.99
N GLU A 139 40.94 33.88 28.88
CA GLU A 139 41.76 35.08 28.84
C GLU A 139 41.13 36.07 27.89
N LEU A 140 41.29 37.35 28.20
CA LEU A 140 40.73 38.42 27.39
C LEU A 140 41.78 39.21 26.62
N VAL A 141 41.67 39.20 25.29
CA VAL A 141 42.55 39.98 24.43
C VAL A 141 41.76 41.20 23.94
N LEU A 142 42.39 42.36 23.95
CA LEU A 142 41.72 43.59 23.53
C LEU A 142 42.18 44.04 22.15
N GLU A 143 41.27 44.02 21.18
CA GLU A 143 41.56 44.42 19.82
C GLU A 143 41.25 45.89 19.49
N ASP A 144 42.25 46.54 18.90
CA ASP A 144 42.17 47.92 18.46
C ASP A 144 42.08 47.75 16.94
N GLU A 145 41.75 48.82 16.21
CA GLU A 145 41.66 48.68 14.75
C GLU A 145 42.98 48.11 14.23
N LEU A 146 44.08 48.59 14.79
CA LEU A 146 45.43 48.18 14.40
C LEU A 146 45.91 46.83 14.96
N GLN A 147 46.43 46.87 16.20
CA GLN A 147 46.96 45.68 16.87
C GLN A 147 46.00 45.10 17.89
N ARG A 148 46.50 44.18 18.72
CA ARG A 148 45.68 43.54 19.74
C ARG A 148 46.51 43.14 20.96
N ILE A 149 46.25 43.80 22.09
CA ILE A 149 46.99 43.52 23.33
C ILE A 149 46.25 42.56 24.28
N LYS A 150 47.00 41.84 25.12
CA LYS A 150 46.38 40.92 26.07
C LYS A 150 46.01 41.67 27.35
N LEU A 151 45.30 41.01 28.27
CA LEU A 151 44.88 41.68 29.50
C LEU A 151 45.13 40.99 30.84
N LYS A 152 45.57 41.78 31.81
CA LYS A 152 45.81 41.32 33.18
C LYS A 152 45.00 42.29 34.03
N GLY A 153 45.06 42.12 35.33
CA GLY A 153 44.35 43.03 36.22
C GLY A 153 43.16 42.45 36.92
N THR A 154 42.19 43.33 37.17
CA THR A 154 40.97 42.93 37.84
C THR A 154 39.75 43.11 36.93
N ILE A 155 39.59 42.22 35.97
CA ILE A 155 38.45 42.24 35.05
C ILE A 155 37.81 40.85 35.01
N ASP A 156 36.52 40.79 35.32
CA ASP A 156 35.80 39.52 35.34
C ASP A 156 35.74 38.93 33.94
N VAL A 157 36.04 37.64 33.81
CA VAL A 157 35.98 37.02 32.51
C VAL A 157 34.76 36.14 32.40
N SER A 158 34.43 35.47 33.50
CA SER A 158 33.25 34.64 33.52
C SER A 158 32.05 35.50 33.11
N LYS A 159 32.16 36.81 33.37
CA LYS A 159 31.08 37.73 33.05
C LYS A 159 31.14 38.26 31.62
N LEU A 160 32.26 38.85 31.20
CA LEU A 160 32.33 39.40 29.85
C LEU A 160 32.56 38.37 28.75
N VAL A 161 32.16 38.71 27.52
CA VAL A 161 32.34 37.79 26.41
C VAL A 161 32.61 38.42 25.04
N THR A 162 33.31 37.63 24.22
CA THR A 162 33.73 37.96 22.86
C THR A 162 32.80 38.89 22.10
N GLY A 163 33.20 40.14 21.93
CA GLY A 163 32.35 41.05 21.19
C GLY A 163 31.99 42.29 21.96
N THR A 164 32.18 42.24 23.27
CA THR A 164 31.86 43.38 24.10
C THR A 164 32.70 44.58 23.70
N VAL A 165 32.24 45.79 23.97
CA VAL A 165 33.04 46.96 23.61
C VAL A 165 33.19 47.84 24.86
N LEU A 166 34.33 47.71 25.54
CA LEU A 166 34.58 48.44 26.78
C LEU A 166 35.62 49.55 26.74
N ALA A 167 35.75 50.21 27.89
CA ALA A 167 36.69 51.30 28.11
C ALA A 167 37.56 50.81 29.26
N VAL A 168 38.70 50.19 28.92
CA VAL A 168 39.62 49.64 29.90
C VAL A 168 40.62 50.70 30.43
N PHE A 169 41.05 50.56 31.68
CA PHE A 169 42.01 51.48 32.27
C PHE A 169 43.10 50.81 33.09
N GLY A 170 44.33 51.05 32.67
CA GLY A 170 45.50 50.47 33.33
C GLY A 170 46.71 50.85 32.52
N SER A 171 47.79 50.07 32.65
CA SER A 171 49.01 50.37 31.92
C SER A 171 49.59 49.11 31.31
N VAL A 172 50.43 49.29 30.29
CA VAL A 172 51.08 48.15 29.62
C VAL A 172 52.23 47.70 30.52
N ARG A 173 52.46 46.40 30.58
CA ARG A 173 53.51 45.91 31.47
C ARG A 173 54.73 45.28 30.85
N ASP A 174 55.68 44.99 31.74
CA ASP A 174 56.96 44.36 31.43
C ASP A 174 56.66 43.01 30.79
N ASP A 175 55.44 42.53 31.05
CA ASP A 175 54.94 41.26 30.56
C ASP A 175 54.51 41.39 29.09
N GLY A 176 54.13 42.60 28.70
CA GLY A 176 53.67 42.83 27.34
C GLY A 176 52.17 42.87 27.38
N LYS A 177 51.61 42.32 28.47
CA LYS A 177 50.18 42.29 28.72
C LYS A 177 49.74 43.62 29.37
N PHE A 178 48.48 43.98 29.19
CA PHE A 178 47.93 45.22 29.76
C PHE A 178 47.18 44.93 31.06
N LEU A 179 47.68 45.47 32.17
CA LEU A 179 47.04 45.29 33.46
C LEU A 179 45.95 46.32 33.64
N VAL A 180 44.76 45.86 34.01
CA VAL A 180 43.61 46.73 34.20
C VAL A 180 43.25 46.96 35.65
N GLU A 181 42.90 48.20 35.95
CA GLU A 181 42.53 48.58 37.30
C GLU A 181 41.05 48.92 37.36
N ASP A 182 40.51 49.41 36.24
CA ASP A 182 39.10 49.80 36.20
C ASP A 182 38.58 49.93 34.76
N TYR A 183 37.37 49.43 34.52
CA TYR A 183 36.77 49.50 33.19
C TYR A 183 35.30 49.91 33.27
N CYS A 184 34.77 50.40 32.16
CA CYS A 184 33.36 50.80 32.10
C CYS A 184 32.80 50.58 30.70
N PHE A 185 31.48 50.72 30.54
CA PHE A 185 30.85 50.53 29.24
C PHE A 185 29.96 51.73 28.88
N ALA A 186 29.48 51.77 27.64
CA ALA A 186 28.65 52.87 27.18
C ALA A 186 27.37 53.08 27.98
N ASP A 187 26.83 51.99 28.51
CA ASP A 187 25.59 52.01 29.29
C ASP A 187 24.33 52.20 28.45
N LEU A 188 23.41 53.05 28.91
CA LEU A 188 22.15 53.29 28.20
C LEU A 188 22.25 54.53 27.33
N ALA A 189 21.61 54.49 26.16
CA ALA A 189 21.62 55.61 25.23
C ALA A 189 20.63 56.68 25.68
N PRO A 190 20.58 57.84 24.99
CA PRO A 190 19.62 58.87 25.41
C PRO A 190 18.19 58.32 25.33
N GLN A 191 17.26 58.93 26.06
CA GLN A 191 15.90 58.43 26.04
C GLN A 191 14.87 59.41 26.56
N LYS A 192 14.03 59.90 25.67
CA LYS A 192 12.99 60.81 26.10
C LYS A 192 11.87 59.93 26.64
N PRO A 193 11.19 60.39 27.69
CA PRO A 193 10.07 59.74 28.40
C PRO A 193 8.84 59.51 27.54
N ALA A 194 8.24 58.33 27.68
CA ALA A 194 7.03 58.01 26.93
C ALA A 194 5.89 58.90 27.40
N PRO A 195 5.07 59.40 26.48
CA PRO A 195 3.96 60.26 26.90
C PRO A 195 3.03 59.55 27.85
N PRO A 196 2.29 60.30 28.67
CA PRO A 196 1.34 59.81 29.66
C PRO A 196 0.10 59.18 29.06
N LEU A 197 -0.43 58.15 29.68
CA LEU A 197 -1.64 57.50 29.21
C LEU A 197 -2.73 57.74 30.23
N ASP A 198 -3.95 58.00 29.80
CA ASP A 198 -5.00 58.22 30.79
C ASP A 198 -5.68 56.95 31.24
N THR A 199 -5.72 55.95 30.37
CA THR A 199 -6.35 54.70 30.72
C THR A 199 -5.38 53.60 30.41
N ASP A 200 -5.30 52.62 31.28
CA ASP A 200 -4.37 51.54 31.06
C ASP A 200 -4.56 50.84 29.75
N ARG A 201 -3.45 50.40 29.16
CA ARG A 201 -3.41 49.66 27.93
C ARG A 201 -2.46 48.53 28.20
N PHE A 202 -2.80 47.33 27.76
CA PHE A 202 -1.92 46.20 28.00
C PHE A 202 -1.30 45.59 26.73
N VAL A 203 -0.15 44.96 26.91
CA VAL A 203 0.50 44.30 25.81
C VAL A 203 0.80 42.92 26.36
N LEU A 204 0.25 41.91 25.72
CA LEU A 204 0.47 40.56 26.19
C LEU A 204 1.68 39.99 25.47
N LEU A 205 2.71 39.65 26.25
CA LEU A 205 3.91 39.07 25.68
C LEU A 205 3.92 37.58 25.94
N VAL A 206 4.05 36.80 24.88
CA VAL A 206 4.07 35.35 25.00
C VAL A 206 5.19 34.80 24.18
N SER A 207 5.59 33.58 24.46
CA SER A 207 6.67 33.00 23.68
C SER A 207 6.82 31.52 23.95
N GLY A 208 7.31 30.79 22.96
CA GLY A 208 7.50 29.37 23.14
C GLY A 208 6.27 28.48 23.09
N LEU A 209 5.27 28.83 22.29
CA LEU A 209 4.07 28.01 22.18
C LEU A 209 4.45 26.58 21.84
N GLY A 210 5.60 26.43 21.20
CA GLY A 210 6.08 25.12 20.82
C GLY A 210 5.06 24.08 20.37
N LEU A 211 4.46 24.26 19.21
CA LEU A 211 3.49 23.30 18.72
C LEU A 211 4.25 22.15 18.09
N GLY A 212 3.73 20.94 18.24
CA GLY A 212 4.41 19.77 17.69
C GLY A 212 4.61 18.66 18.72
N GLY A 213 5.06 19.04 19.92
CA GLY A 213 5.27 18.07 21.00
C GLY A 213 4.90 18.70 22.35
N GLY A 214 4.89 17.90 23.42
CA GLY A 214 4.56 18.45 24.74
C GLY A 214 3.30 17.99 25.49
N GLY A 215 2.39 17.30 24.81
CA GLY A 215 1.17 16.83 25.46
C GLY A 215 0.04 17.84 25.52
N GLY A 216 -1.16 17.37 25.16
CA GLY A 216 -2.35 18.22 25.15
C GLY A 216 -2.60 19.17 26.31
N GLU A 217 -1.93 18.97 27.44
CA GLU A 217 -2.11 19.85 28.60
C GLU A 217 -1.53 21.20 28.18
N SER A 218 -0.41 21.14 27.46
CA SER A 218 0.23 22.35 26.94
C SER A 218 -0.86 23.11 26.15
N LEU A 219 -1.79 22.35 25.55
CA LEU A 219 -2.88 22.88 24.75
C LEU A 219 -3.95 23.63 25.52
N LEU A 220 -4.74 22.91 26.31
CA LEU A 220 -5.79 23.61 27.05
C LEU A 220 -5.23 24.91 27.57
N GLY A 221 -4.01 24.85 28.09
CA GLY A 221 -3.39 26.04 28.62
C GLY A 221 -3.38 27.11 27.55
N THR A 222 -2.90 26.72 26.38
CA THR A 222 -2.83 27.63 25.27
C THR A 222 -4.20 28.13 24.91
N GLN A 223 -5.19 27.24 24.86
CA GLN A 223 -6.54 27.67 24.53
C GLN A 223 -6.97 28.73 25.50
N LEU A 224 -6.79 28.45 26.78
CA LEU A 224 -7.17 29.41 27.81
C LEU A 224 -6.50 30.75 27.56
N LEU A 225 -5.22 30.72 27.22
CA LEU A 225 -4.49 31.95 26.93
C LEU A 225 -5.27 32.74 25.87
N VAL A 226 -5.35 32.17 24.68
CA VAL A 226 -6.07 32.77 23.58
C VAL A 226 -7.41 33.30 24.03
N ASP A 227 -8.23 32.39 24.57
CA ASP A 227 -9.57 32.71 25.05
C ASP A 227 -9.66 33.85 26.07
N VAL A 228 -8.57 34.19 26.74
CA VAL A 228 -8.66 35.30 27.69
C VAL A 228 -8.56 36.64 26.98
N VAL A 229 -7.64 36.72 26.02
CA VAL A 229 -7.43 37.95 25.27
C VAL A 229 -8.58 38.13 24.32
N THR A 230 -9.02 37.01 23.76
CA THR A 230 -10.11 37.05 22.82
C THR A 230 -11.37 37.57 23.45
N GLY A 231 -11.69 37.12 24.65
CA GLY A 231 -12.91 37.58 25.29
C GLY A 231 -13.84 36.41 25.52
N GLN A 232 -13.34 35.22 25.26
CA GLN A 232 -14.13 34.01 25.46
C GLN A 232 -14.40 33.67 26.93
N LEU A 233 -13.35 33.46 27.74
CA LEU A 233 -13.56 33.11 29.14
C LEU A 233 -13.46 34.27 30.10
N GLY A 234 -13.87 34.01 31.34
CA GLY A 234 -13.85 35.02 32.39
C GLY A 234 -15.15 35.81 32.49
N ASP A 235 -15.29 36.58 33.55
CA ASP A 235 -16.46 37.41 33.77
C ASP A 235 -16.17 38.80 33.22
N GLU A 236 -17.17 39.65 33.18
CA GLU A 236 -17.01 40.99 32.67
C GLU A 236 -15.80 41.76 33.17
N GLY A 237 -15.38 41.49 34.41
CA GLY A 237 -14.21 42.20 34.91
C GLY A 237 -13.00 41.85 34.04
N GLU A 238 -12.69 40.56 34.01
CA GLU A 238 -11.58 40.05 33.22
C GLU A 238 -11.71 40.66 31.85
N GLN A 239 -12.83 40.34 31.21
CA GLN A 239 -13.17 40.76 29.86
C GLN A 239 -12.95 42.25 29.61
N CYS A 240 -13.65 43.10 30.34
CA CYS A 240 -13.46 44.52 30.15
C CYS A 240 -11.98 44.91 30.26
N SER A 241 -11.18 44.15 30.99
CA SER A 241 -9.79 44.54 31.08
C SER A 241 -9.00 43.89 29.97
N ALA A 242 -9.36 42.67 29.60
CA ALA A 242 -8.66 42.00 28.52
C ALA A 242 -8.90 42.91 27.32
N ALA A 243 -10.11 43.46 27.31
CA ALA A 243 -10.51 44.36 26.25
C ALA A 243 -9.52 45.50 26.16
N HIS A 244 -8.94 45.88 27.29
CA HIS A 244 -7.97 46.95 27.29
C HIS A 244 -6.60 46.54 26.74
N VAL A 245 -6.42 45.28 26.36
CA VAL A 245 -5.13 44.86 25.81
C VAL A 245 -5.00 45.46 24.44
N SER A 246 -3.91 46.17 24.20
CA SER A 246 -3.73 46.83 22.92
C SER A 246 -3.06 46.01 21.83
N ARG A 247 -2.06 45.21 22.18
CA ARG A 247 -1.42 44.36 21.17
C ARG A 247 -0.86 43.07 21.77
N VAL A 248 -0.55 42.09 20.92
CA VAL A 248 -0.04 40.82 21.39
C VAL A 248 1.20 40.41 20.61
N ILE A 249 2.32 40.29 21.31
CA ILE A 249 3.56 39.91 20.67
C ILE A 249 3.97 38.49 20.98
N LEU A 250 4.14 37.68 19.94
CA LEU A 250 4.57 36.31 20.14
C LEU A 250 6.05 36.31 19.77
N ALA A 251 6.94 36.08 20.74
CA ALA A 251 8.35 36.09 20.44
C ALA A 251 8.98 34.74 20.21
N GLY A 252 8.93 34.30 18.96
CA GLY A 252 9.56 33.05 18.56
C GLY A 252 9.21 31.72 19.18
N ASN A 253 9.70 30.69 18.51
CA ASN A 253 9.50 29.31 18.93
C ASN A 253 8.04 29.04 19.03
N LEU A 254 7.33 29.11 17.92
CA LEU A 254 5.93 28.84 18.02
C LEU A 254 5.76 27.39 17.63
N LEU A 255 6.71 26.90 16.86
CA LEU A 255 6.67 25.50 16.43
C LEU A 255 7.96 24.94 16.96
N SER A 256 8.03 23.65 17.26
CA SER A 256 9.30 23.12 17.71
C SER A 256 9.58 21.74 17.19
N HIS A 257 10.88 21.46 17.05
CA HIS A 257 11.37 20.20 16.51
C HIS A 257 12.38 19.53 17.46
N LEU A 271 10.05 7.66 9.18
CA LEU A 271 10.23 9.02 9.70
C LEU A 271 9.48 10.02 8.81
N THR A 272 10.21 10.54 7.82
CA THR A 272 9.69 11.53 6.85
C THR A 272 8.17 11.50 6.57
N LYS A 273 7.61 10.32 6.38
CA LYS A 273 6.17 10.18 6.12
C LYS A 273 5.30 10.93 7.13
N LYS A 274 5.27 10.46 8.38
CA LYS A 274 4.46 11.08 9.42
C LYS A 274 5.07 12.36 9.98
N THR A 275 6.39 12.43 10.08
CA THR A 275 7.05 13.61 10.58
C THR A 275 6.55 14.81 9.81
N GLN A 276 6.50 14.66 8.50
CA GLN A 276 6.02 15.74 7.64
C GLN A 276 4.64 16.14 8.12
N ALA A 277 3.67 15.24 7.93
CA ALA A 277 2.30 15.47 8.34
C ALA A 277 2.27 16.23 9.67
N ALA A 278 3.00 15.72 10.65
CA ALA A 278 3.05 16.36 11.94
C ALA A 278 3.44 17.81 11.80
N SER A 279 4.63 18.04 11.30
CA SER A 279 5.10 19.41 11.13
C SER A 279 4.04 20.23 10.42
N VAL A 280 3.39 19.64 9.43
CA VAL A 280 2.37 20.37 8.71
C VAL A 280 1.21 20.69 9.63
N GLU A 281 0.74 19.68 10.35
CA GLU A 281 -0.38 19.88 11.27
C GLU A 281 -0.05 21.04 12.21
N ALA A 282 1.08 20.95 12.89
CA ALA A 282 1.48 21.98 13.82
C ALA A 282 1.25 23.35 13.19
N VAL A 283 1.97 23.64 12.12
CA VAL A 283 1.82 24.93 11.48
C VAL A 283 0.35 25.23 11.33
N LYS A 284 -0.42 24.26 10.84
CA LYS A 284 -1.85 24.50 10.67
C LYS A 284 -2.45 25.12 11.93
N MET A 285 -2.26 24.45 13.07
CA MET A 285 -2.78 24.93 14.36
C MET A 285 -2.36 26.34 14.64
N LEU A 286 -1.07 26.60 14.53
CA LEU A 286 -0.55 27.92 14.77
C LEU A 286 -1.32 28.93 13.92
N ASP A 287 -1.74 28.51 12.73
CA ASP A 287 -2.51 29.39 11.85
C ASP A 287 -3.84 29.66 12.55
N GLU A 288 -4.50 28.57 12.92
CA GLU A 288 -5.77 28.64 13.61
C GLU A 288 -5.65 29.53 14.85
N ILE A 289 -4.55 29.37 15.59
CA ILE A 289 -4.38 30.19 16.78
C ILE A 289 -4.20 31.64 16.36
N LEU A 290 -3.28 31.87 15.43
CA LEU A 290 -3.04 33.22 14.95
C LEU A 290 -4.35 33.79 14.44
N LEU A 291 -5.17 32.96 13.84
CA LEU A 291 -6.44 33.41 13.34
C LEU A 291 -7.31 33.99 14.44
N GLN A 292 -7.65 33.15 15.41
CA GLN A 292 -8.50 33.55 16.52
C GLN A 292 -7.97 34.84 17.09
N LEU A 293 -6.68 34.89 17.34
CA LEU A 293 -6.09 36.08 17.89
C LEU A 293 -6.35 37.28 16.97
N SER A 294 -5.99 37.10 15.71
CA SER A 294 -6.15 38.16 14.71
C SER A 294 -7.56 38.70 14.64
N ALA A 295 -8.51 37.82 14.81
CA ALA A 295 -9.90 38.20 14.72
C ALA A 295 -10.34 39.07 15.86
N SER A 296 -9.49 39.17 16.86
CA SER A 296 -9.87 39.94 18.03
C SER A 296 -8.94 41.09 18.35
N VAL A 297 -7.65 40.91 18.11
CA VAL A 297 -6.74 41.95 18.48
C VAL A 297 -5.51 41.89 17.62
N PRO A 298 -4.75 43.01 17.54
CA PRO A 298 -3.53 43.08 16.77
C PRO A 298 -2.51 42.05 17.27
N VAL A 299 -1.89 41.30 16.37
CA VAL A 299 -0.89 40.29 16.78
C VAL A 299 0.39 40.35 15.96
N ASP A 300 1.53 40.42 16.64
CA ASP A 300 2.81 40.47 15.95
C ASP A 300 3.55 39.18 16.16
N VAL A 301 3.89 38.50 15.08
CA VAL A 301 4.62 37.26 15.23
C VAL A 301 6.10 37.43 14.95
N MET A 302 6.93 36.82 15.78
CA MET A 302 8.37 36.90 15.62
C MET A 302 8.92 35.52 15.38
N PRO A 303 9.82 35.39 14.42
CA PRO A 303 10.44 34.10 14.09
C PRO A 303 11.34 33.70 15.23
N GLY A 304 11.58 32.41 15.37
CA GLY A 304 12.41 31.95 16.47
C GLY A 304 13.59 31.07 16.09
N GLU A 305 13.88 30.10 16.94
CA GLU A 305 14.98 29.19 16.74
C GLU A 305 14.95 28.62 15.35
N PHE A 306 14.08 27.64 15.13
CA PHE A 306 13.98 27.03 13.83
C PHE A 306 12.64 27.24 13.16
N ASP A 307 12.41 28.48 12.73
CA ASP A 307 11.20 28.83 12.02
C ASP A 307 11.71 29.07 10.59
N PRO A 308 10.84 28.95 9.58
CA PRO A 308 11.21 29.17 8.17
C PRO A 308 11.80 30.55 7.84
N THR A 309 13.07 30.76 8.16
CA THR A 309 13.75 32.03 7.89
C THR A 309 15.24 31.86 8.20
N ASN A 310 16.00 32.94 8.12
CA ASN A 310 17.43 32.87 8.38
C ASN A 310 17.77 32.59 9.83
N TYR A 311 18.85 31.85 10.05
CA TYR A 311 19.31 31.53 11.39
C TYR A 311 20.13 32.69 11.93
N THR A 312 20.85 33.38 11.06
CA THR A 312 21.66 34.53 11.47
C THR A 312 20.79 35.42 12.33
N LEU A 313 21.34 36.44 12.96
CA LEU A 313 20.51 37.22 13.84
C LEU A 313 19.38 38.07 13.29
N PRO A 314 19.65 39.06 12.44
CA PRO A 314 18.40 39.74 12.04
C PRO A 314 17.48 38.87 11.18
N GLN A 315 16.76 37.94 11.81
CA GLN A 315 15.85 37.02 11.16
C GLN A 315 14.77 37.80 10.45
N GLN A 316 14.56 37.50 9.18
CA GLN A 316 13.53 38.20 8.44
C GLN A 316 12.23 37.49 8.71
N PRO A 317 11.12 38.24 8.69
CA PRO A 317 9.75 37.78 8.92
C PRO A 317 9.41 36.42 8.35
N LEU A 318 8.32 35.83 8.82
CA LEU A 318 7.92 34.53 8.30
C LEU A 318 7.13 34.74 7.01
N HIS A 319 7.02 33.69 6.21
CA HIS A 319 6.32 33.82 4.94
C HIS A 319 4.81 33.69 5.01
N PRO A 320 4.08 34.69 4.50
CA PRO A 320 2.62 34.65 4.52
C PRO A 320 2.07 33.32 4.03
N CYS A 321 2.86 32.63 3.23
CA CYS A 321 2.43 31.35 2.69
C CYS A 321 2.17 30.31 3.79
N MET A 322 2.55 30.63 5.02
CA MET A 322 2.34 29.68 6.10
C MET A 322 1.00 29.87 6.78
N PHE A 323 0.60 31.12 6.97
CA PHE A 323 -0.64 31.39 7.67
C PHE A 323 -1.75 31.91 6.80
N PRO A 324 -2.33 31.04 5.98
CA PRO A 324 -3.43 31.42 5.09
C PRO A 324 -4.54 32.01 5.94
N LEU A 325 -5.14 31.17 6.76
CA LEU A 325 -6.23 31.59 7.61
C LEU A 325 -6.05 32.94 8.26
N ALA A 326 -4.94 33.11 8.97
CA ALA A 326 -4.67 34.34 9.68
C ALA A 326 -4.46 35.58 8.83
N THR A 327 -3.49 35.50 7.93
CA THR A 327 -3.13 36.61 7.06
C THR A 327 -4.32 37.34 6.45
N ALA A 328 -5.47 36.69 6.47
CA ALA A 328 -6.66 37.31 5.92
C ALA A 328 -7.00 38.57 6.71
N TYR A 329 -6.46 38.68 7.92
CA TYR A 329 -6.73 39.82 8.79
C TYR A 329 -5.66 40.89 8.78
N SER A 330 -6.10 42.15 8.67
CA SER A 330 -5.17 43.26 8.63
C SER A 330 -4.50 43.45 9.98
N THR A 331 -4.97 42.72 10.98
CA THR A 331 -4.43 42.84 12.33
C THR A 331 -3.23 41.92 12.53
N LEU A 332 -3.12 40.87 11.73
CA LEU A 332 -1.97 39.97 11.85
C LEU A 332 -0.81 40.72 11.21
N GLN A 333 0.42 40.47 11.68
CA GLN A 333 1.61 41.14 11.15
C GLN A 333 2.85 40.34 11.45
N LEU A 334 3.53 39.86 10.42
CA LEU A 334 4.74 39.08 10.65
C LEU A 334 5.97 39.97 10.71
N VAL A 335 6.48 40.25 11.91
CA VAL A 335 7.62 41.13 12.02
C VAL A 335 8.97 40.44 12.06
N THR A 336 10.00 41.29 12.00
CA THR A 336 11.43 40.95 12.02
C THR A 336 11.83 40.28 13.32
N ASN A 337 13.07 39.79 13.45
CA ASN A 337 13.40 39.21 14.75
C ASN A 337 13.64 40.34 15.71
N PRO A 338 14.90 40.71 16.04
CA PRO A 338 14.92 41.82 17.01
C PRO A 338 13.85 42.80 16.49
N TYR A 339 12.77 42.94 17.26
CA TYR A 339 11.62 43.75 16.87
C TYR A 339 11.46 45.09 17.62
N GLN A 340 11.25 46.17 16.88
CA GLN A 340 11.11 47.48 17.49
C GLN A 340 9.82 48.04 17.02
N ALA A 341 9.18 48.82 17.88
CA ALA A 341 7.92 49.45 17.55
C ALA A 341 7.46 50.36 18.68
N THR A 342 6.59 51.31 18.39
CA THR A 342 6.11 52.17 19.45
C THR A 342 4.62 51.97 19.68
N ILE A 343 4.27 51.27 20.76
CA ILE A 343 2.88 50.99 21.08
C ILE A 343 2.31 52.02 22.02
N ASP A 344 1.16 52.55 21.65
CA ASP A 344 0.49 53.57 22.44
C ASP A 344 1.47 54.56 23.10
N GLY A 345 2.52 54.89 22.36
CA GLY A 345 3.50 55.85 22.88
C GLY A 345 4.64 55.28 23.70
N VAL A 346 4.74 53.97 23.75
CA VAL A 346 5.78 53.33 24.53
C VAL A 346 6.72 52.56 23.64
N ARG A 347 8.00 52.89 23.66
CA ARG A 347 8.95 52.18 22.83
C ARG A 347 9.30 50.79 23.36
N PHE A 348 8.97 49.77 22.56
CA PHE A 348 9.26 48.37 22.91
C PHE A 348 10.38 47.86 22.04
N LEU A 349 11.16 46.95 22.58
CA LEU A 349 12.25 46.35 21.84
C LEU A 349 12.51 45.00 22.47
N GLY A 350 12.61 43.98 21.65
CA GLY A 350 12.84 42.66 22.19
C GLY A 350 13.23 41.71 21.10
N THR A 351 13.76 40.58 21.51
CA THR A 351 14.20 39.57 20.57
C THR A 351 13.51 38.33 21.01
N SER A 352 13.48 37.34 20.13
CA SER A 352 12.85 36.08 20.49
C SER A 352 13.82 35.23 21.29
N GLY A 353 14.80 35.86 21.93
CA GLY A 353 15.70 35.11 22.78
C GLY A 353 17.17 34.88 22.44
N GLN A 354 17.43 34.25 21.31
CA GLN A 354 18.81 33.95 20.88
C GLN A 354 19.93 34.79 21.49
N ASN A 355 19.91 36.12 21.30
CA ASN A 355 20.97 36.95 21.84
C ASN A 355 21.30 36.61 23.30
N VAL A 356 20.31 36.58 24.17
CA VAL A 356 20.60 36.23 25.56
C VAL A 356 21.08 34.79 25.65
N SER A 357 20.46 33.91 24.88
CA SER A 357 20.81 32.48 24.87
C SER A 357 22.31 32.27 24.66
N ASP A 358 22.92 33.14 23.86
CA ASP A 358 24.34 33.00 23.58
C ASP A 358 25.17 33.59 24.69
N ILE A 359 24.95 34.86 25.00
CA ILE A 359 25.70 35.48 26.06
C ILE A 359 25.75 34.49 27.20
N PHE A 360 24.69 33.70 27.38
CA PHE A 360 24.67 32.69 28.44
C PHE A 360 25.68 31.59 28.20
N ARG A 361 25.69 31.02 27.01
CA ARG A 361 26.62 29.96 26.70
C ARG A 361 28.09 30.30 27.00
N TYR A 362 28.48 31.55 26.80
CA TYR A 362 29.87 31.95 27.05
C TYR A 362 30.10 32.82 28.27
N SER A 363 29.05 33.04 29.06
CA SER A 363 29.20 33.84 30.26
C SER A 363 28.96 32.93 31.44
N SER A 364 29.12 33.51 32.63
CA SER A 364 28.91 32.77 33.85
C SER A 364 27.57 33.22 34.39
N MET A 365 27.13 34.40 33.96
CA MET A 365 25.86 34.93 34.40
C MET A 365 24.84 33.80 34.28
N GLU A 366 24.02 33.67 35.31
CA GLU A 366 22.99 32.63 35.37
C GLU A 366 21.63 33.18 35.01
N ASP A 367 21.26 34.23 35.72
CA ASP A 367 19.97 34.86 35.53
C ASP A 367 19.85 35.59 34.20
N HIS A 368 18.92 35.10 33.37
CA HIS A 368 18.67 35.68 32.08
C HIS A 368 18.28 37.13 32.24
N LEU A 369 17.40 37.41 33.20
CA LEU A 369 16.98 38.77 33.43
C LEU A 369 18.21 39.64 33.59
N GLU A 370 19.28 39.08 34.14
CA GLU A 370 20.54 39.81 34.30
C GLU A 370 21.22 39.97 32.95
N ILE A 371 21.48 38.84 32.29
CA ILE A 371 22.12 38.87 30.99
C ILE A 371 21.42 39.88 30.13
N LEU A 372 20.11 39.96 30.28
CA LEU A 372 19.32 40.89 29.51
C LEU A 372 19.74 42.31 29.86
N GLU A 373 19.70 42.62 31.15
CA GLU A 373 20.08 43.94 31.62
C GLU A 373 21.50 44.21 31.14
N TRP A 374 22.31 43.15 31.15
CA TRP A 374 23.71 43.28 30.74
C TRP A 374 23.83 43.99 29.40
N THR A 375 23.24 43.37 28.38
CA THR A 375 23.25 43.92 27.03
C THR A 375 22.77 45.37 26.95
N LEU A 376 21.78 45.70 27.76
CA LEU A 376 21.27 47.06 27.73
C LEU A 376 22.36 47.99 28.26
N ARG A 377 23.20 47.47 29.16
CA ARG A 377 24.28 48.25 29.76
C ARG A 377 25.51 48.32 28.85
N VAL A 378 25.63 47.34 27.96
CA VAL A 378 26.75 47.28 27.05
C VAL A 378 26.34 47.86 25.68
N ARG A 379 25.22 48.58 25.64
CA ARG A 379 24.69 49.19 24.42
C ARG A 379 24.76 48.27 23.21
N HIS A 380 24.48 47.00 23.43
CA HIS A 380 24.52 46.09 22.30
C HIS A 380 23.65 44.83 22.45
N ILE A 381 22.52 44.84 21.75
CA ILE A 381 21.55 43.75 21.79
C ILE A 381 22.11 42.35 21.78
N SER A 382 23.20 42.13 21.06
CA SER A 382 23.78 40.81 21.06
C SER A 382 25.18 40.87 20.53
N PRO A 383 26.11 41.30 21.37
CA PRO A 383 27.53 41.43 21.05
C PRO A 383 28.10 40.12 20.56
N THR A 384 27.50 39.04 21.03
CA THR A 384 27.93 37.72 20.65
C THR A 384 27.68 37.42 19.17
N ALA A 385 27.24 38.43 18.41
CA ALA A 385 26.95 38.23 17.00
C ALA A 385 27.99 38.84 16.07
N PRO A 386 28.23 38.21 14.92
CA PRO A 386 29.20 38.65 13.91
C PRO A 386 28.85 39.93 13.10
N ASP A 387 29.88 40.56 12.52
CA ASP A 387 29.77 41.80 11.71
C ASP A 387 29.40 41.65 10.22
N THR A 388 28.47 42.49 9.76
CA THR A 388 28.02 42.48 8.36
C THR A 388 27.31 43.78 7.94
N TYR A 395 23.62 50.13 6.25
CA TYR A 395 24.34 49.10 5.51
C TYR A 395 25.46 48.56 6.39
N LYS A 396 26.37 49.44 6.79
CA LYS A 396 27.46 49.01 7.65
C LYS A 396 27.41 49.80 8.95
N THR A 397 26.25 49.81 9.58
CA THR A 397 26.02 50.47 10.86
C THR A 397 25.59 49.31 11.75
N ASP A 398 26.10 49.21 12.97
CA ASP A 398 25.64 48.08 13.77
C ASP A 398 24.26 48.43 14.27
N PRO A 399 23.26 47.65 13.82
CA PRO A 399 21.87 47.84 14.18
C PRO A 399 21.69 47.55 15.66
N PHE A 400 22.50 46.61 16.13
CA PHE A 400 22.42 46.17 17.50
C PHE A 400 23.00 47.13 18.53
N ILE A 401 23.19 48.37 18.14
CA ILE A 401 23.69 49.38 19.06
C ILE A 401 22.56 50.34 19.25
N PHE A 402 22.06 50.39 20.47
CA PHE A 402 20.93 51.23 20.78
C PHE A 402 21.12 52.68 20.41
N PRO A 403 20.29 53.18 19.48
CA PRO A 403 20.33 54.57 19.02
C PRO A 403 19.72 55.45 20.11
N GLU A 404 18.63 54.95 20.67
CA GLU A 404 17.94 55.62 21.75
C GLU A 404 17.67 54.48 22.73
N CYS A 405 17.18 54.79 23.92
CA CYS A 405 16.93 53.71 24.87
C CYS A 405 15.47 53.28 24.91
N PRO A 406 15.24 51.97 24.82
CA PRO A 406 13.86 51.52 24.85
C PRO A 406 13.17 51.89 26.17
N HIS A 407 11.87 51.63 26.26
CA HIS A 407 11.09 51.86 27.49
C HIS A 407 10.85 50.49 28.09
N VAL A 408 10.62 49.53 27.21
CA VAL A 408 10.41 48.16 27.58
C VAL A 408 11.38 47.37 26.72
N TYR A 409 12.17 46.52 27.33
CA TYR A 409 13.13 45.72 26.60
C TYR A 409 12.84 44.29 27.02
N PHE A 410 12.42 43.46 26.07
CA PHE A 410 12.09 42.09 26.42
C PHE A 410 12.98 41.03 25.81
N CYS A 411 12.76 39.82 26.28
CA CYS A 411 13.58 38.73 25.86
C CYS A 411 12.83 37.43 25.63
N GLY A 412 13.33 36.68 24.65
CA GLY A 412 12.77 35.41 24.22
C GLY A 412 12.31 34.32 25.18
N ASN A 413 12.55 33.07 24.80
CA ASN A 413 12.10 31.94 25.58
C ASN A 413 12.88 31.64 26.88
N THR A 414 12.79 32.57 27.82
CA THR A 414 13.44 32.41 29.10
C THR A 414 12.79 31.20 29.73
N PRO A 415 13.51 30.48 30.61
CA PRO A 415 12.95 29.30 31.25
C PRO A 415 12.05 29.72 32.41
N SER A 416 12.08 31.01 32.75
CA SER A 416 11.27 31.55 33.84
C SER A 416 10.89 33.01 33.68
N PHE A 417 9.69 33.36 34.12
CA PHE A 417 9.25 34.75 33.99
C PHE A 417 10.19 35.69 34.70
N GLY A 418 10.42 36.85 34.11
CA GLY A 418 11.30 37.79 34.76
C GLY A 418 10.93 39.21 34.47
N SER A 419 11.09 40.07 35.47
CA SER A 419 10.76 41.46 35.30
C SER A 419 11.51 42.35 36.28
N LYS A 420 11.89 43.53 35.81
CA LYS A 420 12.62 44.48 36.63
C LYS A 420 12.66 45.84 35.95
N ILE A 421 12.61 46.91 36.72
CA ILE A 421 12.70 48.23 36.15
C ILE A 421 14.08 48.71 36.52
N ILE A 422 14.80 49.28 35.57
CA ILE A 422 16.14 49.77 35.86
C ILE A 422 16.24 51.21 35.40
N ARG A 423 17.21 51.93 35.93
CA ARG A 423 17.39 53.33 35.59
C ARG A 423 18.79 53.51 35.03
N GLY A 424 19.05 54.65 34.40
CA GLY A 424 20.36 54.86 33.82
C GLY A 424 21.05 56.16 34.20
N PRO A 425 22.34 56.31 33.83
CA PRO A 425 23.17 57.48 34.10
C PRO A 425 22.32 58.73 34.01
N GLU A 426 21.92 59.11 32.79
CA GLU A 426 21.04 60.25 32.61
C GLU A 426 19.70 59.63 32.89
N ASP A 427 19.30 59.64 34.17
CA ASP A 427 18.05 59.03 34.60
C ASP A 427 17.06 58.66 33.49
N GLN A 428 17.13 57.41 33.07
CA GLN A 428 16.25 56.89 32.05
C GLN A 428 15.53 55.79 32.81
N THR A 429 14.36 55.41 32.32
CA THR A 429 13.62 54.34 32.96
C THR A 429 13.42 53.26 31.91
N VAL A 430 13.71 52.03 32.29
CA VAL A 430 13.56 50.94 31.35
C VAL A 430 13.06 49.69 32.03
N LEU A 431 12.00 49.12 31.46
CA LEU A 431 11.40 47.91 32.00
C LEU A 431 11.90 46.70 31.26
N LEU A 432 12.61 45.81 31.95
CA LEU A 432 13.12 44.62 31.31
C LEU A 432 12.11 43.52 31.55
N VAL A 433 12.06 42.52 30.68
CA VAL A 433 11.12 41.42 30.83
C VAL A 433 11.67 40.18 30.19
N THR A 434 11.58 39.06 30.86
CA THR A 434 12.06 37.83 30.25
C THR A 434 10.81 36.96 30.10
N VAL A 435 10.34 36.84 28.86
CA VAL A 435 9.12 36.06 28.64
C VAL A 435 9.36 34.57 28.52
N PRO A 436 8.97 33.84 29.56
CA PRO A 436 9.11 32.38 29.67
C PRO A 436 8.65 31.61 28.46
N ASP A 437 9.10 30.37 28.38
CA ASP A 437 8.71 29.47 27.31
C ASP A 437 7.39 28.80 27.68
N PHE A 438 6.30 29.38 27.20
CA PHE A 438 4.97 28.86 27.47
C PHE A 438 4.88 27.33 27.39
N SER A 439 5.60 26.75 26.45
CA SER A 439 5.61 25.32 26.25
C SER A 439 5.70 24.59 27.57
N ALA A 440 6.64 25.02 28.42
CA ALA A 440 6.83 24.36 29.71
C ALA A 440 6.41 25.16 30.91
N THR A 441 6.01 26.40 30.73
CA THR A 441 5.59 27.19 31.87
C THR A 441 4.11 27.53 31.83
N GLN A 442 3.60 27.78 30.63
CA GLN A 442 2.22 28.16 30.42
C GLN A 442 2.00 29.48 31.12
N THR A 443 2.93 30.41 30.89
CA THR A 443 2.87 31.72 31.49
C THR A 443 3.23 32.79 30.49
N ALA A 444 2.76 34.00 30.73
CA ALA A 444 3.07 35.11 29.85
C ALA A 444 2.99 36.36 30.69
N CYS A 445 3.68 37.43 30.28
CA CYS A 445 3.57 38.67 31.04
C CYS A 445 2.57 39.59 30.35
N LEU A 446 1.91 40.41 31.15
CA LEU A 446 0.96 41.40 30.69
C LEU A 446 1.53 42.70 31.21
N VAL A 447 2.01 43.54 30.30
CA VAL A 447 2.58 44.83 30.68
C VAL A 447 1.58 45.93 30.52
N ASN A 448 1.27 46.62 31.59
CA ASN A 448 0.33 47.70 31.49
C ASN A 448 1.18 48.88 31.09
N LEU A 449 0.83 49.56 30.00
CA LEU A 449 1.64 50.67 29.55
C LEU A 449 1.51 51.95 30.30
N ARG A 450 0.47 52.16 31.08
CA ARG A 450 0.48 53.45 31.72
C ARG A 450 1.22 53.45 33.04
N SER A 451 1.73 52.28 33.45
CA SER A 451 2.47 52.18 34.70
C SER A 451 3.74 51.35 34.58
N LEU A 452 3.83 50.52 33.56
CA LEU A 452 5.00 49.67 33.38
C LEU A 452 5.06 48.65 34.47
N ALA A 453 4.00 47.86 34.57
CA ALA A 453 3.91 46.79 35.58
C ALA A 453 3.82 45.43 34.88
N CYS A 454 4.80 44.56 35.04
CA CYS A 454 4.66 43.26 34.38
C CYS A 454 4.06 42.39 35.41
N GLN A 455 3.23 41.46 34.98
CA GLN A 455 2.63 40.53 35.89
C GLN A 455 2.44 39.31 35.08
N PRO A 456 2.86 38.17 35.60
CA PRO A 456 2.68 36.94 34.83
C PRO A 456 1.24 36.52 34.84
N ILE A 457 0.86 35.71 33.86
CA ILE A 457 -0.48 35.15 33.77
C ILE A 457 -0.15 33.72 33.54
N SER A 458 -0.75 32.83 34.32
CA SER A 458 -0.50 31.40 34.21
C SER A 458 -1.77 30.62 34.06
N PHE A 459 -1.81 29.74 33.08
CA PHE A 459 -3.00 28.97 32.83
C PHE A 459 -2.81 27.51 33.21
N SER A 460 -3.89 26.89 33.68
CA SER A 460 -3.84 25.51 34.11
C SER A 460 -5.19 24.85 34.20
N GLY A 461 -5.17 23.54 34.00
CA GLY A 461 -6.39 22.78 34.07
C GLY A 461 -6.07 21.51 34.82
N PHE A 462 -7.02 21.06 35.62
CA PHE A 462 -6.83 19.87 36.44
C PHE A 462 -6.39 18.59 35.73
N GLY A 463 -5.64 17.77 36.46
CA GLY A 463 -5.17 16.51 35.94
C GLY A 463 -5.76 15.40 36.80
N ALA A 464 -5.66 14.16 36.35
CA ALA A 464 -6.20 13.04 37.10
C ALA A 464 -5.54 12.95 38.47
N GLU A 465 -6.31 13.19 39.50
CA GLU A 465 -5.77 13.12 40.84
C GLU A 465 -6.88 12.99 41.84
N ASP A 466 -6.48 12.38 42.94
CA ASP A 466 -7.33 12.13 44.06
C ASP A 466 -6.38 12.41 45.21
N ASP A 467 -6.85 13.28 46.10
CA ASP A 467 -6.11 13.61 47.29
C ASP A 467 -6.81 12.69 48.28
N ASP A 468 -7.11 11.51 47.74
CA ASP A 468 -7.78 10.41 48.43
C ASP A 468 -6.82 9.24 48.21
N LEU A 469 -5.58 9.55 47.86
CA LEU A 469 -4.56 8.53 47.61
C LEU A 469 -3.30 8.86 48.40
N GLY A 470 -2.89 10.13 48.33
CA GLY A 470 -1.70 10.57 49.01
C GLY A 470 -0.52 9.70 48.61
N GLY A 471 0.48 9.59 49.48
CA GLY A 471 1.63 8.75 49.17
C GLY A 471 1.38 7.26 49.35
N LEU A 472 1.50 6.51 48.25
CA LEU A 472 1.30 5.06 48.27
C LEU A 472 2.59 4.39 47.80
N ALA B 2 -39.37 30.24 26.04
CA ALA B 2 -38.11 31.00 26.28
C ALA B 2 -37.13 30.14 27.06
N ASP B 3 -36.88 30.53 28.31
CA ASP B 3 -35.95 29.83 29.19
C ASP B 3 -36.11 28.30 29.27
N GLN B 4 -37.32 27.83 29.59
CA GLN B 4 -37.54 26.39 29.71
C GLN B 4 -36.98 25.66 28.48
N LEU B 5 -36.72 26.41 27.40
CA LEU B 5 -36.21 25.85 26.16
C LEU B 5 -34.74 25.47 26.20
N TYR B 6 -33.87 26.44 26.48
CA TYR B 6 -32.44 26.14 26.54
C TYR B 6 -32.17 25.05 27.56
N LEU B 7 -33.03 24.96 28.57
CA LEU B 7 -32.85 23.96 29.62
C LEU B 7 -32.97 22.56 29.04
N GLU B 8 -34.06 22.29 28.34
CA GLU B 8 -34.24 20.97 27.75
C GLU B 8 -33.05 20.70 26.85
N ASN B 9 -32.80 21.65 25.95
CA ASN B 9 -31.69 21.55 25.03
C ASN B 9 -30.48 20.96 25.71
N ILE B 10 -30.05 21.57 26.81
CA ILE B 10 -28.88 21.12 27.56
C ILE B 10 -29.08 19.71 28.12
N ASP B 11 -30.25 19.44 28.67
CA ASP B 11 -30.50 18.12 29.22
C ASP B 11 -30.23 17.12 28.11
N GLU B 12 -30.99 17.23 27.02
CA GLU B 12 -30.82 16.34 25.87
C GLU B 12 -29.35 16.14 25.52
N PHE B 13 -28.54 17.15 25.78
CA PHE B 13 -27.12 17.13 25.48
C PHE B 13 -26.31 16.29 26.46
N VAL B 14 -26.44 16.64 27.74
CA VAL B 14 -25.71 15.96 28.80
C VAL B 14 -26.15 14.53 29.01
N THR B 15 -27.35 14.42 29.60
CA THR B 15 -27.97 13.15 29.95
C THR B 15 -28.25 12.20 28.79
N ASP B 16 -29.01 12.67 27.81
CA ASP B 16 -29.33 11.83 26.66
C ASP B 16 -28.17 11.56 25.71
N GLN B 17 -27.56 12.64 25.22
CA GLN B 17 -26.46 12.51 24.27
C GLN B 17 -25.10 12.17 24.88
N ASN B 18 -24.92 12.51 26.15
CA ASN B 18 -23.66 12.22 26.84
C ASN B 18 -22.52 13.03 26.22
N LYS B 19 -22.75 14.32 26.05
CA LYS B 19 -21.76 15.19 25.47
C LYS B 19 -21.17 16.11 26.52
N ILE B 20 -19.89 16.46 26.38
CA ILE B 20 -19.27 17.36 27.33
C ILE B 20 -19.62 18.78 26.92
N VAL B 21 -20.35 19.46 27.79
CA VAL B 21 -20.83 20.81 27.54
C VAL B 21 -20.02 21.94 28.14
N THR B 22 -19.22 22.60 27.30
CA THR B 22 -18.37 23.72 27.73
C THR B 22 -19.09 24.99 27.29
N TYR B 23 -18.94 26.09 28.03
CA TYR B 23 -19.64 27.30 27.61
C TYR B 23 -19.35 27.58 26.13
N LYS B 24 -18.09 27.55 25.74
CA LYS B 24 -17.75 27.81 24.36
C LYS B 24 -18.59 26.91 23.45
N TRP B 25 -18.47 25.61 23.67
CA TRP B 25 -19.23 24.66 22.87
C TRP B 25 -20.73 24.99 22.81
N LEU B 26 -21.30 25.42 23.93
CA LEU B 26 -22.73 25.72 23.96
C LEU B 26 -22.92 27.03 23.27
N SER B 27 -21.95 27.91 23.42
CA SER B 27 -22.02 29.21 22.80
C SER B 27 -22.25 29.04 21.31
N TYR B 28 -21.34 28.31 20.68
CA TYR B 28 -21.47 28.07 19.25
C TYR B 28 -22.67 27.20 18.94
N THR B 29 -22.95 26.21 19.77
CA THR B 29 -24.07 25.32 19.51
C THR B 29 -25.44 25.96 19.53
N LEU B 30 -25.74 26.76 20.55
CA LEU B 30 -27.04 27.39 20.57
C LEU B 30 -26.93 28.80 19.97
N GLY B 31 -25.72 29.18 19.58
CA GLY B 31 -25.55 30.50 19.00
C GLY B 31 -25.86 31.57 20.02
N VAL B 32 -25.13 31.55 21.13
CA VAL B 32 -25.36 32.52 22.16
C VAL B 32 -24.09 33.09 22.74
N HIS B 33 -24.19 34.36 23.14
CA HIS B 33 -23.11 35.12 23.74
C HIS B 33 -22.35 34.25 24.71
N VAL B 34 -21.04 34.26 24.59
CA VAL B 34 -20.21 33.44 25.44
C VAL B 34 -20.58 33.56 26.91
N ASN B 35 -20.98 34.75 27.36
CA ASN B 35 -21.36 34.89 28.76
C ASN B 35 -22.68 34.25 29.08
N GLN B 36 -23.71 34.63 28.33
CA GLN B 36 -25.04 34.07 28.53
C GLN B 36 -24.98 32.54 28.49
N ALA B 37 -24.02 32.00 27.78
CA ALA B 37 -23.89 30.55 27.71
C ALA B 37 -23.50 30.02 29.09
N LYS B 38 -22.57 30.72 29.71
CA LYS B 38 -22.10 30.38 31.03
C LYS B 38 -23.28 30.50 31.98
N GLN B 39 -23.99 31.62 31.93
CA GLN B 39 -25.13 31.82 32.82
C GLN B 39 -26.12 30.70 32.59
N MET B 40 -26.18 30.18 31.37
CA MET B 40 -27.09 29.10 31.08
C MET B 40 -26.65 27.83 31.83
N LEU B 41 -25.38 27.47 31.74
CA LEU B 41 -24.93 26.29 32.43
C LEU B 41 -25.25 26.42 33.90
N TYR B 42 -24.96 27.58 34.48
CA TYR B 42 -25.22 27.82 35.88
C TYR B 42 -26.65 27.52 36.27
N ASP B 43 -27.61 28.11 35.58
CA ASP B 43 -29.02 27.87 35.87
C ASP B 43 -29.33 26.38 35.71
N TYR B 44 -28.87 25.77 34.62
CA TYR B 44 -29.14 24.36 34.44
C TYR B 44 -28.63 23.48 35.57
N VAL B 45 -27.47 23.77 36.17
CA VAL B 45 -27.03 22.89 37.24
C VAL B 45 -27.93 23.08 38.45
N GLU B 46 -28.17 24.33 38.85
CA GLU B 46 -29.03 24.56 40.02
C GLU B 46 -30.31 23.77 39.91
N ARG B 47 -31.01 23.89 38.79
CA ARG B 47 -32.25 23.14 38.61
C ARG B 47 -31.99 21.66 38.84
N LYS B 48 -31.28 21.02 37.92
CA LYS B 48 -30.97 19.61 38.02
C LYS B 48 -30.48 19.24 39.42
N ARG B 49 -29.84 20.19 40.12
CA ARG B 49 -29.34 19.92 41.47
C ARG B 49 -30.45 19.93 42.52
N LYS B 50 -31.38 20.88 42.43
CA LYS B 50 -32.50 20.95 43.36
C LYS B 50 -33.40 19.77 43.04
N GLU B 51 -33.69 19.62 41.76
CA GLU B 51 -34.53 18.56 41.23
C GLU B 51 -34.17 17.20 41.83
N ASN B 52 -33.02 16.65 41.46
CA ASN B 52 -32.64 15.34 41.96
C ASN B 52 -31.94 15.35 43.33
N SER B 53 -31.12 16.35 43.59
CA SER B 53 -30.37 16.47 44.85
C SER B 53 -29.29 15.38 44.87
N GLY B 54 -29.11 14.74 43.72
CA GLY B 54 -28.13 13.68 43.60
C GLY B 54 -28.17 13.08 42.21
N ALA B 55 -28.37 13.94 41.20
CA ALA B 55 -28.41 13.51 39.80
C ALA B 55 -26.95 13.37 39.33
N GLN B 56 -26.68 12.33 38.54
CA GLN B 56 -25.31 12.12 38.05
C GLN B 56 -24.83 13.30 37.20
N LEU B 57 -24.35 14.35 37.88
CA LEU B 57 -23.89 15.55 37.19
C LEU B 57 -22.60 16.13 37.76
N HIS B 58 -21.65 16.36 36.87
CA HIS B 58 -20.36 16.92 37.25
C HIS B 58 -20.05 18.29 36.65
N VAL B 59 -19.62 19.21 37.49
CA VAL B 59 -19.32 20.55 37.01
C VAL B 59 -17.85 20.92 37.17
N THR B 60 -17.40 21.88 36.35
CA THR B 60 -16.03 22.40 36.39
C THR B 60 -16.14 23.90 36.25
N TYR B 61 -15.32 24.64 37.00
CA TYR B 61 -15.37 26.09 36.95
C TYR B 61 -14.05 26.75 36.52
N LEU B 62 -14.16 28.02 36.15
CA LEU B 62 -12.99 28.79 35.77
C LEU B 62 -12.79 29.76 36.90
N VAL B 63 -11.62 29.69 37.52
CA VAL B 63 -11.30 30.58 38.62
C VAL B 63 -10.08 31.38 38.23
N SER B 64 -10.15 32.68 38.42
CA SER B 64 -9.03 33.52 38.07
C SER B 64 -8.85 34.63 39.08
N GLY B 65 -7.59 34.86 39.44
CA GLY B 65 -7.28 35.89 40.40
C GLY B 65 -5.80 36.09 40.61
N SER B 66 -5.50 36.96 41.58
CA SER B 66 -4.16 37.32 41.96
C SER B 66 -3.68 36.33 43.00
N LEU B 67 -2.43 35.91 42.88
CA LEU B 67 -1.84 34.96 43.81
C LEU B 67 -0.42 35.38 44.05
N ILE B 68 -0.16 35.98 45.21
CA ILE B 68 1.20 36.42 45.50
C ILE B 68 2.03 35.25 45.96
N GLN B 69 3.29 35.18 45.52
CA GLN B 69 4.19 34.10 45.95
C GLN B 69 5.26 34.67 46.89
N ASN B 70 6.02 35.64 46.39
CA ASN B 70 7.05 36.30 47.17
C ASN B 70 7.07 37.77 46.77
N GLY B 71 6.17 38.57 47.34
CA GLY B 71 6.11 39.99 47.02
C GLY B 71 5.61 40.26 45.59
N HIS B 72 6.01 39.38 44.67
CA HIS B 72 5.64 39.48 43.26
C HIS B 72 4.26 38.83 43.01
N SER B 73 3.35 39.65 42.51
CA SER B 73 1.99 39.20 42.26
C SER B 73 1.73 38.55 40.92
N CYS B 74 1.44 37.25 40.91
CA CYS B 74 1.11 36.59 39.64
C CYS B 74 -0.42 36.48 39.46
N HIS B 75 -0.89 36.51 38.22
CA HIS B 75 -2.33 36.36 37.98
C HIS B 75 -2.49 34.89 37.60
N LYS B 76 -3.52 34.23 38.11
CA LYS B 76 -3.69 32.83 37.73
C LYS B 76 -5.06 32.62 37.13
N VAL B 77 -5.10 31.80 36.08
CA VAL B 77 -6.32 31.45 35.38
C VAL B 77 -6.37 29.93 35.33
N ALA B 78 -7.37 29.34 35.99
CA ALA B 78 -7.49 27.89 35.99
C ALA B 78 -8.89 27.28 35.92
N VAL B 79 -8.94 26.16 35.20
CA VAL B 79 -10.16 25.41 35.05
C VAL B 79 -10.02 24.33 36.12
N VAL B 80 -10.93 24.35 37.10
CA VAL B 80 -10.87 23.42 38.20
C VAL B 80 -12.06 22.50 38.28
N ARG B 81 -11.85 21.36 38.92
CA ARG B 81 -12.90 20.36 39.11
C ARG B 81 -13.79 20.90 40.23
N GLU B 82 -15.09 20.66 40.13
CA GLU B 82 -16.04 21.17 41.11
C GLU B 82 -15.56 21.27 42.56
N ASP B 83 -15.12 20.15 43.16
CA ASP B 83 -14.66 20.19 44.55
C ASP B 83 -13.60 21.27 44.80
N LYS B 84 -12.42 21.05 44.24
CA LYS B 84 -11.33 21.98 44.42
C LYS B 84 -11.63 23.48 44.32
N LEU B 85 -12.74 23.87 43.72
CA LEU B 85 -13.07 25.29 43.58
C LEU B 85 -12.90 26.07 44.87
N GLU B 86 -13.38 25.53 45.96
CA GLU B 86 -13.28 26.25 47.22
C GLU B 86 -11.83 26.49 47.60
N ALA B 87 -11.05 25.41 47.47
CA ALA B 87 -9.64 25.44 47.80
C ALA B 87 -8.89 26.53 47.03
N VAL B 88 -8.92 26.43 45.70
CA VAL B 88 -8.25 27.39 44.85
C VAL B 88 -8.71 28.79 45.15
N LYS B 89 -10.02 28.99 45.11
CA LYS B 89 -10.57 30.30 45.39
C LYS B 89 -9.96 30.91 46.63
N SER B 90 -9.61 30.09 47.61
CA SER B 90 -9.06 30.61 48.84
C SER B 90 -7.63 31.10 48.68
N LYS B 91 -6.79 30.27 48.08
CA LYS B 91 -5.38 30.60 47.92
C LYS B 91 -5.16 31.94 47.22
N LEU B 92 -6.19 32.43 46.55
CA LEU B 92 -6.08 33.69 45.84
C LEU B 92 -6.15 34.88 46.74
N ALA B 93 -5.35 35.88 46.41
CA ALA B 93 -5.32 37.13 47.15
C ALA B 93 -6.60 37.90 46.83
N VAL B 94 -6.74 38.27 45.56
CA VAL B 94 -7.91 38.98 45.11
C VAL B 94 -8.42 38.17 43.95
N THR B 95 -9.69 37.78 44.02
CA THR B 95 -10.29 36.97 42.99
C THR B 95 -11.07 37.78 41.94
N ALA B 96 -10.78 37.52 40.67
CA ALA B 96 -11.41 38.23 39.56
C ALA B 96 -12.60 37.53 38.92
N SER B 97 -12.39 36.29 38.48
CA SER B 97 -13.48 35.58 37.80
C SER B 97 -13.79 34.16 38.26
N ILE B 98 -15.08 33.86 38.25
CA ILE B 98 -15.61 32.55 38.64
C ILE B 98 -16.87 32.28 37.84
N HIS B 99 -16.91 31.16 37.14
CA HIS B 99 -18.11 30.84 36.39
C HIS B 99 -17.96 29.44 35.92
N VAL B 100 -19.09 28.83 35.59
CA VAL B 100 -19.08 27.45 35.14
C VAL B 100 -18.23 27.36 33.92
N TYR B 101 -17.66 26.20 33.63
CA TYR B 101 -16.84 26.02 32.43
C TYR B 101 -17.42 24.83 31.69
N SER B 102 -17.67 23.74 32.40
CA SER B 102 -18.24 22.60 31.73
C SER B 102 -19.24 21.80 32.58
N ILE B 103 -19.94 20.91 31.91
CA ILE B 103 -20.96 20.07 32.50
C ILE B 103 -20.87 18.72 31.81
N GLN B 104 -20.68 17.66 32.58
CA GLN B 104 -20.59 16.34 32.00
C GLN B 104 -21.31 15.33 32.88
N LYS B 105 -21.84 14.28 32.24
CA LYS B 105 -22.53 13.25 33.01
C LYS B 105 -21.45 12.46 33.74
N ALA B 106 -20.46 11.99 32.97
CA ALA B 106 -19.37 11.24 33.56
C ALA B 106 -18.19 12.13 33.91
N MET B 107 -17.60 11.91 35.07
CA MET B 107 -16.46 12.72 35.50
C MET B 107 -15.31 12.61 34.52
N LEU B 108 -14.44 13.62 34.48
CA LEU B 108 -13.31 13.61 33.56
C LEU B 108 -12.02 13.31 34.27
N LYS B 109 -11.18 12.47 33.66
CA LYS B 109 -9.90 12.11 34.29
C LYS B 109 -9.04 13.36 34.44
N ASP B 110 -8.78 14.04 33.33
CA ASP B 110 -8.00 15.27 33.31
C ASP B 110 -8.84 16.30 32.57
N SER B 111 -8.34 17.51 32.47
CA SER B 111 -9.07 18.57 31.78
C SER B 111 -8.92 18.39 30.28
N GLY B 112 -8.11 17.41 29.89
CA GLY B 112 -7.87 17.14 28.49
C GLY B 112 -9.08 17.29 27.59
N PRO B 113 -9.98 16.32 27.56
CA PRO B 113 -11.15 16.46 26.70
C PRO B 113 -11.72 17.88 26.64
N LEU B 114 -11.68 18.62 27.73
CA LEU B 114 -12.17 19.98 27.73
C LEU B 114 -11.56 20.81 26.60
N PHE B 115 -10.45 20.34 26.07
CA PHE B 115 -9.80 21.02 24.97
C PHE B 115 -10.44 20.49 23.73
N ASN B 116 -10.18 19.21 23.48
CA ASN B 116 -10.71 18.53 22.31
C ASN B 116 -12.08 19.04 21.94
N THR B 117 -12.98 19.02 22.92
CA THR B 117 -14.32 19.49 22.68
C THR B 117 -14.25 20.86 22.08
N ASP B 118 -13.80 21.83 22.84
CA ASP B 118 -13.69 23.17 22.32
C ASP B 118 -12.90 23.24 21.02
N TYR B 119 -11.85 22.45 20.87
CA TYR B 119 -11.07 22.50 19.63
C TYR B 119 -11.87 22.09 18.40
N ASP B 120 -12.64 21.02 18.50
CA ASP B 120 -13.42 20.58 17.35
C ASP B 120 -14.45 21.59 16.90
N ILE B 121 -15.32 21.97 17.83
CA ILE B 121 -16.35 22.94 17.50
C ILE B 121 -15.71 24.18 16.87
N LEU B 122 -14.45 24.44 17.17
CA LEU B 122 -13.79 25.59 16.58
C LEU B 122 -13.53 25.31 15.12
N LYS B 123 -12.76 24.28 14.85
CA LYS B 123 -12.44 23.94 13.48
C LYS B 123 -13.66 24.07 12.60
N SER B 124 -14.83 23.79 13.13
CA SER B 124 -16.03 23.91 12.33
C SER B 124 -16.53 25.36 12.25
N ASN B 125 -16.14 26.19 13.19
CA ASN B 125 -16.57 27.57 13.18
C ASN B 125 -15.43 28.49 12.87
N LEU B 126 -14.30 27.89 12.56
CA LEU B 126 -13.07 28.61 12.23
C LEU B 126 -13.36 29.92 11.50
N GLN B 127 -14.51 29.94 10.84
CA GLN B 127 -14.99 31.09 10.08
C GLN B 127 -15.14 32.36 10.90
N ASN B 128 -15.80 32.24 12.04
CA ASN B 128 -16.01 33.44 12.82
C ASN B 128 -15.84 33.23 14.32
N CYS B 129 -14.58 33.27 14.74
CA CYS B 129 -14.22 33.06 16.11
C CYS B 129 -14.76 34.09 17.04
N SER B 130 -14.51 35.34 16.74
CA SER B 130 -14.98 36.37 17.64
C SER B 130 -16.45 36.65 17.54
N LYS B 131 -17.24 35.70 17.04
CA LYS B 131 -18.66 35.97 16.90
C LYS B 131 -19.37 36.15 18.21
N PHE B 132 -19.08 35.27 19.16
CA PHE B 132 -19.75 35.37 20.44
C PHE B 132 -18.86 35.86 21.58
N SER B 133 -17.67 36.37 21.28
CA SER B 133 -16.77 36.86 22.30
C SER B 133 -17.36 38.10 22.96
N ALA B 134 -16.83 38.47 24.12
CA ALA B 134 -17.34 39.63 24.81
C ALA B 134 -16.54 40.84 24.34
N ILE B 135 -15.72 40.62 23.33
CA ILE B 135 -14.91 41.70 22.80
C ILE B 135 -14.93 41.81 21.28
N GLN B 136 -15.29 43.00 20.79
CA GLN B 136 -15.30 43.29 19.36
C GLN B 136 -14.28 44.36 19.05
N CYS B 137 -13.49 44.09 18.01
CA CYS B 137 -12.41 44.97 17.57
C CYS B 137 -12.59 45.66 16.23
N ALA B 138 -12.80 46.96 16.26
CA ALA B 138 -12.97 47.73 15.04
C ALA B 138 -12.02 47.30 13.94
N ALA B 139 -10.74 47.10 14.27
CA ALA B 139 -9.74 46.73 13.27
C ALA B 139 -9.82 45.33 12.71
N ALA B 140 -10.14 44.35 13.56
CA ALA B 140 -10.21 42.97 13.10
C ALA B 140 -11.20 42.73 11.95
N VAL B 141 -11.02 43.49 10.87
CA VAL B 141 -11.88 43.34 9.70
C VAL B 141 -10.99 42.96 8.52
N PRO B 142 -11.21 41.75 7.96
CA PRO B 142 -10.42 41.24 6.82
C PRO B 142 -10.10 42.30 5.76
N ARG B 143 -8.85 42.78 5.73
CA ARG B 143 -8.45 43.78 4.75
C ARG B 143 -7.00 43.69 4.22
N ALA B 144 -6.07 43.19 5.04
CA ALA B 144 -4.67 43.07 4.62
C ALA B 144 -4.27 41.62 4.33
N HIS C 4 31.77 13.93 -24.48
CA HIS C 4 31.01 12.71 -24.85
C HIS C 4 29.72 13.12 -25.56
N HIS C 5 29.55 12.66 -26.80
CA HIS C 5 28.35 12.97 -27.59
C HIS C 5 27.74 11.75 -28.25
N HIS C 6 26.49 11.50 -27.90
CA HIS C 6 25.74 10.36 -28.39
C HIS C 6 24.72 10.19 -27.30
N GLY C 7 23.47 9.98 -27.68
CA GLY C 7 22.45 9.81 -26.67
C GLY C 7 21.94 11.14 -26.15
N MET C 8 22.18 12.22 -26.89
CA MET C 8 21.66 13.51 -26.48
C MET C 8 20.16 13.37 -26.50
N PHE C 9 19.44 14.26 -25.85
CA PHE C 9 17.99 14.13 -25.84
C PHE C 9 17.37 14.09 -27.24
N SER C 10 17.47 15.21 -27.97
CA SER C 10 16.89 15.28 -29.31
C SER C 10 17.08 14.03 -30.14
N GLU C 11 18.28 13.46 -30.06
CA GLU C 11 18.56 12.26 -30.83
C GLU C 11 17.63 11.14 -30.40
N GLN C 12 17.80 10.65 -29.17
CA GLN C 12 16.95 9.57 -28.69
C GLN C 12 15.47 9.89 -28.90
N ALA C 13 15.12 11.17 -28.84
CA ALA C 13 13.75 11.58 -29.00
C ALA C 13 13.19 11.38 -30.41
N ALA C 14 13.94 11.77 -31.42
CA ALA C 14 13.47 11.63 -32.81
C ALA C 14 13.60 10.19 -33.32
N GLN C 15 14.23 9.37 -32.49
CA GLN C 15 14.47 7.98 -32.78
C GLN C 15 13.29 7.17 -33.31
N ARG C 16 12.09 7.75 -33.35
CA ARG C 16 10.96 6.99 -33.87
C ARG C 16 9.83 7.76 -34.52
N ALA C 17 9.22 7.09 -35.49
CA ALA C 17 8.11 7.57 -36.31
C ALA C 17 7.17 8.56 -35.69
N HIS C 18 6.56 9.38 -36.52
CA HIS C 18 5.60 10.36 -36.04
C HIS C 18 4.23 9.71 -36.05
N THR C 19 3.24 10.34 -35.44
CA THR C 19 1.91 9.75 -35.41
C THR C 19 0.77 10.74 -35.25
N LEU C 20 1.03 11.82 -34.56
CA LEU C 20 0.01 12.80 -34.27
C LEU C 20 -0.52 13.66 -35.39
N LEU C 21 -0.14 13.35 -36.63
CA LEU C 21 -0.63 14.10 -37.77
C LEU C 21 -1.49 13.15 -38.53
N SER C 22 -2.57 12.74 -37.90
CA SER C 22 -3.48 11.78 -38.49
C SER C 22 -4.71 11.68 -37.63
N PRO C 23 -5.79 11.12 -38.18
CA PRO C 23 -7.03 10.98 -37.41
C PRO C 23 -6.82 10.04 -36.26
N PRO C 24 -7.59 10.27 -35.18
CA PRO C 24 -7.53 9.46 -33.98
C PRO C 24 -7.52 8.00 -34.30
N SER C 25 -6.65 7.26 -33.64
CA SER C 25 -6.60 5.82 -33.82
C SER C 25 -7.02 5.44 -32.42
N ALA C 26 -7.43 4.21 -32.23
CA ALA C 26 -7.82 3.83 -30.88
C ALA C 26 -6.53 3.55 -30.14
N ASN C 27 -5.71 2.67 -30.72
CA ASN C 27 -4.43 2.31 -30.12
C ASN C 27 -3.70 3.55 -29.68
N ASN C 28 -3.38 3.64 -28.39
CA ASN C 28 -2.68 4.81 -27.89
C ASN C 28 -1.59 4.44 -26.92
N ALA C 29 -0.38 4.92 -27.21
CA ALA C 29 0.76 4.61 -26.36
C ALA C 29 0.76 5.40 -25.07
N THR C 30 1.02 4.69 -23.99
CA THR C 30 1.11 5.29 -22.68
C THR C 30 2.34 4.63 -22.14
N PHE C 31 3.34 5.45 -21.82
CA PHE C 31 4.62 4.96 -21.35
C PHE C 31 4.82 4.84 -19.85
N ALA C 32 5.44 3.73 -19.48
CA ALA C 32 5.78 3.43 -18.12
C ALA C 32 7.14 4.08 -17.90
N ARG C 33 7.19 5.03 -16.97
CA ARG C 33 8.43 5.72 -16.69
C ARG C 33 9.53 4.78 -16.23
N VAL C 34 10.76 5.24 -16.30
CA VAL C 34 11.86 4.39 -15.90
C VAL C 34 11.84 4.19 -14.39
N PRO C 35 12.41 3.07 -13.95
CA PRO C 35 12.48 2.72 -12.54
C PRO C 35 13.36 3.69 -11.78
N VAL C 36 12.71 4.60 -11.08
CA VAL C 36 13.41 5.59 -10.28
C VAL C 36 13.72 4.94 -8.91
N ALA C 37 14.19 3.70 -8.95
CA ALA C 37 14.48 2.97 -7.72
C ALA C 37 15.92 3.00 -7.21
N THR C 38 16.88 3.39 -8.05
CA THR C 38 18.28 3.43 -7.60
C THR C 38 18.75 4.84 -7.28
N TYR C 39 18.43 5.32 -6.10
CA TYR C 39 18.81 6.67 -5.70
C TYR C 39 19.25 6.64 -4.25
N THR C 40 20.12 7.58 -3.90
CA THR C 40 20.62 7.65 -2.55
C THR C 40 20.96 9.09 -2.28
N ASN C 41 20.12 9.77 -1.51
CA ASN C 41 20.48 11.13 -1.20
C ASN C 41 21.66 10.94 -0.26
N SER C 42 22.65 11.80 -0.36
CA SER C 42 23.81 11.67 0.50
C SER C 42 24.25 13.05 0.90
N SER C 43 23.30 13.94 1.11
CA SER C 43 23.67 15.30 1.47
C SER C 43 23.68 15.53 2.98
N GLN C 44 23.72 14.45 3.76
CA GLN C 44 23.73 14.58 5.23
C GLN C 44 24.74 15.64 5.64
N PRO C 45 25.98 15.51 5.16
CA PRO C 45 27.01 16.49 5.49
C PRO C 45 26.65 17.92 5.10
N PHE C 46 25.37 18.20 4.88
CA PHE C 46 24.95 19.53 4.53
C PHE C 46 23.81 19.94 5.43
N ARG C 47 23.18 18.94 6.07
CA ARG C 47 22.07 19.14 7.01
C ARG C 47 22.66 19.50 8.38
N LEU C 48 22.13 20.55 9.00
CA LEU C 48 22.65 20.98 10.30
C LEU C 48 21.54 21.26 11.31
N ILE C 60 39.07 32.38 12.01
CA ILE C 60 40.15 31.43 11.73
C ILE C 60 39.63 30.32 10.80
N TYR C 61 40.30 30.16 9.68
CA TYR C 61 40.01 29.19 8.63
C TYR C 61 40.89 27.94 8.79
N ALA C 62 41.60 27.91 9.91
CA ALA C 62 42.53 26.83 10.23
C ALA C 62 42.04 25.45 9.88
N THR C 63 40.89 25.07 10.43
CA THR C 63 40.33 23.76 10.17
C THR C 63 40.47 23.38 8.70
N ARG C 64 40.32 24.35 7.81
CA ARG C 64 40.49 24.07 6.38
C ARG C 64 41.93 23.67 6.19
N LEU C 65 42.80 24.64 6.42
CA LEU C 65 44.25 24.47 6.32
C LEU C 65 44.70 23.13 6.86
N ILE C 66 44.05 22.70 7.92
CA ILE C 66 44.38 21.43 8.54
C ILE C 66 43.99 20.27 7.65
N GLN C 67 42.77 20.30 7.11
CA GLN C 67 42.30 19.22 6.23
C GLN C 67 42.96 19.26 4.87
N MET C 68 43.09 20.46 4.33
CA MET C 68 43.69 20.71 3.03
C MET C 68 45.20 20.42 3.01
N ARG C 69 45.88 20.76 4.09
CA ARG C 69 47.31 20.55 4.19
C ARG C 69 47.75 19.27 3.51
N PRO C 70 47.36 18.10 4.04
CA PRO C 70 47.73 16.81 3.46
C PRO C 70 47.63 16.79 1.95
N PHE C 71 46.56 17.39 1.45
CA PHE C 71 46.29 17.46 0.02
C PHE C 71 47.31 18.37 -0.68
N LEU C 72 47.23 19.67 -0.40
CA LEU C 72 48.14 20.65 -1.00
C LEU C 72 49.59 20.22 -0.89
N GLU C 73 49.93 19.55 0.21
CA GLU C 73 51.30 19.10 0.38
C GLU C 73 51.61 18.00 -0.63
N ASN C 74 50.80 16.94 -0.63
CA ASN C 74 51.05 15.84 -1.54
C ASN C 74 50.93 16.27 -3.00
N ARG C 75 50.33 17.44 -3.23
CA ARG C 75 50.19 17.97 -4.58
C ARG C 75 51.49 18.70 -4.93
N ALA C 76 51.97 19.51 -3.99
CA ALA C 76 53.21 20.23 -4.21
C ALA C 76 54.36 19.25 -4.29
N GLN C 77 54.33 18.20 -3.47
CA GLN C 77 55.40 17.21 -3.47
C GLN C 77 55.55 16.54 -4.83
N GLN C 78 54.45 16.29 -5.50
CA GLN C 78 54.52 15.65 -6.81
C GLN C 78 54.76 16.71 -7.89
N HIS C 79 54.27 17.91 -7.64
CA HIS C 79 54.39 19.02 -8.57
C HIS C 79 55.81 19.58 -8.66
N TRP C 80 56.55 19.47 -7.56
CA TRP C 80 57.92 19.96 -7.50
C TRP C 80 58.93 18.93 -6.97
N GLY C 81 58.54 17.66 -6.94
CA GLY C 81 59.43 16.61 -6.49
C GLY C 81 59.82 16.58 -5.02
N SER C 82 60.46 15.49 -4.63
CA SER C 82 60.91 15.27 -3.26
C SER C 82 61.37 16.56 -2.57
N GLY C 83 62.02 17.47 -3.31
CA GLY C 83 62.50 18.74 -2.76
C GLY C 83 61.48 19.45 -1.91
N VAL C 84 61.25 18.87 -0.74
CA VAL C 84 60.27 19.35 0.23
C VAL C 84 60.48 20.78 0.70
N GLY C 85 59.67 21.70 0.17
CA GLY C 85 59.77 23.07 0.59
C GLY C 85 58.94 23.23 1.86
N VAL C 86 58.34 22.12 2.31
CA VAL C 86 57.49 22.10 3.51
C VAL C 86 58.07 22.85 4.69
N LYS C 87 57.77 24.15 4.78
CA LYS C 87 58.22 25.01 5.85
C LYS C 87 57.07 25.94 6.24
N LYS C 88 56.63 25.89 7.50
CA LYS C 88 55.54 26.75 7.94
C LYS C 88 55.93 28.22 7.81
N LEU C 89 54.98 29.10 8.08
CA LEU C 89 55.25 30.53 7.95
C LEU C 89 56.27 31.04 8.97
N CYS C 90 56.48 30.27 10.04
CA CYS C 90 57.43 30.66 11.08
C CYS C 90 58.88 30.24 10.79
N GLU C 91 59.06 28.99 10.37
CA GLU C 91 60.39 28.43 10.08
C GLU C 91 61.03 28.97 8.81
N LEU C 92 60.53 30.09 8.30
CA LEU C 92 61.06 30.69 7.07
C LEU C 92 62.38 31.47 7.28
N GLN C 93 63.40 31.11 6.51
CA GLN C 93 64.72 31.76 6.57
C GLN C 93 64.85 32.72 5.39
N PRO C 94 64.90 34.03 5.65
CA PRO C 94 65.02 35.00 4.55
C PRO C 94 65.82 34.47 3.38
N GLU C 95 65.28 34.62 2.17
CA GLU C 95 65.93 34.18 0.95
C GLU C 95 66.00 32.65 0.80
N GLU C 96 65.15 31.92 1.51
CA GLU C 96 65.13 30.46 1.43
C GLU C 96 64.04 29.97 0.47
N LYS C 97 64.43 29.10 -0.47
CA LYS C 97 63.48 28.54 -1.42
C LYS C 97 62.72 27.37 -0.81
N CYS C 98 61.45 27.60 -0.51
CA CYS C 98 60.62 26.57 0.10
C CYS C 98 59.18 26.66 -0.36
N CYS C 99 58.32 25.91 0.31
CA CYS C 99 56.91 25.89 0.00
C CYS C 99 56.04 26.03 1.23
N VAL C 100 55.23 27.07 1.26
CA VAL C 100 54.34 27.34 2.38
C VAL C 100 52.91 26.95 1.97
N VAL C 101 52.16 26.32 2.87
CA VAL C 101 50.78 25.91 2.60
C VAL C 101 49.85 26.74 3.47
N GLY C 102 48.95 27.50 2.83
CA GLY C 102 48.05 28.33 3.61
C GLY C 102 46.77 28.84 2.96
N THR C 103 46.17 29.83 3.62
CA THR C 103 44.92 30.46 3.20
C THR C 103 45.22 31.82 2.62
N LEU C 104 44.42 32.26 1.65
CA LEU C 104 44.65 33.57 1.06
C LEU C 104 43.62 34.59 1.55
N PHE C 105 44.04 35.85 1.63
CA PHE C 105 43.14 36.93 2.03
C PHE C 105 43.42 38.07 1.07
N LYS C 106 42.36 38.73 0.63
CA LYS C 106 42.50 39.84 -0.31
C LYS C 106 42.04 41.13 0.37
N ALA C 107 42.53 42.26 -0.10
CA ALA C 107 42.15 43.57 0.45
C ALA C 107 42.76 44.69 -0.38
N MET C 108 42.18 45.88 -0.25
CA MET C 108 42.64 47.05 -0.99
C MET C 108 43.47 48.06 -0.16
N SER C 131 28.31 44.94 -9.30
CA SER C 131 28.98 44.10 -10.29
C SER C 131 30.05 43.21 -9.63
N LYS C 132 31.31 43.67 -9.68
CA LYS C 132 32.44 42.95 -9.07
C LYS C 132 33.12 43.93 -8.14
N TYR C 133 33.60 43.46 -6.99
CA TYR C 133 34.26 44.35 -6.05
C TYR C 133 35.77 44.23 -6.05
N ILE C 134 36.35 43.70 -7.13
CA ILE C 134 37.81 43.58 -7.20
C ILE C 134 38.35 45.00 -7.29
N HIS C 135 39.48 45.23 -6.65
CA HIS C 135 40.11 46.55 -6.65
C HIS C 135 41.23 46.59 -7.69
N PRO C 136 41.45 47.77 -8.31
CA PRO C 136 42.50 47.94 -9.33
C PRO C 136 43.74 47.16 -8.95
N ASP C 137 44.15 47.38 -7.71
CA ASP C 137 45.32 46.74 -7.14
C ASP C 137 44.99 46.24 -5.77
N ASP C 138 44.81 44.92 -5.69
CA ASP C 138 44.52 44.24 -4.44
C ASP C 138 45.83 43.62 -3.99
N GLU C 139 45.80 42.88 -2.90
CA GLU C 139 47.00 42.24 -2.40
C GLU C 139 46.62 40.97 -1.67
N LEU C 140 47.48 39.97 -1.76
CA LEU C 140 47.22 38.68 -1.14
C LEU C 140 48.10 38.37 0.06
N VAL C 141 47.49 38.22 1.23
CA VAL C 141 48.23 37.88 2.44
C VAL C 141 48.00 36.39 2.70
N LEU C 142 49.04 35.68 3.08
CA LEU C 142 48.92 34.25 3.31
C LEU C 142 48.95 33.91 4.81
N GLU C 143 47.84 33.36 5.30
CA GLU C 143 47.74 33.00 6.71
C GLU C 143 48.08 31.55 7.04
N ASP C 144 48.95 31.40 8.03
CA ASP C 144 49.38 30.10 8.53
C ASP C 144 48.62 30.03 9.86
N GLU C 145 48.59 28.87 10.51
CA GLU C 145 47.87 28.79 11.79
C GLU C 145 48.40 29.86 12.75
N LEU C 146 49.72 30.04 12.74
CA LEU C 146 50.40 30.99 13.60
C LEU C 146 50.36 32.43 13.12
N GLN C 147 51.26 32.78 12.21
CA GLN C 147 51.36 34.15 11.69
C GLN C 147 50.73 34.32 10.31
N ARG C 148 51.03 35.46 9.68
CA ARG C 148 50.50 35.74 8.34
C ARG C 148 51.44 36.63 7.52
N ILE C 149 52.01 36.06 6.46
CA ILE C 149 52.94 36.78 5.60
C ILE C 149 52.28 37.38 4.33
N LYS C 150 52.85 38.47 3.80
CA LYS C 150 52.30 39.09 2.59
C LYS C 150 52.90 38.39 1.35
N LEU C 151 52.39 38.72 0.16
CA LEU C 151 52.87 38.05 -1.06
C LEU C 151 53.27 38.94 -2.26
N LYS C 152 54.39 38.57 -2.89
CA LYS C 152 54.90 39.24 -4.08
C LYS C 152 55.05 38.11 -5.07
N GLY C 153 55.55 38.42 -6.26
CA GLY C 153 55.78 37.37 -7.24
C GLY C 153 54.84 37.38 -8.42
N THR C 154 54.61 36.19 -8.95
CA THR C 154 53.74 36.04 -10.09
C THR C 154 52.52 35.20 -9.74
N ILE C 155 51.57 35.80 -9.01
CA ILE C 155 50.34 35.10 -8.65
C ILE C 155 49.17 36.00 -9.01
N ASP C 156 48.24 35.46 -9.79
CA ASP C 156 47.08 36.21 -10.22
C ASP C 156 46.16 36.54 -9.04
N VAL C 157 45.75 37.80 -8.93
CA VAL C 157 44.88 38.19 -7.84
C VAL C 157 43.45 38.35 -8.35
N SER C 158 43.32 38.92 -9.54
CA SER C 158 42.01 39.08 -10.15
C SER C 158 41.34 37.70 -10.17
N LYS C 159 42.15 36.64 -10.19
CA LYS C 159 41.62 35.29 -10.25
C LYS C 159 41.36 34.67 -8.87
N LEU C 160 42.33 34.69 -7.96
CA LEU C 160 42.10 34.06 -6.66
C LEU C 160 41.35 34.95 -5.67
N VAL C 161 40.72 34.34 -4.67
CA VAL C 161 39.99 35.12 -3.69
C VAL C 161 39.95 34.55 -2.28
N THR C 162 39.79 35.47 -1.33
CA THR C 162 39.73 35.21 0.10
C THR C 162 39.14 33.88 0.50
N GLY C 163 39.99 32.97 0.97
CA GLY C 163 39.47 31.70 1.42
C GLY C 163 40.08 30.53 0.70
N THR C 164 40.76 30.81 -0.39
CA THR C 164 41.40 29.76 -1.17
C THR C 164 42.48 29.08 -0.33
N VAL C 165 42.81 27.83 -0.65
CA VAL C 165 43.84 27.16 0.11
C VAL C 165 44.85 26.62 -0.87
N LEU C 166 45.97 27.34 -1.03
CA LEU C 166 46.99 26.95 -1.99
C LEU C 166 48.32 26.48 -1.42
N ALA C 167 49.20 26.07 -2.34
CA ALA C 167 50.55 25.60 -2.06
C ALA C 167 51.48 26.57 -2.81
N VAL C 168 51.91 27.61 -2.11
CA VAL C 168 52.77 28.65 -2.70
C VAL C 168 54.26 28.27 -2.65
N PHE C 169 55.01 28.74 -3.65
CA PHE C 169 56.45 28.47 -3.71
C PHE C 169 57.30 29.69 -4.08
N GLY C 170 58.21 30.02 -3.18
CA GLY C 170 59.10 31.14 -3.37
C GLY C 170 59.92 31.30 -2.12
N SER C 171 60.42 32.51 -1.87
CA SER C 171 61.23 32.74 -0.68
C SER C 171 60.84 34.05 -0.03
N VAL C 172 61.20 34.18 1.25
CA VAL C 172 60.89 35.41 1.99
C VAL C 172 61.90 36.46 1.58
N ARG C 173 61.48 37.70 1.47
CA ARG C 173 62.42 38.74 1.04
C ARG C 173 62.83 39.81 2.04
N ASP C 174 63.80 40.60 1.57
CA ASP C 174 64.36 41.73 2.31
C ASP C 174 63.22 42.69 2.62
N ASP C 175 62.15 42.54 1.85
CA ASP C 175 60.94 43.34 1.96
C ASP C 175 60.07 42.86 3.13
N GLY C 176 60.22 41.59 3.48
CA GLY C 176 59.43 41.03 4.56
C GLY C 176 58.30 40.27 3.92
N LYS C 177 58.05 40.60 2.64
CA LYS C 177 57.00 39.98 1.83
C LYS C 177 57.56 38.69 1.20
N PHE C 178 56.67 37.74 0.90
CA PHE C 178 57.07 36.47 0.30
C PHE C 178 56.87 36.49 -1.21
N LEU C 179 57.96 36.38 -1.95
CA LEU C 179 57.89 36.38 -3.40
C LEU C 179 57.61 34.97 -3.90
N VAL C 180 56.61 34.86 -4.77
CA VAL C 180 56.19 33.57 -5.33
C VAL C 180 56.59 33.36 -6.77
N GLU C 181 57.03 32.15 -7.06
CA GLU C 181 57.44 31.80 -8.41
C GLU C 181 56.48 30.79 -9.01
N ASP C 182 55.86 29.98 -8.16
CA ASP C 182 54.94 28.96 -8.62
C ASP C 182 54.02 28.43 -7.51
N TYR C 183 52.75 28.27 -7.82
CA TYR C 183 51.79 27.76 -6.86
C TYR C 183 50.86 26.72 -7.48
N CYS C 184 50.23 25.91 -6.63
CA CYS C 184 49.30 24.89 -7.09
C CYS C 184 48.19 24.65 -6.05
N PHE C 185 47.16 23.91 -6.43
CA PHE C 185 46.05 23.61 -5.52
C PHE C 185 45.80 22.10 -5.42
N ALA C 186 44.94 21.69 -4.50
CA ALA C 186 44.64 20.28 -4.28
C ALA C 186 44.04 19.56 -5.48
N ASP C 187 43.35 20.31 -6.32
CA ASP C 187 42.70 19.78 -7.52
C ASP C 187 41.47 18.92 -7.22
N LEU C 188 41.36 17.79 -7.92
CA LEU C 188 40.22 16.90 -7.76
C LEU C 188 40.54 15.78 -6.80
N ALA C 189 39.54 15.38 -6.02
CA ALA C 189 39.73 14.31 -5.04
C ALA C 189 39.63 12.97 -5.74
N PRO C 190 39.84 11.86 -5.02
CA PRO C 190 39.76 10.53 -5.64
C PRO C 190 38.36 10.30 -6.21
N GLN C 191 38.21 9.40 -7.18
CA GLN C 191 36.89 9.19 -7.76
C GLN C 191 36.79 7.90 -8.54
N LYS C 192 35.99 6.97 -8.05
CA LYS C 192 35.79 5.71 -8.78
C LYS C 192 34.72 6.02 -9.81
N PRO C 193 34.81 5.40 -11.00
CA PRO C 193 33.93 5.52 -12.16
C PRO C 193 32.52 5.05 -11.92
N ALA C 194 31.55 5.78 -12.44
CA ALA C 194 30.16 5.41 -12.26
C ALA C 194 29.89 4.14 -13.05
N PRO C 195 29.10 3.21 -12.48
CA PRO C 195 28.82 1.97 -13.20
C PRO C 195 28.10 2.26 -14.51
N PRO C 196 28.26 1.35 -15.48
CA PRO C 196 27.66 1.43 -16.81
C PRO C 196 26.14 1.30 -16.81
N LEU C 197 25.48 2.03 -17.69
CA LEU C 197 24.03 1.96 -17.80
C LEU C 197 23.73 1.36 -19.14
N ASP C 198 22.72 0.52 -19.22
CA ASP C 198 22.42 -0.08 -20.51
C ASP C 198 21.47 0.74 -21.32
N THR C 199 20.60 1.47 -20.66
CA THR C 199 19.65 2.28 -21.38
C THR C 199 19.76 3.68 -20.83
N ASP C 200 19.68 4.67 -21.71
CA ASP C 200 19.79 6.05 -21.25
C ASP C 200 18.75 6.44 -20.20
N ARG C 201 19.18 7.29 -19.27
CA ARG C 201 18.36 7.80 -18.19
C ARG C 201 18.65 9.27 -18.16
N PHE C 202 17.64 10.10 -18.02
CA PHE C 202 17.89 11.54 -18.01
C PHE C 202 17.60 12.21 -16.69
N VAL C 203 18.26 13.33 -16.46
CA VAL C 203 18.04 14.09 -15.26
C VAL C 203 17.80 15.50 -15.79
N LEU C 204 16.64 16.05 -15.52
CA LEU C 204 16.35 17.37 -16.01
C LEU C 204 16.72 18.35 -14.92
N LEU C 205 17.66 19.24 -15.23
CA LEU C 205 18.10 20.27 -14.30
C LEU C 205 17.47 21.62 -14.69
N VAL C 206 16.78 22.24 -13.74
CA VAL C 206 16.16 23.52 -14.02
C VAL C 206 16.45 24.47 -12.89
N SER C 207 16.32 25.76 -13.14
CA SER C 207 16.58 26.67 -12.05
C SER C 207 16.09 28.07 -12.36
N GLY C 208 15.73 28.81 -11.33
CA GLY C 208 15.24 30.16 -11.55
C GLY C 208 13.83 30.31 -12.11
N LEU C 209 12.89 29.45 -11.72
CA LEU C 209 11.52 29.57 -12.22
C LEU C 209 11.00 30.97 -11.96
N GLY C 210 11.49 31.56 -10.87
CA GLY C 210 11.10 32.90 -10.49
C GLY C 210 9.64 33.31 -10.60
N LEU C 211 8.79 32.70 -9.79
CA LEU C 211 7.39 33.05 -9.81
C LEU C 211 7.19 34.34 -9.05
N GLY C 212 6.26 35.16 -9.51
CA GLY C 212 6.02 36.44 -8.87
C GLY C 212 6.06 37.61 -9.84
N GLY C 213 7.07 37.64 -10.70
CA GLY C 213 7.20 38.70 -11.70
C GLY C 213 7.74 38.12 -13.00
N GLY C 214 7.73 38.91 -14.08
CA GLY C 214 8.27 38.42 -15.36
C GLY C 214 7.38 38.33 -16.60
N GLY C 215 6.07 38.41 -16.44
CA GLY C 215 5.18 38.32 -17.59
C GLY C 215 4.81 36.89 -17.99
N GLY C 216 3.51 36.68 -18.19
CA GLY C 216 2.98 35.38 -18.56
C GLY C 216 3.73 34.55 -19.59
N GLU C 217 4.61 35.19 -20.37
CA GLU C 217 5.37 34.45 -21.39
C GLU C 217 6.28 33.50 -20.63
N SER C 218 6.83 34.01 -19.53
CA SER C 218 7.70 33.21 -18.67
C SER C 218 6.89 31.94 -18.31
N LEU C 219 5.56 32.10 -18.26
CA LEU C 219 4.64 31.02 -17.91
C LEU C 219 4.49 29.95 -18.94
N LEU C 220 3.88 30.26 -20.08
CA LEU C 220 3.69 29.23 -21.10
C LEU C 220 4.96 28.41 -21.25
N GLY C 221 6.08 29.12 -21.21
CA GLY C 221 7.36 28.45 -21.33
C GLY C 221 7.44 27.40 -20.25
N THR C 222 7.17 27.84 -19.03
CA THR C 222 7.18 26.96 -17.87
C THR C 222 6.20 25.81 -18.04
N GLN C 223 4.97 26.10 -18.47
CA GLN C 223 3.98 25.05 -18.66
C GLN C 223 4.57 24.01 -19.60
N LEU C 224 5.05 24.48 -20.76
CA LEU C 224 5.65 23.57 -21.74
C LEU C 224 6.74 22.72 -21.10
N LEU C 225 7.59 23.33 -20.29
CA LEU C 225 8.64 22.59 -19.61
C LEU C 225 7.99 21.42 -18.90
N VAL C 226 7.16 21.74 -17.90
CA VAL C 226 6.45 20.74 -17.13
C VAL C 226 5.82 19.67 -18.01
N ASP C 227 4.99 20.13 -18.93
CA ASP C 227 4.29 19.26 -19.85
C ASP C 227 5.18 18.36 -20.68
N VAL C 228 6.47 18.66 -20.79
CA VAL C 228 7.30 17.76 -21.59
C VAL C 228 7.72 16.57 -20.74
N VAL C 229 8.11 16.85 -19.51
CA VAL C 229 8.56 15.79 -18.63
C VAL C 229 7.37 14.98 -18.20
N THR C 230 6.24 15.66 -18.05
CA THR C 230 5.04 15.01 -17.60
C THR C 230 4.52 13.99 -18.58
N GLY C 231 4.65 14.32 -19.87
CA GLY C 231 4.16 13.43 -20.92
C GLY C 231 2.97 14.03 -21.64
N GLN C 232 2.63 15.27 -21.31
CA GLN C 232 1.51 15.95 -21.92
C GLN C 232 1.75 16.25 -23.39
N LEU C 233 2.74 17.09 -23.71
CA LEU C 233 2.97 17.43 -25.11
C LEU C 233 3.98 16.55 -25.82
N GLY C 234 4.08 16.77 -27.13
CA GLY C 234 4.98 16.01 -27.97
C GLY C 234 4.38 14.72 -28.51
N ASP C 235 5.08 14.09 -29.45
CA ASP C 235 4.64 12.84 -30.02
C ASP C 235 5.33 11.72 -29.25
N GLU C 236 4.92 10.49 -29.50
CA GLU C 236 5.50 9.33 -28.85
C GLU C 236 7.03 9.29 -28.76
N GLY C 237 7.72 9.92 -29.70
CA GLY C 237 9.17 9.89 -29.64
C GLY C 237 9.61 10.69 -28.44
N GLU C 238 9.18 11.95 -28.38
CA GLU C 238 9.50 12.84 -27.29
C GLU C 238 9.16 12.13 -26.01
N GLN C 239 7.87 11.77 -25.91
CA GLN C 239 7.28 11.09 -24.77
C GLN C 239 8.05 9.85 -24.33
N CYS C 240 8.24 8.90 -25.21
CA CYS C 240 8.99 7.72 -24.81
C CYS C 240 10.37 8.09 -24.28
N SER C 241 10.92 9.22 -24.69
CA SER C 241 12.22 9.59 -24.15
C SER C 241 12.09 10.43 -22.89
N ALA C 242 11.09 11.29 -22.83
CA ALA C 242 10.90 12.08 -21.63
C ALA C 242 10.66 11.03 -20.55
N ALA C 243 9.97 9.97 -20.97
CA ALA C 243 9.66 8.85 -20.08
C ALA C 243 10.95 8.32 -19.48
N HIS C 244 12.01 8.38 -20.25
CA HIS C 244 13.29 7.91 -19.76
C HIS C 244 13.94 8.87 -18.75
N VAL C 245 13.27 9.96 -18.42
CA VAL C 245 13.85 10.89 -17.44
C VAL C 245 13.70 10.28 -16.05
N SER C 246 14.81 10.13 -15.35
CA SER C 246 14.79 9.52 -14.03
C SER C 246 14.50 10.45 -12.87
N ARG C 247 14.99 11.67 -12.91
CA ARG C 247 14.70 12.59 -11.81
C ARG C 247 14.73 14.04 -12.28
N VAL C 248 14.19 14.95 -11.48
CA VAL C 248 14.16 16.36 -11.83
C VAL C 248 14.63 17.19 -10.66
N ILE C 249 15.71 17.93 -10.86
CA ILE C 249 16.25 18.79 -9.82
C ILE C 249 15.97 20.28 -10.10
N LEU C 250 15.34 20.96 -9.15
CA LEU C 250 15.09 22.38 -9.30
C LEU C 250 16.09 23.04 -8.36
N ALA C 251 17.05 23.79 -8.90
CA ALA C 251 18.04 24.42 -8.03
C ALA C 251 17.79 25.86 -7.73
N GLY C 252 17.06 26.08 -6.66
CA GLY C 252 16.78 27.42 -6.18
C GLY C 252 16.12 28.49 -7.03
N ASN C 253 15.74 29.56 -6.34
CA ASN C 253 15.08 30.70 -6.94
C ASN C 253 13.84 30.26 -7.63
N LEU C 254 12.92 29.68 -6.89
CA LEU C 254 11.72 29.27 -7.57
C LEU C 254 10.75 30.41 -7.47
N LEU C 255 10.91 31.22 -6.44
CA LEU C 255 10.05 32.37 -6.22
C LEU C 255 10.99 33.56 -6.21
N SER C 256 10.54 34.75 -6.58
CA SER C 256 11.45 35.87 -6.55
C SER C 256 10.79 37.14 -6.13
N HIS C 257 11.61 37.99 -5.51
CA HIS C 257 11.19 39.27 -4.95
C HIS C 257 12.02 40.47 -5.46
N LEU C 271 1.21 48.75 -0.09
CA LEU C 271 2.19 47.71 -0.39
C LEU C 271 1.75 46.39 0.23
N THR C 272 2.15 46.18 1.48
CA THR C 272 1.84 44.96 2.25
C THR C 272 0.54 44.23 1.89
N LYS C 273 -0.55 44.97 1.69
CA LYS C 273 -1.84 44.36 1.34
C LYS C 273 -1.76 43.41 0.15
N LYS C 274 -1.50 43.94 -1.05
CA LYS C 274 -1.43 43.11 -2.25
C LYS C 274 -0.12 42.33 -2.37
N THR C 275 0.98 42.94 -1.93
CA THR C 275 2.28 42.27 -2.01
C THR C 275 2.14 40.89 -1.39
N GLN C 276 1.50 40.84 -0.23
CA GLN C 276 1.31 39.59 0.48
C GLN C 276 0.61 38.63 -0.48
N ALA C 277 -0.66 38.91 -0.76
CA ALA C 277 -1.46 38.09 -1.67
C ALA C 277 -0.58 37.55 -2.80
N ALA C 278 0.14 38.45 -3.46
CA ALA C 278 1.01 38.07 -4.58
C ALA C 278 1.97 36.99 -4.12
N SER C 279 2.80 37.32 -3.14
CA SER C 279 3.75 36.35 -2.66
C SER C 279 3.05 35.05 -2.35
N VAL C 280 1.84 35.15 -1.80
CA VAL C 280 1.12 33.94 -1.47
C VAL C 280 0.74 33.18 -2.73
N GLU C 281 0.17 33.90 -3.68
CA GLU C 281 -0.23 33.28 -4.95
C GLU C 281 0.95 32.54 -5.57
N ALA C 282 2.06 33.25 -5.72
CA ALA C 282 3.24 32.64 -6.30
C ALA C 282 3.44 31.28 -5.67
N VAL C 283 3.75 31.27 -4.38
CA VAL C 283 3.99 30.01 -3.71
C VAL C 283 2.93 29.01 -4.14
N LYS C 284 1.66 29.41 -4.08
CA LYS C 284 0.61 28.51 -4.50
C LYS C 284 0.96 27.85 -5.84
N MET C 285 1.23 28.65 -6.86
CA MET C 285 1.56 28.12 -8.18
C MET C 285 2.69 27.11 -8.14
N LEU C 286 3.76 27.49 -7.47
CA LEU C 286 4.90 26.61 -7.37
C LEU C 286 4.43 25.28 -6.78
N ASP C 287 3.42 25.34 -5.93
CA ASP C 287 2.91 24.12 -5.33
C ASP C 287 2.33 23.32 -6.46
N GLU C 288 1.39 23.96 -7.18
CA GLU C 288 0.71 23.35 -8.31
C GLU C 288 1.72 22.78 -9.32
N ILE C 289 2.78 23.53 -9.59
CA ILE C 289 3.78 23.04 -10.51
C ILE C 289 4.43 21.81 -9.89
N LEU C 290 4.91 21.96 -8.65
CA LEU C 290 5.56 20.85 -7.97
C LEU C 290 4.65 19.65 -7.96
N LEU C 291 3.35 19.89 -7.82
CA LEU C 291 2.37 18.84 -7.82
C LEU C 291 2.42 18.05 -9.12
N GLN C 292 2.10 18.73 -10.23
CA GLN C 292 2.10 18.11 -11.54
C GLN C 292 3.38 17.30 -11.73
N LEU C 293 4.50 17.92 -11.38
CA LEU C 293 5.77 17.25 -11.52
C LEU C 293 5.80 15.99 -10.68
N SER C 294 5.46 16.14 -9.41
CA SER C 294 5.46 15.03 -8.46
C SER C 294 4.57 13.89 -8.89
N ALA C 295 3.47 14.21 -9.54
CA ALA C 295 2.57 13.18 -9.94
C ALA C 295 3.11 12.38 -11.08
N SER C 296 4.22 12.81 -11.65
CA SER C 296 4.75 12.09 -12.80
C SER C 296 6.15 11.56 -12.62
N VAL C 297 6.98 12.30 -11.92
CA VAL C 297 8.35 11.87 -11.79
C VAL C 297 8.93 12.42 -10.50
N PRO C 298 10.01 11.79 -10.00
CA PRO C 298 10.66 12.24 -8.78
C PRO C 298 11.15 13.68 -8.93
N VAL C 299 10.95 14.52 -7.91
CA VAL C 299 11.41 15.90 -7.98
C VAL C 299 12.06 16.35 -6.68
N ASP C 300 13.26 16.91 -6.80
CA ASP C 300 14.03 17.41 -5.65
C ASP C 300 14.05 18.92 -5.74
N VAL C 301 13.60 19.57 -4.68
CA VAL C 301 13.61 21.02 -4.69
C VAL C 301 14.75 21.55 -3.83
N MET C 302 15.40 22.59 -4.33
CA MET C 302 16.49 23.20 -3.60
C MET C 302 16.17 24.64 -3.30
N PRO C 303 16.45 25.06 -2.08
CA PRO C 303 16.19 26.43 -1.65
C PRO C 303 17.12 27.35 -2.38
N GLY C 304 16.74 28.62 -2.52
CA GLY C 304 17.60 29.53 -3.25
C GLY C 304 17.95 30.80 -2.53
N GLU C 305 18.07 31.87 -3.30
CA GLU C 305 18.42 33.19 -2.78
C GLU C 305 17.58 33.52 -1.57
N PHE C 306 16.34 33.92 -1.83
CA PHE C 306 15.44 34.26 -0.76
C PHE C 306 14.23 33.35 -0.68
N ASP C 307 14.48 32.13 -0.22
CA ASP C 307 13.42 31.15 -0.03
C ASP C 307 13.37 31.00 1.49
N PRO C 308 12.23 30.60 2.04
CA PRO C 308 12.06 30.43 3.49
C PRO C 308 13.04 29.49 4.18
N THR C 309 14.27 29.96 4.41
CA THR C 309 15.28 29.15 5.08
C THR C 309 16.50 30.02 5.37
N ASN C 310 17.57 29.44 5.91
CA ASN C 310 18.77 30.23 6.22
C ASN C 310 19.48 30.80 5.01
N TYR C 311 20.03 31.99 5.17
CA TYR C 311 20.78 32.65 4.10
C TYR C 311 22.18 32.08 4.04
N THR C 312 22.74 31.73 5.19
CA THR C 312 24.09 31.15 5.27
C THR C 312 24.17 30.03 4.22
N LEU C 313 25.36 29.48 3.99
CA LEU C 313 25.43 28.50 2.93
C LEU C 313 24.76 27.16 3.08
N PRO C 314 25.08 26.37 4.11
CA PRO C 314 24.28 25.13 4.01
C PRO C 314 22.81 25.35 4.33
N GLN C 315 22.07 25.89 3.36
CA GLN C 315 20.64 26.17 3.49
C GLN C 315 19.89 24.88 3.78
N GLN C 316 19.07 24.91 4.83
CA GLN C 316 18.30 23.73 5.14
C GLN C 316 17.03 23.75 4.30
N PRO C 317 16.53 22.56 3.95
CA PRO C 317 15.34 22.34 3.14
C PRO C 317 14.19 23.31 3.40
N LEU C 318 13.24 23.34 2.48
CA LEU C 318 12.09 24.21 2.65
C LEU C 318 11.07 23.50 3.53
N HIS C 319 10.16 24.27 4.10
CA HIS C 319 9.17 23.68 4.99
C HIS C 319 7.96 23.06 4.28
N PRO C 320 7.65 21.78 4.54
CA PRO C 320 6.50 21.12 3.90
C PRO C 320 5.24 21.95 4.01
N CYS C 321 5.20 22.83 4.99
CA CYS C 321 4.04 23.69 5.19
C CYS C 321 3.79 24.60 3.98
N MET C 322 4.73 24.66 3.05
CA MET C 322 4.55 25.51 1.89
C MET C 322 3.86 24.80 0.76
N PHE C 323 4.22 23.54 0.55
CA PHE C 323 3.67 22.79 -0.57
C PHE C 323 2.70 21.69 -0.18
N PRO C 324 1.49 22.08 0.24
CA PRO C 324 0.45 21.15 0.64
C PRO C 324 0.21 20.18 -0.47
N LEU C 325 -0.28 20.73 -1.58
CA LEU C 325 -0.60 19.92 -2.74
C LEU C 325 0.46 18.91 -3.11
N ALA C 326 1.69 19.39 -3.27
CA ALA C 326 2.77 18.53 -3.69
C ALA C 326 3.17 17.45 -2.72
N THR C 327 3.52 17.88 -1.50
CA THR C 327 3.99 16.99 -0.44
C THR C 327 3.20 15.70 -0.30
N ALA C 328 2.00 15.70 -0.85
CA ALA C 328 1.15 14.53 -0.79
C ALA C 328 1.80 13.36 -1.52
N TYR C 329 2.75 13.66 -2.39
CA TYR C 329 3.41 12.64 -3.16
C TYR C 329 4.74 12.22 -2.60
N SER C 330 4.96 10.92 -2.58
CA SER C 330 6.18 10.35 -2.05
C SER C 330 7.34 10.64 -2.99
N THR C 331 7.03 11.19 -4.15
CA THR C 331 8.06 11.48 -5.11
C THR C 331 8.64 12.86 -4.87
N LEU C 332 7.88 13.75 -4.24
CA LEU C 332 8.41 15.08 -3.95
C LEU C 332 9.43 14.92 -2.84
N GLN C 333 10.44 15.81 -2.78
CA GLN C 333 11.49 15.74 -1.75
C GLN C 333 12.18 17.09 -1.63
N LEU C 334 12.12 17.70 -0.46
CA LEU C 334 12.76 18.99 -0.30
C LEU C 334 14.18 18.80 0.22
N VAL C 335 15.18 18.97 -0.63
CA VAL C 335 16.55 18.76 -0.19
C VAL C 335 17.29 20.01 0.24
N THR C 336 18.47 19.77 0.81
CA THR C 336 19.41 20.76 1.37
C THR C 336 19.92 21.66 0.27
N ASN C 337 20.71 22.69 0.59
CA ASN C 337 21.22 23.48 -0.53
C ASN C 337 22.33 22.73 -1.21
N PRO C 338 23.61 23.03 -0.91
CA PRO C 338 24.56 22.20 -1.68
C PRO C 338 24.01 20.78 -1.56
N TYR C 339 23.54 20.23 -2.68
CA TYR C 339 22.88 18.93 -2.73
C TYR C 339 23.70 17.78 -3.33
N GLN C 340 23.74 16.65 -2.63
CA GLN C 340 24.48 15.48 -3.09
C GLN C 340 23.58 14.28 -3.12
N ALA C 341 23.76 13.46 -4.14
CA ALA C 341 22.96 12.25 -4.30
C ALA C 341 23.49 11.40 -5.43
N THR C 342 23.18 10.10 -5.38
CA THR C 342 23.63 9.22 -6.44
C THR C 342 22.46 8.70 -7.24
N ILE C 343 22.29 9.25 -8.43
CA ILE C 343 21.19 8.86 -9.28
C ILE C 343 21.62 7.79 -10.25
N ASP C 344 20.84 6.74 -10.34
CA ASP C 344 21.11 5.62 -11.23
C ASP C 344 22.61 5.31 -11.34
N GLY C 345 23.30 5.39 -10.21
CA GLY C 345 24.74 5.09 -10.18
C GLY C 345 25.68 6.24 -10.51
N VAL C 346 25.15 7.45 -10.66
CA VAL C 346 25.96 8.60 -11.01
C VAL C 346 25.96 9.64 -9.91
N ARG C 347 27.14 9.98 -9.41
CA ARG C 347 27.20 10.95 -8.32
C ARG C 347 27.01 12.40 -8.78
N PHE C 348 25.92 13.02 -8.32
CA PHE C 348 25.63 14.40 -8.64
C PHE C 348 25.91 15.28 -7.43
N LEU C 349 26.28 16.52 -7.70
CA LEU C 349 26.56 17.49 -6.65
C LEU C 349 26.39 18.87 -7.28
N GLY C 350 25.65 19.73 -6.59
CA GLY C 350 25.42 21.04 -7.13
C GLY C 350 24.80 21.93 -6.09
N THR C 351 24.84 23.21 -6.38
CA THR C 351 24.29 24.19 -5.48
C THR C 351 23.35 25.00 -6.31
N SER C 352 22.54 25.79 -5.63
CA SER C 352 21.59 26.60 -6.34
C SER C 352 22.25 27.89 -6.77
N GLY C 353 23.57 27.88 -6.87
CA GLY C 353 24.25 29.06 -7.36
C GLY C 353 25.15 29.92 -6.47
N GLN C 354 24.60 30.45 -5.39
CA GLN C 354 25.35 31.33 -4.48
C GLN C 354 26.87 31.21 -4.49
N ASN C 355 27.41 30.02 -4.20
CA ASN C 355 28.86 29.85 -4.17
C ASN C 355 29.55 30.46 -5.38
N VAL C 356 29.11 30.14 -6.59
CA VAL C 356 29.73 30.74 -7.78
C VAL C 356 29.44 32.23 -7.83
N SER C 357 28.22 32.62 -7.50
CA SER C 357 27.81 34.01 -7.49
C SER C 357 28.79 34.88 -6.73
N ASP C 358 29.35 34.34 -5.66
CA ASP C 358 30.31 35.09 -4.85
C ASP C 358 31.68 35.10 -5.46
N ILE C 359 32.22 33.93 -5.72
CA ILE C 359 33.53 33.87 -6.31
C ILE C 359 33.55 34.90 -7.42
N PHE C 360 32.42 35.08 -8.10
CA PHE C 360 32.33 36.06 -9.17
C PHE C 360 32.52 37.48 -8.63
N ARG C 361 31.76 37.83 -7.60
CA ARG C 361 31.86 39.17 -7.03
C ARG C 361 33.28 39.61 -6.69
N TYR C 362 34.13 38.69 -6.27
CA TYR C 362 35.48 39.06 -5.89
C TYR C 362 36.57 38.55 -6.82
N SER C 363 36.15 37.94 -7.92
CA SER C 363 37.13 37.46 -8.89
C SER C 363 37.00 38.26 -10.16
N SER C 364 37.89 37.98 -11.10
CA SER C 364 37.87 38.65 -12.37
C SER C 364 37.26 37.67 -13.37
N MET C 365 37.29 36.39 -13.01
CA MET C 365 36.72 35.37 -13.86
C MET C 365 35.33 35.84 -14.29
N GLU C 366 35.03 35.68 -15.56
CA GLU C 366 33.76 36.10 -16.12
C GLU C 366 32.82 34.94 -16.29
N ASP C 367 33.31 33.91 -16.96
CA ASP C 367 32.54 32.72 -17.25
C ASP C 367 32.26 31.87 -16.03
N HIS C 368 30.98 31.78 -15.69
CA HIS C 368 30.55 31.01 -14.56
C HIS C 368 31.01 29.59 -14.69
N LEU C 369 30.86 29.03 -15.88
CA LEU C 369 31.27 27.66 -16.11
C LEU C 369 32.72 27.50 -15.67
N GLU C 370 33.50 28.58 -15.81
CA GLU C 370 34.91 28.55 -15.40
C GLU C 370 34.96 28.56 -13.88
N ILE C 371 34.39 29.62 -13.30
CA ILE C 371 34.36 29.76 -11.86
C ILE C 371 33.94 28.44 -11.26
N LEU C 372 33.01 27.77 -11.92
CA LEU C 372 32.53 26.49 -11.44
C LEU C 372 33.67 25.50 -11.44
N GLU C 373 34.33 25.37 -12.59
CA GLU C 373 35.46 24.46 -12.71
C GLU C 373 36.51 24.85 -11.69
N TRP C 374 36.63 26.15 -11.47
CA TRP C 374 37.61 26.66 -10.52
C TRP C 374 37.50 25.95 -9.20
N THR C 375 36.33 26.09 -8.57
CA THR C 375 36.06 25.47 -7.29
C THR C 375 36.39 23.99 -7.26
N LEU C 376 36.09 23.29 -8.34
CA LEU C 376 36.36 21.87 -8.38
C LEU C 376 37.86 21.62 -8.32
N ARG C 377 38.63 22.57 -8.84
CA ARG C 377 40.09 22.48 -8.87
C ARG C 377 40.69 22.92 -7.55
N VAL C 378 39.96 23.72 -6.79
CA VAL C 378 40.44 24.22 -5.52
C VAL C 378 39.87 23.37 -4.39
N ARG C 379 39.35 22.20 -4.74
CA ARG C 379 38.74 21.28 -3.77
C ARG C 379 37.84 21.96 -2.74
N HIS C 380 37.09 22.97 -3.17
CA HIS C 380 36.22 23.66 -2.23
C HIS C 380 34.99 24.36 -2.85
N ILE C 381 33.84 23.70 -2.68
CA ILE C 381 32.57 24.20 -3.20
C ILE C 381 32.35 25.70 -3.11
N SER C 382 32.80 26.32 -2.04
CA SER C 382 32.60 27.74 -1.93
C SER C 382 33.52 28.30 -0.88
N PRO C 383 34.79 28.49 -1.23
CA PRO C 383 35.83 29.02 -0.35
C PRO C 383 35.47 30.41 0.17
N THR C 384 34.65 31.09 -0.60
CA THR C 384 34.21 32.42 -0.22
C THR C 384 33.27 32.39 0.99
N ALA C 385 33.10 31.22 1.61
CA ALA C 385 32.22 31.08 2.76
C ALA C 385 32.96 30.94 4.08
N PRO C 386 32.39 31.48 5.16
CA PRO C 386 32.95 31.45 6.52
C PRO C 386 32.96 30.09 7.26
N ASP C 387 33.83 29.98 8.28
CA ASP C 387 34.01 28.75 9.08
C ASP C 387 33.05 28.54 10.26
N THR C 388 32.54 27.31 10.40
CA THR C 388 31.63 26.94 11.48
C THR C 388 31.52 25.42 11.71
N LYS C 396 33.09 19.89 13.05
CA LYS C 396 34.04 20.88 12.58
C LYS C 396 34.91 20.33 11.47
N THR C 397 34.25 19.84 10.43
CA THR C 397 34.92 19.30 9.25
C THR C 397 34.37 20.21 8.15
N ASP C 398 35.21 20.71 7.24
CA ASP C 398 34.62 21.55 6.21
C ASP C 398 33.91 20.63 5.24
N PRO C 399 32.58 20.75 5.16
CA PRO C 399 31.71 19.95 4.29
C PRO C 399 32.01 20.28 2.85
N PHE C 400 32.40 21.54 2.66
CA PHE C 400 32.69 22.05 1.34
C PHE C 400 34.00 21.60 0.70
N ILE C 401 34.62 20.58 1.28
CA ILE C 401 35.84 20.06 0.74
C ILE C 401 35.49 18.70 0.21
N PHE C 402 35.56 18.56 -1.10
CA PHE C 402 35.22 17.32 -1.73
C PHE C 402 35.96 16.12 -1.14
N PRO C 403 35.21 15.15 -0.61
CA PRO C 403 35.73 13.92 0.00
C PRO C 403 36.09 12.97 -1.14
N GLU C 404 35.22 12.96 -2.14
CA GLU C 404 35.42 12.17 -3.35
C GLU C 404 35.07 13.14 -4.48
N CYS C 405 35.33 12.78 -5.73
CA CYS C 405 35.01 13.69 -6.82
C CYS C 405 33.68 13.38 -7.48
N PRO C 406 32.81 14.37 -7.59
CA PRO C 406 31.51 14.11 -8.22
C PRO C 406 31.67 13.63 -9.66
N HIS C 407 30.56 13.20 -10.29
CA HIS C 407 30.56 12.79 -11.68
C HIS C 407 29.96 13.93 -12.50
N VAL C 408 28.97 14.56 -11.89
CA VAL C 408 28.30 15.69 -12.48
C VAL C 408 28.35 16.75 -11.40
N TYR C 409 28.81 17.94 -11.74
CA TYR C 409 28.87 19.03 -10.77
C TYR C 409 28.12 20.19 -11.42
N PHE C 410 27.03 20.61 -10.79
CA PHE C 410 26.25 21.68 -11.37
C PHE C 410 26.17 22.93 -10.57
N CYS C 411 25.64 23.94 -11.21
CA CYS C 411 25.59 25.22 -10.59
C CYS C 411 24.29 25.97 -10.80
N GLY C 412 23.96 26.80 -9.81
CA GLY C 412 22.72 27.59 -9.79
C GLY C 412 22.21 28.39 -10.97
N ASN C 413 21.63 29.55 -10.66
CA ASN C 413 21.05 30.43 -11.66
C ASN C 413 22.03 31.20 -12.53
N THR C 414 22.76 30.45 -13.35
CA THR C 414 23.71 31.02 -14.29
C THR C 414 22.87 31.84 -15.28
N PRO C 415 23.46 32.91 -15.84
CA PRO C 415 22.70 33.73 -16.80
C PRO C 415 22.67 33.05 -18.16
N SER C 416 23.46 31.98 -18.32
CA SER C 416 23.50 31.24 -19.59
C SER C 416 23.85 29.78 -19.42
N PHE C 417 23.27 28.94 -20.26
CA PHE C 417 23.54 27.51 -20.18
C PHE C 417 25.00 27.25 -20.35
N GLY C 418 25.50 26.26 -19.62
CA GLY C 418 26.90 25.94 -19.73
C GLY C 418 27.19 24.50 -19.42
N SER C 419 28.11 23.94 -20.19
CA SER C 419 28.47 22.55 -20.03
C SER C 419 29.87 22.23 -20.53
N LYS C 420 30.55 21.33 -19.83
CA LYS C 420 31.89 20.95 -20.22
C LYS C 420 32.30 19.72 -19.44
N ILE C 421 33.08 18.85 -20.07
CA ILE C 421 33.58 17.68 -19.36
C ILE C 421 35.03 17.98 -19.10
N ILE C 422 35.50 17.74 -17.89
CA ILE C 422 36.90 17.99 -17.55
C ILE C 422 37.48 16.72 -16.96
N ARG C 423 38.80 16.61 -16.98
CA ARG C 423 39.45 15.43 -16.44
C ARG C 423 40.43 15.86 -15.35
N GLY C 424 40.88 14.91 -14.53
CA GLY C 424 41.78 15.31 -13.45
C GLY C 424 43.06 14.55 -13.36
N PRO C 425 44.00 14.99 -12.51
CA PRO C 425 45.31 14.39 -12.27
C PRO C 425 45.22 12.88 -12.38
N GLU C 426 44.60 12.24 -11.42
CA GLU C 426 44.43 10.79 -11.50
C GLU C 426 43.19 10.74 -12.38
N ASP C 427 43.39 10.68 -13.69
CA ASP C 427 42.29 10.67 -14.65
C ASP C 427 40.92 10.38 -14.08
N GLN C 428 40.20 11.45 -13.80
CA GLN C 428 38.86 11.35 -13.27
C GLN C 428 38.06 12.05 -14.34
N THR C 429 36.77 11.79 -14.40
CA THR C 429 35.92 12.42 -15.37
C THR C 429 34.84 13.17 -14.62
N VAL C 430 34.59 14.41 -15.00
CA VAL C 430 33.59 15.18 -14.32
C VAL C 430 32.89 16.11 -15.28
N LEU C 431 31.57 16.02 -15.29
CA LEU C 431 30.75 16.83 -16.17
C LEU C 431 30.24 18.06 -15.41
N LEU C 432 30.62 19.24 -15.87
CA LEU C 432 30.19 20.46 -15.22
C LEU C 432 28.99 20.94 -15.96
N VAL C 433 28.14 21.69 -15.25
CA VAL C 433 26.93 22.24 -15.84
C VAL C 433 26.51 23.54 -15.16
N THR C 434 26.18 24.54 -15.95
CA THR C 434 25.70 25.77 -15.33
C THR C 434 24.26 25.92 -15.80
N VAL C 435 23.31 25.62 -14.92
CA VAL C 435 21.91 25.71 -15.27
C VAL C 435 21.33 27.10 -15.21
N PRO C 436 21.10 27.69 -16.37
CA PRO C 436 20.55 29.02 -16.57
C PRO C 436 19.35 29.34 -15.73
N ASP C 437 19.07 30.63 -15.61
CA ASP C 437 17.90 31.10 -14.88
C ASP C 437 16.70 31.11 -15.82
N PHE C 438 15.95 30.03 -15.78
CA PHE C 438 14.76 29.87 -16.61
C PHE C 438 13.91 31.14 -16.73
N SER C 439 13.83 31.89 -15.63
CA SER C 439 13.03 33.12 -15.60
C SER C 439 13.30 33.96 -16.84
N ALA C 440 14.57 34.12 -17.18
CA ALA C 440 14.94 34.93 -18.33
C ALA C 440 15.48 34.17 -19.52
N THR C 441 15.68 32.87 -19.37
CA THR C 441 16.19 32.10 -20.50
C THR C 441 15.19 31.07 -20.99
N GLN C 442 14.41 30.51 -20.09
CA GLN C 442 13.44 29.50 -20.45
C GLN C 442 14.21 28.31 -21.03
N THR C 443 15.27 27.92 -20.34
CA THR C 443 16.10 26.82 -20.77
C THR C 443 16.48 25.95 -19.61
N ALA C 444 16.82 24.71 -19.89
CA ALA C 444 17.22 23.82 -18.84
C ALA C 444 18.13 22.78 -19.48
N CYS C 445 19.00 22.13 -18.71
CA CYS C 445 19.81 21.08 -19.32
C CYS C 445 19.16 19.73 -19.03
N LEU C 446 19.38 18.78 -19.95
CA LEU C 446 18.93 17.41 -19.81
C LEU C 446 20.22 16.60 -19.93
N VAL C 447 20.63 15.97 -18.83
CA VAL C 447 21.85 15.17 -18.80
C VAL C 447 21.52 13.72 -18.94
N ASN C 448 22.07 13.08 -19.95
CA ASN C 448 21.81 11.67 -20.11
C ASN C 448 22.87 11.01 -19.28
N LEU C 449 22.48 10.15 -18.34
CA LEU C 449 23.48 9.54 -17.50
C LEU C 449 24.30 8.42 -18.12
N ARG C 450 23.90 7.83 -19.22
CA ARG C 450 24.78 6.78 -19.66
C ARG C 450 25.90 7.31 -20.55
N SER C 451 25.88 8.61 -20.85
CA SER C 451 26.93 9.17 -21.69
C SER C 451 27.45 10.52 -21.18
N LEU C 452 26.75 11.14 -20.26
CA LEU C 452 27.17 12.43 -19.75
C LEU C 452 27.14 13.48 -20.82
N ALA C 453 25.98 13.66 -21.46
CA ALA C 453 25.83 14.67 -22.49
C ALA C 453 24.82 15.72 -22.02
N CYS C 454 25.21 16.99 -21.89
CA CYS C 454 24.22 17.98 -21.49
C CYS C 454 23.74 18.59 -22.76
N GLN C 455 22.47 18.89 -22.81
CA GLN C 455 21.93 19.52 -23.96
C GLN C 455 20.85 20.42 -23.42
N PRO C 456 20.83 21.65 -23.86
CA PRO C 456 19.78 22.54 -23.34
C PRO C 456 18.44 22.20 -23.97
N ILE C 457 17.37 22.61 -23.31
CA ILE C 457 16.04 22.44 -23.84
C ILE C 457 15.49 23.85 -23.67
N SER C 458 14.96 24.43 -24.75
CA SER C 458 14.42 25.77 -24.68
C SER C 458 12.98 25.82 -25.12
N PHE C 459 12.14 26.48 -24.35
CA PHE C 459 10.74 26.54 -24.68
C PHE C 459 10.31 27.92 -25.10
N SER C 460 9.35 27.96 -26.02
CA SER C 460 8.90 29.23 -26.54
C SER C 460 7.58 29.20 -27.25
N GLY C 461 6.88 30.31 -27.13
CA GLY C 461 5.59 30.44 -27.80
C GLY C 461 5.55 31.78 -28.51
N PHE C 462 4.91 31.80 -29.67
CA PHE C 462 4.82 33.01 -30.46
C PHE C 462 4.27 34.25 -29.75
N GLY C 463 4.73 35.41 -30.20
CA GLY C 463 4.26 36.68 -29.68
C GLY C 463 3.60 37.46 -30.81
N ALA C 464 2.91 38.56 -30.50
CA ALA C 464 2.26 39.34 -31.55
C ALA C 464 3.30 39.87 -32.53
N GLU C 465 3.20 39.42 -33.78
CA GLU C 465 4.13 39.84 -34.83
C GLU C 465 3.67 39.32 -36.19
N ALA D 2 -19.79 7.25 -33.04
CA ALA D 2 -18.35 7.21 -32.67
C ALA D 2 -17.69 8.52 -33.08
N ASP D 3 -16.80 8.42 -34.07
CA ASP D 3 -16.06 9.58 -34.57
C ASP D 3 -16.88 10.83 -34.88
N GLN D 4 -17.92 10.69 -35.69
CA GLN D 4 -18.73 11.85 -36.04
C GLN D 4 -19.12 12.61 -34.77
N LEU D 5 -18.99 11.94 -33.62
CA LEU D 5 -19.35 12.53 -32.35
C LEU D 5 -18.37 13.58 -31.85
N TYR D 6 -17.12 13.20 -31.62
CA TYR D 6 -16.14 14.17 -31.14
C TYR D 6 -16.03 15.36 -32.08
N LEU D 7 -16.35 15.13 -33.35
CA LEU D 7 -16.27 16.20 -34.33
C LEU D 7 -17.27 17.30 -34.01
N GLU D 8 -18.53 16.95 -33.84
CA GLU D 8 -19.54 17.95 -33.54
C GLU D 8 -19.10 18.66 -32.27
N ASN D 9 -18.80 17.85 -31.26
CA ASN D 9 -18.36 18.36 -29.98
C ASN D 9 -17.41 19.53 -30.17
N ILE D 10 -16.35 19.30 -30.94
CA ILE D 10 -15.36 20.34 -31.18
C ILE D 10 -15.95 21.55 -31.92
N ASP D 11 -16.79 21.29 -32.93
CA ASP D 11 -17.39 22.37 -33.67
C ASP D 11 -18.13 23.24 -32.67
N GLU D 12 -19.07 22.65 -31.95
CA GLU D 12 -19.86 23.38 -30.96
C GLU D 12 -18.94 24.23 -30.07
N PHE D 13 -17.73 23.74 -29.84
CA PHE D 13 -16.75 24.43 -29.00
C PHE D 13 -16.14 25.66 -29.66
N VAL D 14 -15.57 25.44 -30.84
CA VAL D 14 -14.89 26.51 -31.57
C VAL D 14 -15.82 27.54 -32.12
N THR D 15 -16.58 27.13 -33.13
CA THR D 15 -17.52 27.98 -33.85
C THR D 15 -18.67 28.54 -33.00
N ASP D 16 -19.42 27.67 -32.34
CA ASP D 16 -20.55 28.12 -31.52
C ASP D 16 -20.17 28.80 -30.21
N GLN D 17 -19.37 28.12 -29.39
CA GLN D 17 -18.94 28.67 -28.09
C GLN D 17 -17.80 29.67 -28.13
N ASN D 18 -17.01 29.62 -29.20
CA ASN D 18 -15.87 30.54 -29.35
C ASN D 18 -14.84 30.32 -28.27
N LYS D 19 -14.48 29.06 -28.06
CA LYS D 19 -13.50 28.71 -27.03
C LYS D 19 -12.18 28.33 -27.66
N ILE D 20 -11.07 28.62 -26.97
CA ILE D 20 -9.78 28.22 -27.50
C ILE D 20 -9.54 26.77 -27.13
N VAL D 21 -9.43 25.92 -28.14
CA VAL D 21 -9.25 24.50 -27.95
C VAL D 21 -7.81 23.98 -28.03
N THR D 22 -7.22 23.69 -26.88
CA THR D 22 -5.86 23.16 -26.82
C THR D 22 -6.00 21.67 -26.54
N TYR D 23 -5.07 20.85 -27.04
CA TYR D 23 -5.19 19.43 -26.80
C TYR D 23 -5.44 19.18 -25.32
N LYS D 24 -4.61 19.74 -24.46
CA LYS D 24 -4.79 19.52 -23.04
C LYS D 24 -6.23 19.81 -22.66
N TRP D 25 -6.68 21.02 -22.99
CA TRP D 25 -8.04 21.42 -22.67
C TRP D 25 -9.08 20.41 -23.16
N LEU D 26 -8.90 19.90 -24.38
CA LEU D 26 -9.82 18.93 -24.95
C LEU D 26 -9.62 17.62 -24.24
N SER D 27 -8.37 17.33 -23.89
CA SER D 27 -8.04 16.10 -23.20
C SER D 27 -8.90 15.98 -21.98
N TYR D 28 -8.78 16.97 -21.11
CA TYR D 28 -9.56 16.97 -19.89
C TYR D 28 -11.05 17.08 -20.18
N THR D 29 -11.42 17.91 -21.15
CA THR D 29 -12.82 18.14 -21.49
C THR D 29 -13.57 16.89 -21.97
N LEU D 30 -13.02 16.19 -22.95
CA LEU D 30 -13.70 15.00 -23.43
C LEU D 30 -13.19 13.76 -22.71
N GLY D 31 -12.22 13.96 -21.81
CA GLY D 31 -11.67 12.83 -21.08
C GLY D 31 -11.02 11.86 -22.02
N VAL D 32 -9.99 12.35 -22.70
CA VAL D 32 -9.30 11.52 -23.65
C VAL D 32 -7.80 11.70 -23.61
N HIS D 33 -7.13 10.59 -23.89
CA HIS D 33 -5.67 10.50 -23.93
C HIS D 33 -5.12 11.73 -24.59
N VAL D 34 -4.16 12.35 -23.92
CA VAL D 34 -3.57 13.56 -24.43
C VAL D 34 -3.18 13.44 -25.91
N ASN D 35 -2.73 12.28 -26.34
CA ASN D 35 -2.38 12.15 -27.74
C ASN D 35 -3.60 12.10 -28.64
N GLN D 36 -4.53 11.20 -28.31
CA GLN D 36 -5.77 11.06 -29.09
C GLN D 36 -6.48 12.40 -29.20
N ALA D 37 -6.26 13.28 -28.23
CA ALA D 37 -6.88 14.59 -28.28
C ALA D 37 -6.27 15.34 -29.45
N LYS D 38 -4.96 15.26 -29.55
CA LYS D 38 -4.22 15.92 -30.60
C LYS D 38 -4.69 15.40 -31.93
N GLN D 39 -4.78 14.08 -32.06
CA GLN D 39 -5.22 13.46 -33.32
C GLN D 39 -6.62 13.94 -33.63
N MET D 40 -7.38 14.22 -32.58
CA MET D 40 -8.73 14.70 -32.78
C MET D 40 -8.69 16.06 -33.42
N LEU D 41 -7.94 16.98 -32.84
CA LEU D 41 -7.88 18.28 -33.46
C LEU D 41 -7.47 18.16 -34.93
N TYR D 42 -6.44 17.37 -35.20
CA TYR D 42 -5.96 17.19 -36.56
C TYR D 42 -7.06 16.81 -37.50
N ASP D 43 -7.79 15.76 -37.17
CA ASP D 43 -8.88 15.32 -38.03
C ASP D 43 -9.88 16.45 -38.19
N TYR D 44 -10.23 17.12 -37.10
CA TYR D 44 -11.18 18.22 -37.18
C TYR D 44 -10.77 19.37 -38.09
N VAL D 45 -9.50 19.74 -38.14
CA VAL D 45 -9.17 20.82 -39.05
C VAL D 45 -9.29 20.32 -40.46
N GLU D 46 -8.71 19.16 -40.77
CA GLU D 46 -8.83 18.65 -42.14
C GLU D 46 -10.25 18.72 -42.66
N ARG D 47 -11.19 18.14 -41.93
CA ARG D 47 -12.60 18.16 -42.36
C ARG D 47 -13.01 19.60 -42.64
N LYS D 48 -13.08 20.41 -41.59
CA LYS D 48 -13.48 21.81 -41.70
C LYS D 48 -12.71 22.53 -42.84
N ARG D 49 -11.49 22.08 -43.11
CA ARG D 49 -10.69 22.70 -44.16
C ARG D 49 -11.13 22.26 -45.56
N LYS D 50 -11.43 20.97 -45.73
CA LYS D 50 -11.91 20.48 -47.03
C LYS D 50 -13.32 21.04 -47.22
N GLU D 51 -14.11 20.88 -46.18
CA GLU D 51 -15.48 21.36 -46.15
C GLU D 51 -15.60 22.78 -46.71
N ASN D 52 -15.13 23.77 -45.97
CA ASN D 52 -15.26 25.15 -46.43
C ASN D 52 -14.17 25.65 -47.37
N SER D 53 -12.94 25.18 -47.16
CA SER D 53 -11.80 25.58 -47.99
C SER D 53 -11.47 27.03 -47.68
N GLY D 54 -12.11 27.56 -46.65
CA GLY D 54 -11.90 28.93 -46.27
C GLY D 54 -12.77 29.29 -45.08
N ALA D 55 -12.92 28.34 -44.16
CA ALA D 55 -13.72 28.54 -42.94
C ALA D 55 -12.84 29.32 -41.96
N GLN D 56 -13.44 30.26 -41.23
CA GLN D 56 -12.67 31.05 -40.28
C GLN D 56 -12.08 30.15 -39.18
N LEU D 57 -10.93 29.54 -39.48
CA LEU D 57 -10.26 28.64 -38.54
C LEU D 57 -8.76 28.83 -38.46
N HIS D 58 -8.26 28.99 -37.24
CA HIS D 58 -6.83 29.17 -37.00
C HIS D 58 -6.20 28.06 -36.18
N VAL D 59 -5.05 27.57 -36.64
CA VAL D 59 -4.37 26.49 -35.95
C VAL D 59 -2.98 26.86 -35.49
N THR D 60 -2.53 26.17 -34.45
CA THR D 60 -1.20 26.36 -33.87
C THR D 60 -0.61 24.97 -33.62
N TYR D 61 0.68 24.81 -33.92
CA TYR D 61 1.35 23.54 -33.73
C TYR D 61 2.53 23.58 -32.74
N LEU D 62 2.92 22.39 -32.29
CA LEU D 62 4.04 22.24 -31.40
C LEU D 62 5.09 21.60 -32.25
N VAL D 63 6.24 22.26 -32.35
CA VAL D 63 7.33 21.74 -33.13
C VAL D 63 8.51 21.63 -32.21
N SER D 64 9.16 20.47 -32.23
CA SER D 64 10.29 20.25 -31.37
C SER D 64 11.36 19.50 -32.10
N GLY D 65 12.60 19.98 -31.96
CA GLY D 65 13.70 19.33 -32.62
C GLY D 65 15.03 19.88 -32.18
N SER D 66 16.05 19.36 -32.83
CA SER D 66 17.44 19.74 -32.61
C SER D 66 17.75 20.97 -33.44
N LEU D 67 18.49 21.88 -32.85
CA LEU D 67 18.88 23.09 -33.54
C LEU D 67 20.30 23.43 -33.14
N ILE D 68 21.26 23.17 -34.02
CA ILE D 68 22.65 23.47 -33.70
C ILE D 68 22.91 24.95 -33.94
N GLN D 69 23.68 25.58 -33.05
CA GLN D 69 24.03 26.99 -33.22
C GLN D 69 25.52 27.11 -33.58
N ASN D 70 26.38 26.57 -32.72
CA ASN D 70 27.81 26.57 -32.93
C ASN D 70 28.33 25.23 -32.40
N GLY D 71 28.14 24.18 -33.19
CA GLY D 71 28.58 22.86 -32.77
C GLY D 71 27.75 22.37 -31.61
N HIS D 72 27.33 23.31 -30.76
CA HIS D 72 26.51 23.03 -29.59
C HIS D 72 25.03 22.80 -29.96
N SER D 73 24.62 21.54 -29.88
CA SER D 73 23.28 21.09 -30.22
C SER D 73 22.18 21.39 -29.19
N CYS D 74 21.29 22.33 -29.46
CA CYS D 74 20.21 22.60 -28.51
C CYS D 74 18.84 22.07 -28.93
N HIS D 75 18.11 21.51 -27.98
CA HIS D 75 16.79 20.99 -28.28
C HIS D 75 15.81 22.13 -28.16
N LYS D 76 14.94 22.30 -29.13
CA LYS D 76 14.00 23.39 -29.02
C LYS D 76 12.58 22.86 -29.07
N VAL D 77 11.74 23.41 -28.19
CA VAL D 77 10.34 23.06 -28.08
C VAL D 77 9.54 24.36 -28.22
N ALA D 78 8.74 24.45 -29.28
CA ALA D 78 7.95 25.66 -29.50
C ALA D 78 6.56 25.50 -30.05
N VAL D 79 5.69 26.39 -29.56
CA VAL D 79 4.30 26.45 -30.00
C VAL D 79 4.33 27.58 -31.03
N VAL D 80 4.01 27.24 -32.27
CA VAL D 80 4.04 28.19 -33.36
C VAL D 80 2.71 28.43 -34.02
N ARG D 81 2.58 29.59 -34.64
CA ARG D 81 1.37 29.95 -35.33
C ARG D 81 1.39 29.19 -36.66
N GLU D 82 0.23 28.77 -37.13
CA GLU D 82 0.15 27.96 -38.34
C GLU D 82 1.13 28.29 -39.46
N ASP D 83 1.18 29.54 -39.91
CA ASP D 83 2.10 29.86 -40.99
C ASP D 83 3.51 29.43 -40.69
N LYS D 84 4.13 30.11 -39.74
CA LYS D 84 5.49 29.86 -39.33
C LYS D 84 5.96 28.39 -39.18
N LEU D 85 5.03 27.43 -39.07
CA LEU D 85 5.43 26.04 -38.90
C LEU D 85 6.46 25.58 -39.92
N GLU D 86 6.25 25.89 -41.18
CA GLU D 86 7.20 25.48 -42.22
C GLU D 86 8.58 26.05 -41.97
N ALA D 87 8.61 27.34 -41.65
CA ALA D 87 9.86 28.02 -41.38
C ALA D 87 10.61 27.33 -40.25
N VAL D 88 9.99 27.29 -39.07
CA VAL D 88 10.63 26.69 -37.93
C VAL D 88 11.11 25.29 -38.24
N LYS D 89 10.18 24.47 -38.73
CA LYS D 89 10.52 23.10 -39.03
C LYS D 89 11.79 23.00 -39.83
N SER D 90 12.04 23.97 -40.68
CA SER D 90 13.22 23.93 -41.53
C SER D 90 14.50 24.21 -40.78
N LYS D 91 14.49 25.24 -39.95
CA LYS D 91 15.68 25.62 -39.20
C LYS D 91 16.21 24.49 -38.31
N LEU D 92 15.38 23.48 -38.06
CA LEU D 92 15.78 22.35 -37.23
C LEU D 92 16.66 21.35 -37.94
N ALA D 93 17.63 20.86 -37.19
CA ALA D 93 18.56 19.87 -37.70
C ALA D 93 17.81 18.57 -37.87
N VAL D 94 17.38 18.03 -36.76
CA VAL D 94 16.61 16.80 -36.77
C VAL D 94 15.32 17.11 -36.00
N THR D 95 14.19 16.88 -36.65
CA THR D 95 12.93 17.19 -36.02
C THR D 95 12.29 16.00 -35.31
N ALA D 96 11.89 16.21 -34.07
CA ALA D 96 11.28 15.15 -33.27
C ALA D 96 9.77 15.14 -33.20
N SER D 97 9.16 16.26 -32.83
CA SER D 97 7.70 16.30 -32.70
C SER D 97 6.95 17.42 -33.38
N ILE D 98 5.82 17.04 -33.97
CA ILE D 98 4.92 17.96 -34.68
C ILE D 98 3.50 17.49 -34.49
N HIS D 99 2.64 18.37 -33.98
CA HIS D 99 1.25 18.00 -33.80
C HIS D 99 0.49 19.26 -33.45
N VAL D 100 -0.81 19.23 -33.72
CA VAL D 100 -1.65 20.39 -33.45
C VAL D 100 -1.53 20.74 -31.98
N TYR D 101 -1.70 22.01 -31.64
CA TYR D 101 -1.63 22.41 -30.23
C TYR D 101 -2.97 23.03 -29.92
N SER D 102 -3.39 23.98 -30.74
CA SER D 102 -4.69 24.63 -30.52
C SER D 102 -5.49 24.92 -31.79
N ILE D 103 -6.75 25.28 -31.58
CA ILE D 103 -7.72 25.58 -32.60
C ILE D 103 -8.58 26.72 -32.06
N GLN D 104 -8.64 27.83 -32.80
CA GLN D 104 -9.43 28.97 -32.37
C GLN D 104 -10.13 29.58 -33.56
N LYS D 105 -11.28 30.20 -33.32
CA LYS D 105 -12.02 30.84 -34.40
C LYS D 105 -11.28 32.13 -34.73
N ALA D 106 -10.99 32.92 -33.69
CA ALA D 106 -10.28 34.17 -33.87
C ALA D 106 -8.79 33.99 -33.64
N MET D 107 -7.98 34.62 -34.47
CA MET D 107 -6.54 34.52 -34.33
C MET D 107 -6.08 35.08 -32.99
N LEU D 108 -4.94 34.60 -32.48
CA LEU D 108 -4.44 35.03 -31.18
C LEU D 108 -3.29 36.00 -31.35
N LYS D 109 -3.28 37.06 -30.54
CA LYS D 109 -2.22 38.05 -30.61
C LYS D 109 -0.87 37.41 -30.29
N ASP D 110 -0.78 36.82 -29.10
CA ASP D 110 0.41 36.13 -28.64
C ASP D 110 -0.04 34.75 -28.21
N SER D 111 0.88 33.92 -27.77
CA SER D 111 0.55 32.57 -27.31
C SER D 111 -0.03 32.63 -25.91
N GLY D 112 -0.01 33.81 -25.32
CA GLY D 112 -0.52 34.01 -23.97
C GLY D 112 -1.76 33.22 -23.63
N PRO D 113 -2.93 33.62 -24.11
CA PRO D 113 -4.13 32.84 -23.77
C PRO D 113 -3.92 31.31 -23.77
N LEU D 114 -3.11 30.79 -24.70
CA LEU D 114 -2.85 29.36 -24.73
C LEU D 114 -2.44 28.82 -23.38
N PHE D 115 -2.01 29.71 -22.50
CA PHE D 115 -1.62 29.30 -21.16
C PHE D 115 -2.86 29.34 -20.34
N ASN D 116 -3.36 30.55 -20.15
CA ASN D 116 -4.55 30.76 -19.36
C ASN D 116 -5.53 29.62 -19.55
N THR D 117 -5.86 29.34 -20.80
CA THR D 117 -6.79 28.26 -21.08
C THR D 117 -6.32 27.04 -20.32
N ASP D 118 -5.19 26.49 -20.74
CA ASP D 118 -4.67 25.31 -20.07
C ASP D 118 -4.56 25.47 -18.56
N TYR D 119 -4.17 26.65 -18.08
CA TYR D 119 -4.02 26.84 -16.64
C TYR D 119 -5.34 26.70 -15.87
N ASP D 120 -6.41 27.25 -16.41
CA ASP D 120 -7.68 27.15 -15.72
C ASP D 120 -8.16 25.73 -15.65
N ILE D 121 -8.26 25.08 -16.79
CA ILE D 121 -8.73 23.71 -16.81
C ILE D 121 -7.90 22.87 -15.83
N LEU D 122 -6.67 23.29 -15.58
CA LEU D 122 -5.83 22.55 -14.65
C LEU D 122 -6.35 22.74 -13.24
N LYS D 123 -6.35 23.98 -12.78
CA LYS D 123 -6.84 24.28 -11.44
C LYS D 123 -8.10 23.47 -11.07
N SER D 124 -8.94 23.19 -12.05
CA SER D 124 -10.16 22.41 -11.81
C SER D 124 -9.90 20.91 -11.80
N ASN D 125 -8.81 20.48 -12.43
CA ASN D 125 -8.45 19.07 -12.46
C ASN D 125 -7.23 18.78 -11.59
N LEU D 126 -6.77 19.83 -10.92
CA LEU D 126 -5.60 19.75 -10.06
C LEU D 126 -5.49 18.40 -9.40
N GLN D 127 -6.64 17.77 -9.22
CA GLN D 127 -6.75 16.46 -8.60
C GLN D 127 -5.95 15.37 -9.30
N ASN D 128 -6.06 15.28 -10.60
CA ASN D 128 -5.35 14.24 -11.26
C ASN D 128 -4.70 14.65 -12.55
N CYS D 129 -3.53 15.27 -12.43
CA CYS D 129 -2.82 15.77 -13.58
C CYS D 129 -2.39 14.70 -14.55
N SER D 130 -1.68 13.71 -14.05
CA SER D 130 -1.20 12.68 -14.95
C SER D 130 -2.24 11.70 -15.42
N LYS D 131 -3.52 12.07 -15.33
CA LYS D 131 -4.55 11.15 -15.75
C LYS D 131 -4.47 10.82 -17.21
N PHE D 132 -4.31 11.84 -18.05
CA PHE D 132 -4.25 11.59 -19.47
C PHE D 132 -2.87 11.70 -20.11
N SER D 133 -1.82 11.81 -19.30
CA SER D 133 -0.46 11.90 -19.82
C SER D 133 -0.09 10.63 -20.56
N ALA D 134 1.00 10.67 -21.31
CA ALA D 134 1.42 9.48 -22.04
C ALA D 134 2.46 8.77 -21.17
N ILE D 135 2.56 9.20 -19.92
CA ILE D 135 3.50 8.60 -19.02
C ILE D 135 2.90 8.33 -17.65
N GLN D 136 3.02 7.09 -17.19
CA GLN D 136 2.54 6.68 -15.86
C GLN D 136 3.72 6.19 -15.03
N CYS D 137 3.82 6.71 -13.80
CA CYS D 137 4.92 6.40 -12.91
C CYS D 137 4.58 5.55 -11.71
N ALA D 138 5.08 4.32 -11.68
CA ALA D 138 4.81 3.46 -10.55
C ALA D 138 4.89 4.19 -9.20
N ALA D 139 5.93 4.98 -9.00
CA ALA D 139 6.11 5.68 -7.74
C ALA D 139 5.15 6.80 -7.41
N ALA D 140 4.79 7.59 -8.40
CA ALA D 140 3.89 8.72 -8.18
C ALA D 140 2.54 8.33 -7.53
N VAL D 141 2.60 7.64 -6.40
CA VAL D 141 1.41 7.24 -5.68
C VAL D 141 1.44 7.87 -4.30
N PRO D 142 0.47 8.77 -4.02
CA PRO D 142 0.38 9.46 -2.74
C PRO D 142 0.70 8.58 -1.52
N ARG D 143 1.89 8.77 -0.94
CA ARG D 143 2.28 7.97 0.23
C ARG D 143 3.14 8.69 1.28
N ALA D 144 3.96 9.65 0.85
CA ALA D 144 4.83 10.37 1.79
C ALA D 144 4.32 11.79 2.08
N HIS E 4 -19.49 -6.42 -37.08
CA HIS E 4 -18.69 -5.19 -36.83
C HIS E 4 -17.21 -5.49 -37.12
N HIS E 5 -16.61 -4.72 -38.03
CA HIS E 5 -15.19 -4.89 -38.41
C HIS E 5 -14.44 -3.58 -38.43
N HIS E 6 -13.40 -3.51 -37.61
CA HIS E 6 -12.55 -2.34 -37.44
C HIS E 6 -12.00 -2.44 -36.04
N GLY E 7 -10.69 -2.29 -35.90
CA GLY E 7 -10.12 -2.40 -34.58
C GLY E 7 -9.82 -3.83 -34.24
N MET E 8 -9.68 -4.68 -35.25
CA MET E 8 -9.33 -6.07 -35.02
C MET E 8 -7.93 -5.98 -34.43
N PHE E 9 -7.44 -7.03 -33.79
CA PHE E 9 -6.11 -6.97 -33.19
C PHE E 9 -4.97 -6.67 -34.18
N SER E 10 -4.78 -7.56 -35.16
CA SER E 10 -3.74 -7.38 -36.16
C SER E 10 -3.69 -5.96 -36.70
N GLU E 11 -4.85 -5.37 -36.93
CA GLU E 11 -4.88 -4.03 -37.45
C GLU E 11 -4.25 -3.09 -36.44
N GLN E 12 -4.88 -2.90 -35.28
CA GLN E 12 -4.31 -1.99 -34.30
C GLN E 12 -2.84 -2.29 -34.01
N ALA E 13 -2.48 -3.56 -34.14
CA ALA E 13 -1.12 -4.00 -33.88
C ALA E 13 -0.07 -3.50 -34.86
N ALA E 14 -0.36 -3.63 -36.17
CA ALA E 14 0.56 -3.19 -37.22
C ALA E 14 0.56 -1.66 -37.38
N GLN E 15 -0.39 -1.03 -36.70
CA GLN E 15 -0.54 0.41 -36.72
C GLN E 15 0.73 1.26 -36.54
N ARG E 16 1.89 0.65 -36.26
CA ARG E 16 3.09 1.45 -36.12
C ARG E 16 4.42 0.79 -36.45
N ALA E 17 5.33 1.65 -36.91
CA ALA E 17 6.68 1.30 -37.36
C ALA E 17 7.37 0.15 -36.69
N HIS E 18 8.29 -0.49 -37.41
CA HIS E 18 9.04 -1.60 -36.87
C HIS E 18 10.29 -1.07 -36.23
N THR E 19 10.98 -1.86 -35.41
CA THR E 19 12.17 -1.35 -34.74
C THR E 19 13.20 -2.40 -34.40
N LEU E 20 12.73 -3.61 -34.15
CA LEU E 20 13.63 -4.68 -33.75
C LEU E 20 14.58 -5.29 -34.78
N LEU E 21 14.68 -4.65 -35.94
CA LEU E 21 15.58 -5.16 -36.96
C LEU E 21 16.66 -4.12 -37.13
N SER E 22 17.39 -3.91 -36.05
CA SER E 22 18.44 -2.91 -36.02
C SER E 22 19.24 -3.09 -34.75
N PRO E 23 20.43 -2.49 -34.68
CA PRO E 23 21.28 -2.61 -33.50
C PRO E 23 20.64 -1.92 -32.31
N PRO E 24 20.93 -2.40 -31.12
CA PRO E 24 20.40 -1.87 -29.87
C PRO E 24 20.47 -0.37 -29.83
N SER E 25 19.39 0.23 -29.37
CA SER E 25 19.31 1.67 -29.20
C SER E 25 19.18 1.69 -27.69
N ALA E 26 19.47 2.80 -27.05
CA ALA E 26 19.28 2.80 -25.62
C ALA E 26 17.78 2.95 -25.40
N ASN E 27 17.19 4.01 -25.98
CA ASN E 27 15.77 4.31 -25.85
C ASN E 27 14.97 3.05 -26.04
N ASN E 28 14.20 2.67 -25.04
CA ASN E 28 13.40 1.45 -25.14
C ASN E 28 12.02 1.67 -24.61
N ALA E 29 11.05 1.26 -25.41
CA ALA E 29 9.68 1.44 -25.02
C ALA E 29 9.18 0.39 -24.04
N THR E 30 8.53 0.85 -22.99
CA THR E 30 7.97 -0.05 -22.00
C THR E 30 6.61 0.55 -21.78
N PHE E 31 5.60 -0.25 -22.12
CA PHE E 31 4.21 0.17 -22.04
C PHE E 31 3.43 -0.08 -20.78
N ALA E 32 2.68 0.96 -20.40
CA ALA E 32 1.85 0.91 -19.25
C ALA E 32 0.58 0.28 -19.71
N ARG E 33 0.18 -0.83 -19.08
CA ARG E 33 -1.04 -1.52 -19.44
C ARG E 33 -2.27 -0.64 -19.19
N VAL E 34 -3.35 -0.95 -19.90
CA VAL E 34 -4.58 -0.18 -19.74
C VAL E 34 -5.12 -0.33 -18.34
N PRO E 35 -5.84 0.67 -17.87
CA PRO E 35 -6.45 0.68 -16.54
C PRO E 35 -7.50 -0.39 -16.38
N VAL E 36 -7.12 -1.47 -15.71
CA VAL E 36 -8.04 -2.57 -15.52
C VAL E 36 -8.86 -2.24 -14.28
N ALA E 37 -9.35 -1.01 -14.22
CA ALA E 37 -10.10 -0.60 -13.04
C ALA E 37 -11.62 -0.67 -13.13
N THR E 38 -12.17 -0.82 -14.32
CA THR E 38 -13.64 -0.89 -14.45
C THR E 38 -14.15 -2.30 -14.68
N TYR E 39 -14.28 -3.08 -13.61
CA TYR E 39 -14.73 -4.46 -13.69
C TYR E 39 -15.66 -4.76 -12.56
N THR E 40 -16.57 -5.69 -12.78
CA THR E 40 -17.52 -6.07 -11.76
C THR E 40 -17.90 -7.50 -12.01
N ASN E 41 -17.41 -8.38 -11.16
CA ASN E 41 -17.79 -9.77 -11.31
C ASN E 41 -19.24 -9.74 -10.87
N SER E 42 -20.10 -10.48 -11.54
CA SER E 42 -21.50 -10.50 -11.19
C SER E 42 -22.01 -11.92 -11.33
N SER E 43 -21.16 -12.88 -11.01
CA SER E 43 -21.60 -14.26 -11.15
C SER E 43 -22.14 -14.84 -9.83
N GLN E 44 -22.53 -13.96 -8.89
CA GLN E 44 -23.08 -14.42 -7.61
C GLN E 44 -24.10 -15.51 -7.90
N PRO E 45 -25.11 -15.20 -8.72
CA PRO E 45 -26.13 -16.19 -9.05
C PRO E 45 -25.59 -17.49 -9.62
N PHE E 46 -24.32 -17.79 -9.38
CA PHE E 46 -23.77 -19.03 -9.86
C PHE E 46 -23.03 -19.70 -8.70
N ARG E 47 -22.71 -18.90 -7.67
CA ARG E 47 -22.02 -19.37 -6.47
C ARG E 47 -23.05 -20.02 -5.56
N LEU E 48 -22.77 -21.22 -5.05
CA LEU E 48 -23.73 -21.91 -4.19
C LEU E 48 -23.08 -22.48 -2.94
N TYR E 61 -39.33 -29.68 -13.37
CA TYR E 61 -38.80 -28.54 -14.09
C TYR E 61 -39.75 -27.34 -14.00
N ALA E 62 -40.83 -27.55 -13.27
CA ALA E 62 -41.86 -26.54 -13.08
C ALA E 62 -41.33 -25.12 -12.87
N THR E 63 -40.49 -24.95 -11.86
CA THR E 63 -39.94 -23.64 -11.56
C THR E 63 -39.53 -22.91 -12.86
N ARG E 64 -38.99 -23.66 -13.81
CA ARG E 64 -38.63 -23.04 -15.08
C ARG E 64 -39.93 -22.54 -15.68
N LEU E 65 -40.76 -23.50 -16.08
CA LEU E 65 -42.07 -23.22 -16.66
C LEU E 65 -42.72 -22.01 -16.03
N ILE E 66 -42.55 -21.89 -14.72
CA ILE E 66 -43.13 -20.81 -13.97
C ILE E 66 -42.53 -19.49 -14.33
N GLN E 67 -41.20 -19.45 -14.39
CA GLN E 67 -40.48 -18.24 -14.74
C GLN E 67 -40.57 -17.93 -16.22
N MET E 68 -40.43 -18.96 -17.03
CA MET E 68 -40.47 -18.84 -18.49
C MET E 68 -41.87 -18.47 -19.00
N ARG E 69 -42.89 -19.00 -18.35
CA ARG E 69 -44.26 -18.74 -18.77
C ARG E 69 -44.46 -17.30 -19.23
N PRO E 70 -44.34 -16.32 -18.34
CA PRO E 70 -44.53 -14.91 -18.70
C PRO E 70 -43.86 -14.53 -20.00
N PHE E 71 -42.68 -15.09 -20.21
CA PHE E 71 -41.92 -14.83 -21.42
C PHE E 71 -42.54 -15.50 -22.64
N LEU E 72 -42.53 -16.83 -22.67
CA LEU E 72 -43.10 -17.60 -23.78
C LEU E 72 -44.51 -17.15 -24.12
N GLU E 73 -45.26 -16.72 -23.12
CA GLU E 73 -46.61 -16.25 -23.36
C GLU E 73 -46.57 -14.94 -24.12
N ASN E 74 -45.88 -13.94 -23.57
CA ASN E 74 -45.81 -12.64 -24.21
C ASN E 74 -45.13 -12.72 -25.56
N ARG E 75 -44.43 -13.83 -25.80
CA ARG E 75 -43.76 -14.05 -27.09
C ARG E 75 -44.80 -14.61 -28.07
N ALA E 76 -45.60 -15.55 -27.58
CA ALA E 76 -46.63 -16.17 -28.40
C ALA E 76 -47.71 -15.14 -28.70
N GLN E 77 -48.01 -14.30 -27.71
CA GLN E 77 -49.02 -13.27 -27.88
C GLN E 77 -48.67 -12.30 -29.00
N GLN E 78 -47.40 -11.96 -29.12
CA GLN E 78 -47.02 -11.04 -30.18
C GLN E 78 -46.79 -11.81 -31.46
N HIS E 79 -46.38 -13.06 -31.32
CA HIS E 79 -46.10 -13.92 -32.47
C HIS E 79 -47.37 -14.35 -33.22
N TRP E 80 -48.47 -14.46 -32.49
CA TRP E 80 -49.75 -14.88 -33.06
C TRP E 80 -50.92 -13.95 -32.75
N GLY E 81 -50.62 -12.76 -32.25
CA GLY E 81 -51.66 -11.79 -31.95
C GLY E 81 -52.56 -12.08 -30.77
N SER E 82 -53.31 -11.06 -30.36
CA SER E 82 -54.24 -11.15 -29.25
C SER E 82 -54.90 -12.54 -29.09
N GLY E 83 -55.17 -13.22 -30.22
CA GLY E 83 -55.78 -14.55 -30.23
C GLY E 83 -55.11 -15.50 -29.24
N VAL E 84 -55.38 -15.23 -27.97
CA VAL E 84 -54.83 -15.98 -26.85
C VAL E 84 -55.13 -17.48 -26.86
N GLY E 85 -54.15 -18.28 -27.27
CA GLY E 85 -54.36 -19.71 -27.25
C GLY E 85 -54.06 -20.20 -25.86
N VAL E 86 -53.71 -19.27 -24.97
CA VAL E 86 -53.37 -19.57 -23.58
C VAL E 86 -54.33 -20.56 -22.90
N LYS E 87 -54.01 -21.85 -23.02
CA LYS E 87 -54.81 -22.90 -22.40
C LYS E 87 -53.84 -23.94 -21.84
N LYS E 88 -53.93 -24.23 -20.55
CA LYS E 88 -53.04 -25.23 -19.96
C LYS E 88 -53.32 -26.59 -20.56
N LEU E 89 -52.50 -27.57 -20.20
CA LEU E 89 -52.65 -28.91 -20.75
C LEU E 89 -53.95 -29.59 -20.33
N CYS E 90 -54.57 -29.09 -19.27
CA CYS E 90 -55.81 -29.68 -18.78
C CYS E 90 -57.06 -29.13 -19.47
N GLU E 91 -57.13 -27.80 -19.61
CA GLU E 91 -58.28 -27.12 -20.23
C GLU E 91 -58.40 -27.32 -21.76
N LEU E 92 -57.68 -28.31 -22.29
CA LEU E 92 -57.69 -28.57 -23.73
C LEU E 92 -58.93 -29.32 -24.21
N GLN E 93 -59.60 -28.74 -25.21
CA GLN E 93 -60.82 -29.34 -25.79
C GLN E 93 -60.42 -29.98 -27.12
N PRO E 94 -60.53 -31.31 -27.24
CA PRO E 94 -60.17 -31.98 -28.50
C PRO E 94 -60.50 -31.14 -29.74
N GLU E 95 -59.55 -31.02 -30.66
CA GLU E 95 -59.73 -30.25 -31.89
C GLU E 95 -59.80 -28.73 -31.70
N GLU E 96 -59.31 -28.23 -30.57
CA GLU E 96 -59.33 -26.80 -30.28
C GLU E 96 -57.98 -26.17 -30.62
N LYS E 97 -58.02 -25.07 -31.37
CA LYS E 97 -56.80 -24.37 -31.74
C LYS E 97 -56.40 -23.42 -30.62
N CYS E 98 -55.32 -23.77 -29.94
CA CYS E 98 -54.83 -22.96 -28.85
C CYS E 98 -53.30 -23.02 -28.74
N CYS E 99 -52.79 -22.46 -27.65
CA CYS E 99 -51.35 -22.42 -27.39
C CYS E 99 -51.01 -22.90 -25.98
N VAL E 100 -50.25 -23.99 -25.91
CA VAL E 100 -49.83 -24.56 -24.64
C VAL E 100 -48.38 -24.16 -24.37
N VAL E 101 -48.05 -23.80 -23.13
CA VAL E 101 -46.67 -23.42 -22.77
C VAL E 101 -46.10 -24.47 -21.83
N GLY E 102 -45.01 -25.13 -22.23
CA GLY E 102 -44.44 -26.15 -21.40
C GLY E 102 -42.97 -26.54 -21.58
N THR E 103 -42.63 -27.71 -21.05
CA THR E 103 -41.29 -28.27 -21.11
C THR E 103 -41.27 -29.43 -22.08
N LEU E 104 -40.16 -29.68 -22.75
CA LEU E 104 -40.08 -30.79 -23.67
C LEU E 104 -39.26 -31.94 -23.10
N PHE E 105 -39.62 -33.16 -23.48
CA PHE E 105 -38.90 -34.35 -23.04
C PHE E 105 -38.77 -35.22 -24.26
N LYS E 106 -37.59 -35.80 -24.44
CA LYS E 106 -37.34 -36.65 -25.59
C LYS E 106 -37.10 -38.11 -25.13
N ALA E 107 -37.39 -39.07 -26.00
CA ALA E 107 -37.17 -40.48 -25.66
C ALA E 107 -37.37 -41.35 -26.89
N MET E 108 -36.84 -42.57 -26.84
CA MET E 108 -36.92 -43.52 -27.94
C MET E 108 -37.94 -44.65 -27.73
N SER E 131 -20.62 -40.24 -29.55
CA SER E 131 -20.93 -39.16 -30.48
C SER E 131 -22.19 -38.40 -30.08
N LYS E 132 -23.31 -38.77 -30.70
CA LYS E 132 -24.60 -38.15 -30.40
C LYS E 132 -25.56 -39.29 -30.06
N TYR E 133 -26.44 -39.07 -29.09
CA TYR E 133 -27.38 -40.12 -28.72
C TYR E 133 -28.78 -39.91 -29.25
N ILE E 134 -28.92 -39.13 -30.33
CA ILE E 134 -30.24 -38.92 -30.90
C ILE E 134 -30.66 -40.23 -31.52
N HIS E 135 -31.95 -40.54 -31.42
CA HIS E 135 -32.48 -41.79 -31.96
C HIS E 135 -33.11 -41.54 -33.33
N PRO E 136 -33.04 -42.54 -34.23
CA PRO E 136 -33.62 -42.40 -35.57
C PRO E 136 -34.95 -41.68 -35.50
N ASP E 137 -35.79 -42.17 -34.62
CA ASP E 137 -37.12 -41.62 -34.39
C ASP E 137 -37.36 -41.45 -32.91
N ASP E 138 -37.25 -40.22 -32.47
CA ASP E 138 -37.47 -39.86 -31.08
C ASP E 138 -38.89 -39.32 -31.04
N GLU E 139 -39.30 -38.87 -29.88
CA GLU E 139 -40.64 -38.29 -29.72
C GLU E 139 -40.61 -37.25 -28.63
N LEU E 140 -41.40 -36.20 -28.81
CA LEU E 140 -41.46 -35.12 -27.84
C LEU E 140 -42.74 -35.07 -27.02
N VAL E 141 -42.60 -35.20 -25.71
CA VAL E 141 -43.75 -35.12 -24.81
C VAL E 141 -43.70 -33.74 -24.14
N LEU E 142 -44.84 -33.08 -24.03
CA LEU E 142 -44.88 -31.76 -23.44
C LEU E 142 -45.45 -31.77 -22.02
N GLU E 143 -44.64 -31.42 -21.04
CA GLU E 143 -45.08 -31.40 -19.65
C GLU E 143 -45.58 -30.05 -19.14
N ASP E 144 -46.76 -30.10 -18.52
CA ASP E 144 -47.39 -28.93 -17.92
C ASP E 144 -47.21 -29.23 -16.43
N GLU E 145 -47.46 -28.26 -15.56
CA GLU E 145 -47.28 -28.52 -14.13
C GLU E 145 -48.09 -29.75 -13.71
N LEU E 146 -49.30 -29.86 -14.26
CA LEU E 146 -50.23 -30.96 -13.97
C LEU E 146 -49.95 -32.26 -14.72
N GLN E 147 -50.44 -32.34 -15.97
CA GLN E 147 -50.29 -33.53 -16.79
C GLN E 147 -49.17 -33.40 -17.82
N ARG E 148 -49.13 -34.32 -18.80
CA ARG E 148 -48.12 -34.31 -19.86
C ARG E 148 -48.65 -34.91 -21.17
N ILE E 149 -48.81 -34.08 -22.19
CA ILE E 149 -49.33 -34.55 -23.47
C ILE E 149 -48.23 -34.85 -24.49
N LYS E 150 -48.51 -35.74 -25.44
CA LYS E 150 -47.53 -36.09 -26.47
C LYS E 150 -47.64 -35.11 -27.64
N LEU E 151 -46.71 -35.18 -28.59
CA LEU E 151 -46.72 -34.23 -29.71
C LEU E 151 -46.60 -34.79 -31.14
N LYS E 152 -47.41 -34.22 -32.03
CA LYS E 152 -47.41 -34.56 -33.45
C LYS E 152 -47.22 -33.21 -34.12
N GLY E 153 -47.24 -33.21 -35.44
CA GLY E 153 -47.12 -31.97 -36.16
C GLY E 153 -45.81 -31.74 -36.86
N THR E 154 -45.46 -30.47 -36.97
CA THR E 154 -44.24 -30.06 -37.62
C THR E 154 -43.28 -29.38 -36.64
N ILE E 155 -42.64 -30.17 -35.79
CA ILE E 155 -41.67 -29.66 -34.83
C ILE E 155 -40.40 -30.51 -34.93
N ASP E 156 -39.27 -29.86 -35.18
CA ASP E 156 -38.01 -30.56 -35.32
C ASP E 156 -37.60 -31.23 -34.01
N VAL E 157 -37.19 -32.49 -34.07
CA VAL E 157 -36.78 -33.17 -32.84
C VAL E 157 -35.27 -33.27 -32.79
N SER E 158 -34.67 -33.56 -33.94
CA SER E 158 -33.22 -33.64 -34.02
C SER E 158 -32.64 -32.34 -33.48
N LYS E 159 -33.42 -31.26 -33.57
CA LYS E 159 -32.96 -29.97 -33.10
C LYS E 159 -33.26 -29.71 -31.62
N LEU E 160 -34.51 -29.88 -31.18
CA LEU E 160 -34.83 -29.60 -29.77
C LEU E 160 -34.44 -30.72 -28.83
N VAL E 161 -34.24 -30.39 -27.55
CA VAL E 161 -33.88 -31.40 -26.55
C VAL E 161 -34.41 -31.18 -25.13
N THR E 162 -34.59 -32.32 -24.44
CA THR E 162 -35.12 -32.43 -23.07
C THR E 162 -34.82 -31.28 -22.15
N GLY E 163 -35.82 -30.45 -21.86
CA GLY E 163 -35.58 -29.33 -20.96
C GLY E 163 -35.90 -27.99 -21.59
N THR E 164 -36.06 -27.97 -22.90
CA THR E 164 -36.39 -26.73 -23.56
C THR E 164 -37.72 -26.21 -23.05
N VAL E 165 -37.96 -24.92 -23.15
CA VAL E 165 -39.25 -24.39 -22.69
C VAL E 165 -39.85 -23.58 -23.84
N LEU E 166 -40.79 -24.19 -24.57
CA LEU E 166 -41.41 -23.53 -25.71
C LEU E 166 -42.87 -23.13 -25.60
N ALA E 167 -43.33 -22.48 -26.66
CA ALA E 167 -44.71 -22.03 -26.78
C ALA E 167 -45.23 -22.75 -28.04
N VAL E 168 -45.89 -23.89 -27.83
CA VAL E 168 -46.41 -24.70 -28.93
C VAL E 168 -47.83 -24.27 -29.34
N PHE E 169 -48.15 -24.46 -30.62
CA PHE E 169 -49.47 -24.09 -31.15
C PHE E 169 -50.06 -25.14 -32.11
N GLY E 170 -51.22 -25.65 -31.71
CA GLY E 170 -51.91 -26.66 -32.50
C GLY E 170 -53.13 -27.08 -31.71
N SER E 171 -53.64 -28.27 -31.99
CA SER E 171 -54.83 -28.74 -31.28
C SER E 171 -54.68 -30.20 -30.86
N VAL E 172 -55.44 -30.59 -29.84
CA VAL E 172 -55.39 -31.97 -29.35
C VAL E 172 -56.15 -32.84 -30.35
N ARG E 173 -55.66 -34.04 -30.60
CA ARG E 173 -56.33 -34.89 -31.57
C ARG E 173 -57.03 -36.13 -31.08
N ASP E 174 -57.72 -36.75 -32.04
CA ASP E 174 -58.47 -37.99 -31.86
C ASP E 174 -57.50 -39.04 -31.38
N ASP E 175 -56.23 -38.79 -31.64
CA ASP E 175 -55.13 -39.66 -31.29
C ASP E 175 -54.79 -39.52 -29.81
N GLY E 176 -55.09 -38.35 -29.26
CA GLY E 176 -54.80 -38.08 -27.87
C GLY E 176 -53.52 -37.26 -27.84
N LYS E 177 -52.81 -37.31 -28.97
CA LYS E 177 -51.56 -36.58 -29.16
C LYS E 177 -51.89 -35.15 -29.61
N PHE E 178 -50.98 -34.20 -29.33
CA PHE E 178 -51.16 -32.81 -29.70
C PHE E 178 -50.39 -32.48 -30.98
N LEU E 179 -51.14 -32.12 -32.02
CA LEU E 179 -50.54 -31.78 -33.31
C LEU E 179 -50.16 -30.31 -33.33
N VAL E 180 -48.92 -30.06 -33.70
CA VAL E 180 -48.37 -28.72 -33.76
C VAL E 180 -48.22 -28.17 -35.15
N GLU E 181 -48.58 -26.90 -35.27
CA GLU E 181 -48.49 -26.20 -36.53
C GLU E 181 -47.40 -25.13 -36.46
N ASP E 182 -47.19 -24.58 -35.27
CA ASP E 182 -46.20 -23.52 -35.09
C ASP E 182 -45.78 -23.31 -33.64
N TYR E 183 -44.48 -23.16 -33.40
CA TYR E 183 -43.98 -22.95 -32.05
C TYR E 183 -42.93 -21.84 -32.02
N CYS E 184 -42.68 -21.31 -30.83
CA CYS E 184 -41.70 -20.24 -30.66
C CYS E 184 -41.06 -20.31 -29.27
N PHE E 185 -40.01 -19.53 -29.04
CA PHE E 185 -39.36 -19.53 -27.74
C PHE E 185 -39.23 -18.09 -27.22
N ALA E 186 -38.80 -17.95 -25.97
CA ALA E 186 -38.66 -16.63 -25.33
C ALA E 186 -37.68 -15.70 -26.04
N ASP E 187 -36.68 -16.28 -26.69
CA ASP E 187 -35.65 -15.54 -27.41
C ASP E 187 -34.63 -14.84 -26.47
N LEU E 188 -34.33 -13.58 -26.75
CA LEU E 188 -33.36 -12.82 -25.96
C LEU E 188 -34.07 -11.94 -24.96
N ALA E 189 -33.45 -11.75 -23.80
CA ALA E 189 -34.03 -10.92 -22.75
C ALA E 189 -33.74 -9.44 -23.01
N PRO E 190 -34.29 -8.53 -22.19
CA PRO E 190 -34.02 -7.10 -22.42
C PRO E 190 -32.51 -6.83 -22.33
N GLN E 191 -32.05 -5.76 -22.96
CA GLN E 191 -30.61 -5.48 -22.93
C GLN E 191 -30.25 -4.05 -23.29
N LYS E 192 -29.78 -3.30 -22.31
CA LYS E 192 -29.36 -1.93 -22.58
C LYS E 192 -27.97 -2.02 -23.16
N PRO E 193 -27.66 -1.14 -24.10
CA PRO E 193 -26.39 -1.03 -24.82
C PRO E 193 -25.18 -0.69 -23.95
N ALA E 194 -24.06 -1.34 -24.25
CA ALA E 194 -22.85 -1.09 -23.50
C ALA E 194 -22.37 0.30 -23.79
N PRO E 195 -21.89 1.01 -22.77
CA PRO E 195 -21.41 2.37 -23.04
C PRO E 195 -20.26 2.38 -24.05
N PRO E 196 -20.05 3.52 -24.72
CA PRO E 196 -19.01 3.73 -25.73
C PRO E 196 -17.61 3.76 -25.13
N LEU E 197 -16.64 3.23 -25.86
CA LEU E 197 -15.24 3.23 -25.41
C LEU E 197 -14.45 4.11 -26.35
N ASP E 198 -13.54 4.92 -25.84
CA ASP E 198 -12.78 5.79 -26.72
C ASP E 198 -11.55 5.13 -27.30
N THR E 199 -10.98 4.20 -26.58
CA THR E 199 -9.78 3.52 -27.07
C THR E 199 -10.04 2.05 -26.95
N ASP E 200 -9.61 1.28 -27.93
CA ASP E 200 -9.85 -0.15 -27.85
C ASP E 200 -9.27 -0.82 -26.62
N ARG E 201 -9.98 -1.83 -26.14
CA ARG E 201 -9.58 -2.62 -25.00
C ARG E 201 -9.83 -4.04 -25.43
N PHE E 202 -8.89 -4.93 -25.18
CA PHE E 202 -9.08 -6.31 -25.57
C PHE E 202 -9.28 -7.28 -24.41
N VAL E 203 -9.91 -8.40 -24.72
CA VAL E 203 -10.13 -9.44 -23.74
C VAL E 203 -9.64 -10.69 -24.43
N LEU E 204 -8.65 -11.34 -23.86
CA LEU E 204 -8.13 -12.55 -24.48
C LEU E 204 -8.88 -13.74 -23.92
N LEU E 205 -9.56 -14.49 -24.79
CA LEU E 205 -10.29 -15.68 -24.38
C LEU E 205 -9.53 -16.90 -24.85
N VAL E 206 -9.21 -17.77 -23.89
CA VAL E 206 -8.48 -18.99 -24.19
C VAL E 206 -9.15 -20.12 -23.50
N SER E 207 -8.88 -21.32 -23.96
CA SER E 207 -9.48 -22.48 -23.34
C SER E 207 -8.86 -23.79 -23.78
N GLY E 208 -8.80 -24.74 -22.86
CA GLY E 208 -8.23 -26.02 -23.19
C GLY E 208 -6.72 -26.13 -23.21
N LEU E 209 -6.04 -25.44 -22.29
CA LEU E 209 -4.59 -25.52 -22.24
C LEU E 209 -4.16 -26.96 -22.12
N GLY E 210 -5.01 -27.76 -21.50
CA GLY E 210 -4.76 -29.19 -21.31
C GLY E 210 -3.34 -29.60 -20.98
N LEU E 211 -2.89 -29.29 -19.78
CA LEU E 211 -1.56 -29.67 -19.36
C LEU E 211 -1.60 -31.14 -18.90
N GLY E 212 -0.53 -31.88 -19.17
CA GLY E 212 -0.50 -33.28 -18.79
C GLY E 212 -0.14 -34.18 -19.97
N GLY E 213 -0.76 -33.95 -21.12
CA GLY E 213 -0.48 -34.73 -22.33
C GLY E 213 -0.50 -33.83 -23.57
N GLY E 214 -0.08 -34.36 -24.74
CA GLY E 214 -0.10 -33.55 -25.95
C GLY E 214 1.20 -33.21 -26.70
N GLY E 215 2.36 -33.39 -26.07
CA GLY E 215 3.62 -33.09 -26.73
C GLY E 215 4.05 -31.63 -26.61
N GLY E 216 5.33 -31.45 -26.26
CA GLY E 216 5.92 -30.12 -26.09
C GLY E 216 5.60 -29.03 -27.12
N GLU E 217 5.10 -29.41 -28.30
CA GLU E 217 4.76 -28.40 -29.32
C GLU E 217 3.58 -27.61 -28.75
N SER E 218 2.68 -28.33 -28.09
CA SER E 218 1.51 -27.72 -27.46
C SER E 218 2.06 -26.62 -26.51
N LEU E 219 3.27 -26.85 -26.00
CA LEU E 219 3.95 -25.93 -25.08
C LEU E 219 4.46 -24.66 -25.73
N LEU E 220 5.48 -24.74 -26.57
CA LEU E 220 5.97 -23.51 -27.17
C LEU E 220 4.80 -22.64 -27.57
N GLY E 221 3.79 -23.26 -28.17
CA GLY E 221 2.62 -22.53 -28.59
C GLY E 221 2.08 -21.77 -27.41
N THR E 222 1.95 -22.48 -26.31
CA THR E 222 1.45 -21.91 -25.08
C THR E 222 2.36 -20.82 -24.57
N GLN E 223 3.67 -21.05 -24.62
CA GLN E 223 4.60 -20.04 -24.14
C GLN E 223 4.36 -18.78 -24.97
N LEU E 224 4.39 -18.94 -26.29
CA LEU E 224 4.17 -17.81 -27.16
C LEU E 224 2.90 -17.07 -26.75
N LEU E 225 1.81 -17.80 -26.55
CA LEU E 225 0.57 -17.15 -26.13
C LEU E 225 0.86 -16.23 -24.95
N VAL E 226 1.28 -16.82 -23.84
CA VAL E 226 1.57 -16.05 -22.64
C VAL E 226 2.44 -14.86 -22.94
N ASP E 227 3.56 -15.14 -23.59
CA ASP E 227 4.53 -14.12 -23.94
C ASP E 227 4.00 -12.95 -24.77
N VAL E 228 2.89 -13.14 -25.48
CA VAL E 228 2.36 -12.04 -26.28
C VAL E 228 1.60 -11.10 -25.40
N VAL E 229 0.78 -11.63 -24.51
CA VAL E 229 0.00 -10.77 -23.64
C VAL E 229 0.89 -10.13 -22.62
N THR E 230 1.88 -10.88 -22.20
CA THR E 230 2.77 -10.42 -21.18
C THR E 230 3.57 -9.24 -21.67
N GLY E 231 4.00 -9.28 -22.94
CA GLY E 231 4.81 -8.21 -23.49
C GLY E 231 6.21 -8.70 -23.80
N GLN E 232 6.39 -10.01 -23.74
CA GLN E 232 7.69 -10.59 -24.00
C GLN E 232 8.06 -10.53 -25.46
N LEU E 233 7.30 -11.20 -26.33
CA LEU E 233 7.64 -11.18 -27.74
C LEU E 233 6.93 -10.12 -28.56
N GLY E 234 7.37 -10.00 -29.81
CA GLY E 234 6.79 -9.02 -30.71
C GLY E 234 7.48 -7.66 -30.65
N ASP E 235 7.19 -6.82 -31.65
CA ASP E 235 7.75 -5.47 -31.71
C ASP E 235 6.81 -4.52 -31.00
N GLU E 236 7.19 -3.26 -30.87
CA GLU E 236 6.37 -2.28 -30.19
C GLU E 236 4.93 -2.20 -30.63
N GLY E 237 4.68 -2.50 -31.90
CA GLY E 237 3.30 -2.45 -32.38
C GLY E 237 2.45 -3.44 -31.61
N GLU E 238 2.84 -4.72 -31.71
CA GLU E 238 2.20 -5.85 -31.02
C GLU E 238 2.04 -5.48 -29.57
N GLN E 239 3.18 -5.24 -28.94
CA GLN E 239 3.28 -4.88 -27.54
C GLN E 239 2.35 -3.75 -27.12
N CYS E 240 2.43 -2.59 -27.78
CA CYS E 240 1.56 -1.49 -27.44
C CYS E 240 0.09 -1.90 -27.53
N SER E 241 -0.22 -2.86 -28.39
CA SER E 241 -1.61 -3.28 -28.48
C SER E 241 -1.91 -4.35 -27.46
N ALA E 242 -0.99 -5.29 -27.27
CA ALA E 242 -1.18 -6.33 -26.28
C ALA E 242 -1.41 -5.57 -25.00
N ALA E 243 -0.63 -4.52 -24.84
CA ALA E 243 -0.74 -3.70 -23.66
C ALA E 243 -2.18 -3.24 -23.50
N HIS E 244 -2.89 -3.07 -24.61
CA HIS E 244 -4.27 -2.65 -24.51
C HIS E 244 -5.22 -3.76 -24.07
N VAL E 245 -4.70 -4.98 -23.85
CA VAL E 245 -5.55 -6.08 -23.39
C VAL E 245 -5.94 -5.83 -21.95
N SER E 246 -7.25 -5.78 -21.69
CA SER E 246 -7.76 -5.48 -20.37
C SER E 246 -7.85 -6.66 -19.43
N ARG E 247 -8.25 -7.82 -19.91
CA ARG E 247 -8.36 -8.98 -19.02
C ARG E 247 -8.17 -10.27 -19.80
N VAL E 248 -7.90 -11.37 -19.08
CA VAL E 248 -7.72 -12.66 -19.72
C VAL E 248 -8.57 -13.73 -19.06
N ILE E 249 -9.44 -14.37 -19.83
CA ILE E 249 -10.32 -15.40 -19.31
C ILE E 249 -9.94 -16.78 -19.81
N LEU E 250 -9.66 -17.69 -18.88
CA LEU E 250 -9.32 -19.07 -19.25
C LEU E 250 -10.58 -19.87 -18.98
N ALA E 251 -11.18 -20.46 -20.00
CA ALA E 251 -12.41 -21.17 -19.74
C ALA E 251 -12.24 -22.67 -19.70
N GLY E 252 -11.97 -23.16 -18.50
CA GLY E 252 -11.80 -24.58 -18.24
C GLY E 252 -10.82 -25.45 -19.02
N ASN E 253 -10.69 -26.68 -18.52
CA ASN E 253 -9.83 -27.68 -19.11
C ASN E 253 -8.44 -27.17 -19.17
N LEU E 254 -7.88 -26.83 -18.02
CA LEU E 254 -6.54 -26.32 -18.07
C LEU E 254 -5.63 -27.50 -17.87
N LEU E 255 -6.14 -28.52 -17.18
CA LEU E 255 -5.38 -29.75 -16.92
C LEU E 255 -6.21 -30.85 -17.56
N SER E 256 -5.59 -31.91 -18.07
CA SER E 256 -6.41 -32.96 -18.63
C SER E 256 -5.92 -34.34 -18.33
N HIS E 257 -6.88 -35.26 -18.28
CA HIS E 257 -6.63 -36.67 -17.92
C HIS E 257 -7.18 -37.63 -18.98
N LEU E 271 1.19 -47.51 -12.10
CA LEU E 271 0.32 -46.39 -12.45
C LEU E 271 0.44 -45.27 -11.41
N THR E 272 -0.40 -45.33 -10.38
CA THR E 272 -0.45 -44.36 -9.29
C THR E 272 0.86 -43.62 -8.96
N LYS E 273 1.97 -44.36 -8.87
CA LYS E 273 3.27 -43.76 -8.56
C LYS E 273 3.60 -42.54 -9.43
N LYS E 274 3.83 -42.75 -10.73
CA LYS E 274 4.18 -41.67 -11.66
C LYS E 274 2.97 -40.83 -12.09
N THR E 275 1.82 -41.46 -12.24
CA THR E 275 0.62 -40.72 -12.63
C THR E 275 0.45 -39.55 -11.70
N GLN E 276 0.62 -39.82 -10.40
CA GLN E 276 0.48 -38.78 -9.41
C GLN E 276 1.45 -37.65 -9.78
N ALA E 277 2.75 -37.93 -9.64
CA ALA E 277 3.79 -36.96 -9.97
C ALA E 277 3.39 -36.13 -11.18
N ALA E 278 3.00 -36.82 -12.25
CA ALA E 278 2.59 -36.15 -13.47
C ALA E 278 1.49 -35.15 -13.16
N SER E 279 0.37 -35.66 -12.68
CA SER E 279 -0.74 -34.78 -12.37
C SER E 279 -0.26 -33.62 -11.51
N VAL E 280 0.65 -33.90 -10.60
CA VAL E 280 1.15 -32.84 -9.74
C VAL E 280 1.96 -31.84 -10.53
N GLU E 281 2.85 -32.34 -11.38
CA GLU E 281 3.68 -31.48 -12.22
C GLU E 281 2.78 -30.53 -13.01
N ALA E 282 1.85 -31.11 -13.76
CA ALA E 282 0.92 -30.32 -14.56
C ALA E 282 0.44 -29.15 -13.73
N VAL E 283 -0.35 -29.41 -12.71
CA VAL E 283 -0.83 -28.33 -11.90
C VAL E 283 0.28 -27.33 -11.63
N LYS E 284 1.46 -27.79 -11.27
CA LYS E 284 2.57 -26.88 -11.00
C LYS E 284 2.72 -25.88 -12.15
N MET E 285 2.90 -26.40 -13.37
CA MET E 285 3.07 -25.55 -14.56
C MET E 285 1.96 -24.54 -14.66
N LEU E 286 0.72 -25.03 -14.66
CA LEU E 286 -0.42 -24.16 -14.72
C LEU E 286 -0.27 -23.04 -13.70
N ASP E 287 0.39 -23.32 -12.58
CA ASP E 287 0.57 -22.29 -11.55
C ASP E 287 1.55 -21.28 -12.14
N GLU E 288 2.64 -21.80 -12.66
CA GLU E 288 3.69 -20.99 -13.25
C GLU E 288 3.09 -20.13 -14.36
N ILE E 289 2.25 -20.73 -15.19
CA ILE E 289 1.61 -19.99 -16.27
C ILE E 289 0.74 -18.90 -15.67
N LEU E 290 -0.19 -19.31 -14.82
CA LEU E 290 -1.07 -18.35 -14.17
C LEU E 290 -0.25 -17.24 -13.52
N LEU E 291 0.90 -17.60 -12.97
CA LEU E 291 1.77 -16.63 -12.33
C LEU E 291 2.21 -15.56 -13.34
N GLN E 292 2.87 -16.00 -14.40
CA GLN E 292 3.36 -15.09 -15.43
C GLN E 292 2.23 -14.19 -15.86
N LEU E 293 1.10 -14.78 -16.18
CA LEU E 293 -0.04 -14.01 -16.58
C LEU E 293 -0.43 -12.98 -15.52
N SER E 294 -0.58 -13.46 -14.30
CA SER E 294 -0.99 -12.62 -13.18
C SER E 294 -0.06 -11.44 -12.94
N ALA E 295 1.21 -11.64 -13.23
CA ALA E 295 2.19 -10.60 -13.00
C ALA E 295 2.08 -9.47 -14.01
N SER E 296 1.30 -9.72 -15.05
CA SER E 296 1.18 -8.74 -16.11
C SER E 296 -0.23 -8.18 -16.29
N VAL E 297 -1.20 -9.06 -16.19
CA VAL E 297 -2.56 -8.62 -16.44
C VAL E 297 -3.58 -9.42 -15.65
N PRO E 298 -4.77 -8.85 -15.44
CA PRO E 298 -5.83 -9.54 -14.72
C PRO E 298 -6.18 -10.86 -15.40
N VAL E 299 -6.28 -11.95 -14.62
CA VAL E 299 -6.64 -13.26 -15.19
C VAL E 299 -7.74 -13.93 -14.38
N ASP E 300 -8.73 -14.46 -15.08
CA ASP E 300 -9.86 -15.14 -14.47
C ASP E 300 -9.85 -16.61 -14.87
N VAL E 301 -9.76 -17.49 -13.89
CA VAL E 301 -9.72 -18.90 -14.20
C VAL E 301 -11.07 -19.57 -13.98
N MET E 302 -11.45 -20.40 -14.94
CA MET E 302 -12.71 -21.12 -14.91
C MET E 302 -12.46 -22.61 -14.87
N PRO E 303 -13.09 -23.29 -13.93
CA PRO E 303 -12.96 -24.74 -13.78
C PRO E 303 -13.57 -25.38 -15.02
N GLY E 304 -13.12 -26.59 -15.33
CA GLY E 304 -13.63 -27.26 -16.50
C GLY E 304 -14.17 -28.64 -16.27
N GLU E 305 -13.93 -29.51 -17.25
CA GLU E 305 -14.39 -30.90 -17.20
C GLU E 305 -14.04 -31.55 -15.89
N PHE E 306 -12.78 -31.94 -15.76
CA PHE E 306 -12.36 -32.57 -14.53
C PHE E 306 -11.30 -31.75 -13.79
N ASP E 307 -11.75 -30.67 -13.19
CA ASP E 307 -10.86 -29.83 -12.40
C ASP E 307 -11.40 -30.04 -10.99
N PRO E 308 -10.55 -29.85 -9.96
CA PRO E 308 -10.94 -30.01 -8.55
C PRO E 308 -12.17 -29.23 -8.07
N THR E 309 -13.36 -29.66 -8.46
CA THR E 309 -14.60 -28.99 -8.05
C THR E 309 -15.80 -29.84 -8.47
N ASN E 310 -17.02 -29.35 -8.25
CA ASN E 310 -18.20 -30.13 -8.59
C ASN E 310 -18.37 -30.36 -10.07
N TYR E 311 -18.94 -31.50 -10.42
CA TYR E 311 -19.18 -31.85 -11.82
C TYR E 311 -20.49 -31.23 -12.27
N THR E 312 -21.45 -31.12 -11.35
CA THR E 312 -22.75 -30.53 -11.66
C THR E 312 -22.48 -29.21 -12.35
N LEU E 313 -23.51 -28.54 -12.87
CA LEU E 313 -23.22 -27.33 -13.59
C LEU E 313 -22.70 -26.10 -12.89
N PRO E 314 -23.43 -25.53 -11.94
CA PRO E 314 -22.69 -24.36 -11.43
C PRO E 314 -21.42 -24.71 -10.64
N GLN E 315 -20.37 -25.08 -11.38
CA GLN E 315 -19.09 -25.44 -10.78
C GLN E 315 -18.54 -24.32 -9.92
N GLN E 316 -18.19 -24.62 -8.69
CA GLN E 316 -17.65 -23.59 -7.85
C GLN E 316 -16.17 -23.47 -8.14
N PRO E 317 -15.60 -22.26 -7.97
CA PRO E 317 -14.20 -21.89 -8.20
C PRO E 317 -13.19 -22.93 -7.80
N LEU E 318 -11.95 -22.81 -8.27
CA LEU E 318 -10.94 -23.76 -7.89
C LEU E 318 -10.35 -23.34 -6.56
N HIS E 319 -9.65 -24.25 -5.89
CA HIS E 319 -9.10 -23.94 -4.57
C HIS E 319 -7.74 -23.25 -4.61
N PRO E 320 -7.62 -22.13 -3.93
CA PRO E 320 -6.36 -21.38 -3.89
C PRO E 320 -5.21 -22.28 -3.53
N CYS E 321 -5.52 -23.38 -2.86
CA CYS E 321 -4.49 -24.33 -2.46
C CYS E 321 -3.75 -24.94 -3.65
N MET E 322 -4.26 -24.70 -4.85
CA MET E 322 -3.61 -25.26 -6.02
C MET E 322 -2.57 -24.35 -6.63
N PHE E 323 -2.86 -23.06 -6.64
CA PHE E 323 -1.96 -22.09 -7.25
C PHE E 323 -1.25 -21.17 -6.28
N PRO E 324 -0.29 -21.71 -5.52
CA PRO E 324 0.48 -20.95 -4.55
C PRO E 324 1.09 -19.75 -5.24
N LEU E 325 1.99 -20.04 -6.17
CA LEU E 325 2.67 -19.01 -6.93
C LEU E 325 1.79 -17.87 -7.43
N ALA E 326 0.74 -18.23 -8.16
CA ALA E 326 -0.14 -17.23 -8.73
C ALA E 326 -0.92 -16.41 -7.72
N THR E 327 -1.70 -17.10 -6.90
CA THR E 327 -2.56 -16.46 -5.90
C THR E 327 -1.91 -15.29 -5.15
N ALA E 328 -0.60 -15.20 -5.24
CA ALA E 328 0.12 -14.14 -4.56
C ALA E 328 -0.25 -12.79 -5.13
N TYR E 329 -0.79 -12.81 -6.34
CA TYR E 329 -1.16 -11.61 -7.07
C TYR E 329 -2.63 -11.23 -6.95
N SER E 330 -2.89 -9.96 -6.72
CA SER E 330 -4.26 -9.52 -6.58
C SER E 330 -4.96 -9.54 -7.90
N THR E 331 -4.22 -9.82 -8.96
CA THR E 331 -4.81 -9.86 -10.29
C THR E 331 -5.36 -11.22 -10.66
N LEU E 332 -4.92 -12.26 -9.98
CA LEU E 332 -5.45 -13.59 -10.25
C LEU E 332 -6.81 -13.65 -9.58
N GLN E 333 -7.73 -14.44 -10.12
CA GLN E 333 -9.09 -14.58 -9.57
C GLN E 333 -9.72 -15.87 -10.06
N LEU E 334 -10.06 -16.75 -9.14
CA LEU E 334 -10.66 -18.00 -9.54
C LEU E 334 -12.17 -17.84 -9.57
N VAL E 335 -12.77 -17.81 -10.75
CA VAL E 335 -14.21 -17.61 -10.80
C VAL E 335 -15.02 -18.88 -10.97
N THR E 336 -16.33 -18.70 -10.85
CA THR E 336 -17.38 -19.72 -10.94
C THR E 336 -17.40 -20.34 -12.32
N ASN E 337 -18.22 -21.35 -12.59
CA ASN E 337 -18.20 -21.83 -13.95
C ASN E 337 -19.03 -20.89 -14.80
N PRO E 338 -20.32 -21.20 -15.07
CA PRO E 338 -20.95 -20.16 -15.90
C PRO E 338 -20.54 -18.83 -15.26
N TYR E 339 -19.71 -18.07 -15.98
CA TYR E 339 -19.13 -16.81 -15.48
C TYR E 339 -19.68 -15.51 -16.06
N GLN E 340 -20.08 -14.61 -15.18
CA GLN E 340 -20.64 -13.33 -15.58
C GLN E 340 -19.84 -12.21 -14.98
N ALA E 341 -19.65 -11.14 -15.75
CA ALA E 341 -18.90 -9.99 -15.30
C ALA E 341 -19.01 -8.87 -16.32
N THR E 342 -18.79 -7.65 -15.87
CA THR E 342 -18.84 -6.52 -16.77
C THR E 342 -17.48 -5.88 -16.92
N ILE E 343 -16.83 -6.16 -18.03
CA ILE E 343 -15.52 -5.63 -18.33
C ILE E 343 -15.58 -4.34 -19.12
N ASP E 344 -14.88 -3.32 -18.63
CA ASP E 344 -14.86 -2.04 -19.28
C ASP E 344 -16.24 -1.67 -19.86
N GLY E 345 -17.28 -1.96 -19.09
CA GLY E 345 -18.62 -1.63 -19.51
C GLY E 345 -19.32 -2.59 -20.44
N VAL E 346 -18.73 -3.73 -20.69
CA VAL E 346 -19.30 -4.71 -21.60
C VAL E 346 -19.70 -5.98 -20.86
N ARG E 347 -20.97 -6.35 -20.90
CA ARG E 347 -21.37 -7.57 -20.20
C ARG E 347 -20.96 -8.86 -20.89
N PHE E 348 -20.11 -9.63 -20.20
CA PHE E 348 -19.64 -10.91 -20.70
C PHE E 348 -20.32 -12.03 -19.92
N LEU E 349 -20.52 -13.16 -20.59
CA LEU E 349 -21.12 -14.34 -20.00
C LEU E 349 -20.69 -15.54 -20.83
N GLY E 350 -20.19 -16.55 -20.16
CA GLY E 350 -19.74 -17.71 -20.88
C GLY E 350 -19.55 -18.86 -19.94
N THR E 351 -19.41 -20.05 -20.51
CA THR E 351 -19.23 -21.24 -19.72
C THR E 351 -18.01 -21.89 -20.27
N SER E 352 -17.48 -22.84 -19.50
CA SER E 352 -16.30 -23.52 -19.99
C SER E 352 -16.68 -24.62 -20.96
N GLY E 353 -17.88 -24.53 -21.53
CA GLY E 353 -18.26 -25.52 -22.52
C GLY E 353 -19.36 -26.53 -22.31
N GLN E 354 -19.27 -27.31 -21.24
CA GLN E 354 -20.26 -28.35 -20.92
C GLN E 354 -21.67 -28.12 -21.49
N ASN E 355 -22.34 -27.02 -21.11
CA ASN E 355 -23.69 -26.79 -21.62
C ASN E 355 -23.83 -27.07 -23.10
N VAL E 356 -22.98 -26.49 -23.92
CA VAL E 356 -23.08 -26.75 -25.35
C VAL E 356 -22.75 -28.22 -25.65
N SER E 357 -21.72 -28.73 -24.97
CA SER E 357 -21.28 -30.12 -25.16
C SER E 357 -22.44 -31.09 -25.05
N ASP E 358 -23.39 -30.77 -24.17
CA ASP E 358 -24.55 -31.64 -23.97
C ASP E 358 -25.58 -31.42 -25.04
N ILE E 359 -26.05 -30.19 -25.18
CA ILE E 359 -27.03 -29.94 -26.19
C ILE E 359 -26.57 -30.66 -27.44
N PHE E 360 -25.26 -30.76 -27.64
CA PHE E 360 -24.73 -31.45 -28.80
C PHE E 360 -25.04 -32.95 -28.76
N ARG E 361 -24.75 -33.59 -27.64
CA ARG E 361 -24.99 -35.03 -27.50
C ARG E 361 -26.42 -35.47 -27.84
N TYR E 362 -27.41 -34.63 -27.51
CA TYR E 362 -28.80 -34.98 -27.77
C TYR E 362 -29.46 -34.22 -28.90
N SER E 363 -28.70 -33.37 -29.59
CA SER E 363 -29.25 -32.61 -30.71
C SER E 363 -28.62 -33.10 -32.00
N SER E 364 -29.09 -32.54 -33.10
CA SER E 364 -28.58 -32.92 -34.39
C SER E 364 -27.68 -31.78 -34.81
N MET E 365 -27.89 -30.61 -34.20
CA MET E 365 -27.08 -29.45 -34.52
C MET E 365 -25.61 -29.86 -34.48
N GLU E 366 -24.88 -29.44 -35.51
CA GLU E 366 -23.47 -29.78 -35.62
C GLU E 366 -22.58 -28.66 -35.14
N ASP E 367 -22.81 -27.48 -35.69
CA ASP E 367 -22.04 -26.30 -35.38
C ASP E 367 -22.27 -25.80 -33.97
N HIS E 368 -21.21 -25.83 -33.17
CA HIS E 368 -21.28 -25.38 -31.80
C HIS E 368 -21.72 -23.95 -31.74
N LEU E 369 -21.17 -23.13 -32.64
CA LEU E 369 -21.52 -21.71 -32.70
C LEU E 369 -23.03 -21.57 -32.79
N GLU E 370 -23.66 -22.53 -33.47
CA GLU E 370 -25.11 -22.56 -33.61
C GLU E 370 -25.73 -22.93 -32.27
N ILE E 371 -25.37 -24.12 -31.77
CA ILE E 371 -25.88 -24.61 -30.49
C ILE E 371 -25.77 -23.51 -29.46
N LEU E 372 -24.69 -22.74 -29.56
CA LEU E 372 -24.50 -21.63 -28.64
C LEU E 372 -25.61 -20.61 -28.88
N GLU E 373 -25.76 -20.18 -30.13
CA GLU E 373 -26.80 -19.22 -30.45
C GLU E 373 -28.15 -19.79 -30.00
N TRP E 374 -28.31 -21.09 -30.18
CA TRP E 374 -29.54 -21.74 -29.82
C TRP E 374 -29.97 -21.37 -28.43
N THR E 375 -29.11 -21.69 -27.46
CA THR E 375 -29.38 -21.43 -26.06
C THR E 375 -29.75 -19.98 -25.78
N LEU E 376 -29.07 -19.07 -26.48
CA LEU E 376 -29.34 -17.67 -26.26
C LEU E 376 -30.77 -17.38 -26.71
N ARG E 377 -31.21 -18.12 -27.74
CA ARG E 377 -32.56 -17.98 -28.28
C ARG E 377 -33.63 -18.66 -27.43
N VAL E 378 -33.22 -19.66 -26.66
CA VAL E 378 -34.12 -20.40 -25.80
C VAL E 378 -34.04 -19.87 -24.35
N ARG E 379 -33.47 -18.67 -24.17
CA ARG E 379 -33.30 -18.05 -22.85
C ARG E 379 -32.83 -19.00 -21.75
N HIS E 380 -31.93 -19.92 -22.10
CA HIS E 380 -31.45 -20.87 -21.11
C HIS E 380 -30.07 -21.46 -21.38
N ILE E 381 -29.10 -20.95 -20.65
CA ILE E 381 -27.71 -21.35 -20.76
C ILE E 381 -27.47 -22.82 -20.97
N SER E 382 -28.25 -23.65 -20.30
CA SER E 382 -28.06 -25.08 -20.46
C SER E 382 -29.29 -25.81 -19.98
N PRO E 383 -30.33 -25.85 -20.82
CA PRO E 383 -31.60 -26.51 -20.54
C PRO E 383 -31.39 -28.00 -20.26
N THR E 384 -30.33 -28.54 -20.84
CA THR E 384 -29.99 -29.93 -20.65
C THR E 384 -29.57 -30.23 -19.20
N ALA E 385 -29.70 -29.25 -18.31
CA ALA E 385 -29.31 -29.45 -16.92
C ALA E 385 -30.51 -29.59 -15.98
N PRO E 386 -30.37 -30.38 -14.91
CA PRO E 386 -31.40 -30.63 -13.89
C PRO E 386 -31.75 -29.48 -12.92
N ASP E 387 -32.93 -29.56 -12.32
CA ASP E 387 -33.45 -28.56 -11.37
C ASP E 387 -33.01 -28.68 -9.90
N THR E 388 -32.65 -27.55 -9.29
CA THR E 388 -32.22 -27.50 -7.89
C THR E 388 -32.29 -26.09 -7.26
N LYS E 396 -34.49 -20.92 -5.34
CA LYS E 396 -35.12 -21.74 -6.35
C LYS E 396 -35.52 -20.90 -7.55
N THR E 397 -34.54 -20.22 -8.12
CA THR E 397 -34.73 -19.39 -9.31
C THR E 397 -33.79 -20.03 -10.32
N ASP E 398 -34.21 -20.26 -11.55
CA ASP E 398 -33.25 -20.87 -12.45
C ASP E 398 -32.26 -19.79 -12.84
N PRO E 399 -31.00 -19.98 -12.45
CA PRO E 399 -29.90 -19.05 -12.71
C PRO E 399 -29.64 -19.01 -14.19
N PHE E 400 -29.86 -20.14 -14.82
CA PHE E 400 -29.61 -20.30 -16.23
C PHE E 400 -30.61 -19.65 -17.19
N ILE E 401 -31.45 -18.78 -16.66
CA ILE E 401 -32.41 -18.07 -17.50
C ILE E 401 -31.93 -16.64 -17.52
N PHE E 402 -31.54 -16.19 -18.70
CA PHE E 402 -31.03 -14.85 -18.85
C PHE E 402 -31.96 -13.78 -18.29
N PRO E 403 -31.50 -13.03 -17.30
CA PRO E 403 -32.26 -11.96 -16.65
C PRO E 403 -32.21 -10.74 -17.57
N GLU E 404 -31.04 -10.54 -18.16
CA GLU E 404 -30.79 -9.47 -19.11
C GLU E 404 -29.99 -10.16 -20.21
N CYS E 405 -29.77 -9.49 -21.34
CA CYS E 405 -29.02 -10.13 -22.40
C CYS E 405 -27.55 -9.74 -22.43
N PRO E 406 -26.66 -10.73 -22.44
CA PRO E 406 -25.24 -10.42 -22.48
C PRO E 406 -24.87 -9.62 -23.74
N HIS E 407 -23.64 -9.09 -23.79
CA HIS E 407 -23.14 -8.35 -24.95
C HIS E 407 -22.25 -9.33 -25.70
N VAL E 408 -21.50 -10.10 -24.93
CA VAL E 408 -20.63 -11.11 -25.46
C VAL E 408 -21.06 -12.39 -24.75
N TYR E 409 -21.25 -13.46 -25.51
CA TYR E 409 -21.64 -14.73 -24.94
C TYR E 409 -20.66 -15.74 -25.51
N PHE E 410 -19.87 -16.35 -24.64
CA PHE E 410 -18.88 -17.30 -25.13
C PHE E 410 -19.08 -18.71 -24.69
N CYS E 411 -18.28 -19.58 -25.28
CA CYS E 411 -18.42 -20.96 -25.00
C CYS E 411 -17.07 -21.70 -24.90
N GLY E 412 -17.06 -22.71 -24.03
CA GLY E 412 -15.90 -23.52 -23.74
C GLY E 412 -15.00 -24.10 -24.80
N ASN E 413 -14.55 -25.34 -24.59
CA ASN E 413 -13.62 -25.98 -25.51
C ASN E 413 -14.17 -26.45 -26.85
N THR E 414 -14.56 -25.51 -27.67
CA THR E 414 -15.07 -25.83 -29.00
C THR E 414 -13.89 -26.43 -29.78
N PRO E 415 -14.17 -27.32 -30.73
CA PRO E 415 -13.09 -27.91 -31.50
C PRO E 415 -12.55 -26.92 -32.54
N SER E 416 -13.27 -25.81 -32.74
CA SER E 416 -12.89 -24.81 -33.72
C SER E 416 -13.31 -23.42 -33.34
N PHE E 417 -12.49 -22.42 -33.69
CA PHE E 417 -12.83 -21.03 -33.37
C PHE E 417 -14.14 -20.64 -34.00
N GLY E 418 -14.93 -19.86 -33.30
CA GLY E 418 -16.19 -19.46 -33.85
C GLY E 418 -16.63 -18.11 -33.35
N SER E 419 -17.21 -17.32 -34.25
CA SER E 419 -17.67 -15.99 -33.90
C SER E 419 -18.79 -15.49 -34.80
N LYS E 420 -19.72 -14.75 -34.21
CA LYS E 420 -20.82 -14.23 -34.97
C LYS E 420 -21.57 -13.21 -34.13
N ILE E 421 -22.08 -12.17 -34.79
CA ILE E 421 -22.86 -11.17 -34.08
C ILE E 421 -24.29 -11.43 -34.46
N ILE E 422 -25.18 -11.42 -33.50
CA ILE E 422 -26.59 -11.68 -33.78
C ILE E 422 -27.39 -10.57 -33.14
N ARG E 423 -28.62 -10.40 -33.61
CA ARG E 423 -29.47 -9.36 -33.09
C ARG E 423 -30.76 -9.99 -32.58
N GLY E 424 -31.55 -9.23 -31.82
CA GLY E 424 -32.76 -9.81 -31.29
C GLY E 424 -34.02 -9.02 -31.53
N PRO E 425 -35.19 -9.61 -31.21
CA PRO E 425 -36.52 -9.02 -31.36
C PRO E 425 -36.45 -7.53 -31.06
N GLU E 426 -36.29 -7.15 -29.80
CA GLU E 426 -36.15 -5.74 -29.46
C GLU E 426 -34.67 -5.55 -29.76
N ASP E 427 -34.36 -5.19 -31.00
CA ASP E 427 -32.98 -5.01 -31.44
C ASP E 427 -31.93 -4.94 -30.32
N GLN E 428 -31.32 -6.09 -30.08
CA GLN E 428 -30.28 -6.20 -29.10
C GLN E 428 -29.11 -6.67 -29.93
N THR E 429 -27.90 -6.42 -29.43
CA THR E 429 -26.74 -6.87 -30.15
C THR E 429 -25.99 -7.80 -29.23
N VAL E 430 -25.56 -8.93 -29.77
CA VAL E 430 -24.85 -9.91 -28.97
C VAL E 430 -23.78 -10.62 -29.76
N LEU E 431 -22.58 -10.63 -29.22
CA LEU E 431 -21.45 -11.26 -29.87
C LEU E 431 -21.22 -12.65 -29.33
N LEU E 432 -21.37 -13.65 -30.19
CA LEU E 432 -21.16 -15.03 -29.76
C LEU E 432 -19.74 -15.41 -30.10
N VAL E 433 -19.17 -16.30 -29.31
CA VAL E 433 -17.80 -16.76 -29.54
C VAL E 433 -17.63 -18.18 -29.08
N THR E 434 -16.98 -19.00 -29.88
CA THR E 434 -16.74 -20.37 -29.45
C THR E 434 -15.22 -20.47 -29.33
N VAL E 435 -14.71 -20.45 -28.10
CA VAL E 435 -13.27 -20.52 -27.91
C VAL E 435 -12.68 -21.92 -27.99
N PRO E 436 -11.99 -22.20 -29.10
CA PRO E 436 -11.35 -23.49 -29.38
C PRO E 436 -10.53 -24.08 -28.23
N ASP E 437 -10.24 -25.36 -28.36
CA ASP E 437 -9.44 -26.06 -27.36
C ASP E 437 -7.99 -25.88 -27.74
N PHE E 438 -7.35 -24.90 -27.10
CA PHE E 438 -5.97 -24.61 -27.39
C PHE E 438 -5.10 -25.85 -27.52
N SER E 439 -5.36 -26.85 -26.68
CA SER E 439 -4.60 -28.09 -26.68
C SER E 439 -4.35 -28.60 -28.09
N ALA E 440 -5.39 -28.61 -28.92
CA ALA E 440 -5.22 -29.11 -30.27
C ALA E 440 -5.34 -28.06 -31.35
N THR E 441 -5.63 -26.82 -30.98
CA THR E 441 -5.73 -25.79 -32.00
C THR E 441 -4.65 -24.73 -31.82
N GLN E 442 -4.33 -24.43 -30.58
CA GLN E 442 -3.32 -23.41 -30.27
C GLN E 442 -3.85 -22.10 -30.79
N THR E 443 -5.12 -21.84 -30.52
CA THR E 443 -5.76 -20.63 -30.98
C THR E 443 -6.60 -20.04 -29.89
N ALA E 444 -6.80 -18.73 -29.94
CA ALA E 444 -7.63 -18.07 -28.94
C ALA E 444 -8.22 -16.85 -29.60
N CYS E 445 -9.37 -16.37 -29.13
CA CYS E 445 -9.94 -15.18 -29.72
C CYS E 445 -9.53 -13.98 -28.89
N LEU E 446 -9.42 -12.84 -29.57
CA LEU E 446 -9.14 -11.57 -28.95
C LEU E 446 -10.32 -10.69 -29.35
N VAL E 447 -11.13 -10.32 -28.36
CA VAL E 447 -12.30 -9.50 -28.61
C VAL E 447 -11.98 -8.07 -28.26
N ASN E 448 -12.13 -7.15 -29.22
CA ASN E 448 -11.88 -5.75 -28.92
C ASN E 448 -13.22 -5.23 -28.43
N LEU E 449 -13.25 -4.62 -27.26
CA LEU E 449 -14.50 -4.17 -26.69
C LEU E 449 -15.08 -2.91 -27.25
N ARG E 450 -14.33 -2.12 -27.99
CA ARG E 450 -15.02 -0.93 -28.46
C ARG E 450 -15.70 -1.20 -29.79
N SER E 451 -15.46 -2.37 -30.39
CA SER E 451 -16.11 -2.69 -31.67
C SER E 451 -16.73 -4.08 -31.74
N LEU E 452 -16.43 -4.94 -30.79
CA LEU E 452 -16.96 -6.31 -30.78
C LEU E 452 -16.47 -7.06 -31.98
N ALA E 453 -15.16 -7.16 -32.13
CA ALA E 453 -14.60 -7.89 -33.24
C ALA E 453 -13.78 -9.08 -32.73
N CYS E 454 -14.18 -10.31 -33.01
CA CYS E 454 -13.37 -11.43 -32.54
C CYS E 454 -12.42 -11.72 -33.63
N GLN E 455 -11.22 -12.11 -33.27
CA GLN E 455 -10.26 -12.47 -34.28
C GLN E 455 -9.41 -13.50 -33.60
N PRO E 456 -9.18 -14.62 -34.26
CA PRO E 456 -8.36 -15.67 -33.66
C PRO E 456 -6.91 -15.26 -33.63
N ILE E 457 -6.14 -15.90 -32.76
CA ILE E 457 -4.72 -15.68 -32.68
C ILE E 457 -4.23 -17.09 -32.63
N SER E 458 -3.31 -17.43 -33.52
CA SER E 458 -2.77 -18.80 -33.58
C SER E 458 -1.29 -18.80 -33.45
N PHE E 459 -0.77 -19.65 -32.58
CA PHE E 459 0.65 -19.71 -32.39
C PHE E 459 1.25 -20.97 -32.97
N SER E 460 2.50 -20.88 -33.42
CA SER E 460 3.14 -22.03 -34.01
C SER E 460 4.64 -21.89 -34.13
N GLY E 461 5.32 -23.02 -34.07
CA GLY E 461 6.76 -23.05 -34.19
C GLY E 461 7.11 -24.16 -35.14
N PHE E 462 8.16 -23.96 -35.92
CA PHE E 462 8.60 -24.95 -36.89
C PHE E 462 8.92 -26.33 -36.36
N GLY E 463 8.70 -27.33 -37.20
CA GLY E 463 8.99 -28.70 -36.85
C GLY E 463 10.03 -29.21 -37.83
N ALA E 464 10.61 -30.37 -37.55
CA ALA E 464 11.63 -30.94 -38.43
C ALA E 464 11.07 -31.17 -39.82
N GLU E 465 11.60 -30.45 -40.81
CA GLU E 465 11.14 -30.63 -42.19
C GLU E 465 12.12 -29.99 -43.16
N ALA F 2 31.29 -0.65 -23.84
CA ALA F 2 29.81 -0.61 -24.08
C ALA F 2 29.40 -1.76 -24.98
N ASP F 3 28.95 -1.39 -26.18
CA ASP F 3 28.50 -2.36 -27.18
C ASP F 3 29.44 -3.56 -27.44
N GLN F 4 30.71 -3.29 -27.74
CA GLN F 4 31.65 -4.37 -28.02
C GLN F 4 31.56 -5.42 -26.92
N LEU F 5 30.99 -5.03 -25.78
CA LEU F 5 30.87 -5.93 -24.64
C LEU F 5 29.81 -7.01 -24.81
N TYR F 6 28.56 -6.62 -24.98
CA TYR F 6 27.51 -7.61 -25.15
C TYR F 6 27.82 -8.54 -26.31
N LEU F 7 28.57 -8.04 -27.27
CA LEU F 7 28.90 -8.85 -28.44
C LEU F 7 29.74 -10.06 -28.07
N GLU F 8 30.82 -9.83 -27.34
CA GLU F 8 31.68 -10.92 -26.93
C GLU F 8 30.83 -11.87 -26.13
N ASN F 9 30.17 -11.33 -25.11
CA ASN F 9 29.28 -12.10 -24.26
C ASN F 9 28.51 -13.12 -25.06
N ILE F 10 27.83 -12.66 -26.11
CA ILE F 10 27.06 -13.55 -26.96
C ILE F 10 27.93 -14.57 -27.70
N ASP F 11 29.08 -14.13 -28.19
CA ASP F 11 29.96 -15.05 -28.89
C ASP F 11 30.29 -16.18 -27.94
N GLU F 12 30.86 -15.83 -26.78
CA GLU F 12 31.21 -16.81 -25.75
C GLU F 12 30.07 -17.81 -25.49
N PHE F 13 28.85 -17.33 -25.62
CA PHE F 13 27.65 -18.14 -25.41
C PHE F 13 27.38 -19.14 -26.55
N VAL F 14 27.31 -18.61 -27.77
CA VAL F 14 27.01 -19.43 -28.93
C VAL F 14 28.12 -20.37 -29.32
N THR F 15 29.18 -19.76 -29.85
CA THR F 15 30.36 -20.46 -30.32
C THR F 15 31.13 -21.28 -29.28
N ASP F 16 31.55 -20.61 -28.20
CA ASP F 16 32.30 -21.29 -27.15
C ASP F 16 31.46 -22.25 -26.30
N GLN F 17 30.40 -21.73 -25.67
CA GLN F 17 29.54 -22.55 -24.82
C GLN F 17 28.52 -23.45 -25.54
N ASN F 18 28.18 -23.11 -26.78
CA ASN F 18 27.24 -23.90 -27.55
C ASN F 18 25.87 -23.90 -26.90
N LYS F 19 25.39 -22.71 -26.56
CA LYS F 19 24.08 -22.56 -25.93
C LYS F 19 23.07 -21.95 -26.89
N ILE F 20 21.80 -22.33 -26.75
CA ILE F 20 20.80 -21.75 -27.62
C ILE F 20 20.39 -20.41 -27.02
N VAL F 21 20.62 -19.35 -27.77
CA VAL F 21 20.33 -17.99 -27.32
C VAL F 21 19.03 -17.41 -27.85
N THR F 22 18.03 -17.34 -26.97
CA THR F 22 16.72 -16.79 -27.30
C THR F 22 16.68 -15.42 -26.66
N TYR F 23 15.96 -14.48 -27.25
CA TYR F 23 15.93 -13.16 -26.65
C TYR F 23 15.58 -13.25 -25.18
N LYS F 24 14.54 -14.01 -24.85
CA LYS F 24 14.13 -14.13 -23.46
C LYS F 24 15.31 -14.55 -22.62
N TRP F 25 15.93 -15.66 -23.01
CA TRP F 25 17.09 -16.18 -22.30
C TRP F 25 18.19 -15.14 -22.11
N LEU F 26 18.47 -14.38 -23.16
CA LEU F 26 19.49 -13.36 -23.09
C LEU F 26 18.97 -12.25 -22.23
N SER F 27 17.68 -11.98 -22.35
CA SER F 27 17.07 -10.93 -21.58
C SER F 27 17.41 -11.13 -20.13
N TYR F 28 17.02 -12.29 -19.60
CA TYR F 28 17.28 -12.60 -18.19
C TYR F 28 18.76 -12.76 -17.91
N THR F 29 19.49 -13.35 -18.85
CA THR F 29 20.92 -13.57 -18.66
C THR F 29 21.75 -12.29 -18.55
N LEU F 30 21.56 -11.35 -19.46
CA LEU F 30 22.33 -10.13 -19.37
C LEU F 30 21.56 -9.09 -18.61
N GLY F 31 20.32 -9.41 -18.25
CA GLY F 31 19.50 -8.46 -17.51
C GLY F 31 19.17 -7.25 -18.36
N VAL F 32 18.53 -7.50 -19.49
CA VAL F 32 18.22 -6.43 -20.38
C VAL F 32 16.84 -6.53 -20.95
N HIS F 33 16.25 -5.36 -21.16
CA HIS F 33 14.91 -5.19 -21.73
C HIS F 33 14.68 -6.20 -22.82
N VAL F 34 13.55 -6.89 -22.75
CA VAL F 34 13.26 -7.91 -23.73
C VAL F 34 13.48 -7.47 -25.17
N ASN F 35 13.22 -6.19 -25.47
CA ASN F 35 13.42 -5.72 -26.83
C ASN F 35 14.89 -5.51 -27.14
N GLN F 36 15.58 -4.77 -26.28
CA GLN F 36 17.00 -4.52 -26.50
C GLN F 36 17.75 -5.83 -26.66
N ALA F 37 17.20 -6.88 -26.09
CA ALA F 37 17.84 -8.18 -26.19
C ALA F 37 17.76 -8.65 -27.65
N LYS F 38 16.59 -8.46 -28.23
CA LYS F 38 16.35 -8.84 -29.61
C LYS F 38 17.27 -8.00 -30.50
N GLN F 39 17.30 -6.70 -30.26
CA GLN F 39 18.16 -5.83 -31.06
C GLN F 39 19.60 -6.31 -30.93
N MET F 40 19.95 -6.81 -29.75
CA MET F 40 21.29 -7.32 -29.53
C MET F 40 21.54 -8.52 -30.44
N LEU F 41 20.63 -9.47 -30.46
CA LEU F 41 20.86 -10.61 -31.31
C LEU F 41 21.03 -10.16 -32.74
N TYR F 42 20.18 -9.23 -33.17
CA TYR F 42 20.24 -8.72 -34.54
C TYR F 42 21.61 -8.22 -34.91
N ASP F 43 22.14 -7.31 -34.09
CA ASP F 43 23.45 -6.75 -34.34
C ASP F 43 24.50 -7.85 -34.40
N TYR F 44 24.47 -8.75 -33.42
CA TYR F 44 25.44 -9.83 -33.39
C TYR F 44 25.43 -10.71 -34.63
N VAL F 45 24.27 -11.00 -35.23
CA VAL F 45 24.33 -11.84 -36.41
C VAL F 45 24.96 -11.05 -37.53
N GLU F 46 24.52 -9.81 -37.73
CA GLU F 46 25.10 -9.01 -38.81
C GLU F 46 26.61 -9.02 -38.77
N ARG F 47 27.18 -8.67 -37.62
CA ARG F 47 28.62 -8.68 -37.48
C ARG F 47 29.18 -10.04 -37.91
N LYS F 48 28.89 -11.06 -37.12
CA LYS F 48 29.36 -12.40 -37.41
C LYS F 48 29.09 -12.78 -38.88
N ARG F 49 28.04 -12.24 -39.47
CA ARG F 49 27.72 -12.56 -40.86
C ARG F 49 28.63 -11.84 -41.86
N LYS F 50 28.92 -10.57 -41.62
CA LYS F 50 29.82 -9.81 -42.50
C LYS F 50 31.22 -10.37 -42.27
N GLU F 51 31.56 -10.53 -40.99
CA GLU F 51 32.85 -11.06 -40.56
C GLU F 51 33.23 -12.31 -41.34
N ASN F 52 32.52 -13.41 -41.11
CA ASN F 52 32.86 -14.66 -41.78
C ASN F 52 32.23 -14.86 -43.15
N SER F 53 31.00 -14.38 -43.31
CA SER F 53 30.27 -14.52 -44.58
C SER F 53 29.91 -15.98 -44.77
N GLY F 54 30.13 -16.77 -43.72
CA GLY F 54 29.85 -18.18 -43.78
C GLY F 54 30.21 -18.85 -42.48
N ALA F 55 29.99 -18.14 -41.37
CA ALA F 55 30.27 -18.68 -40.04
C ALA F 55 29.13 -19.63 -39.67
N GLN F 56 29.44 -20.73 -39.01
CA GLN F 56 28.41 -21.69 -38.63
C GLN F 56 27.41 -21.04 -37.66
N LEU F 57 26.43 -20.32 -38.22
CA LEU F 57 25.44 -19.63 -37.41
C LEU F 57 24.02 -19.74 -37.95
N HIS F 58 23.10 -20.13 -37.07
CA HIS F 58 21.71 -20.29 -37.46
C HIS F 58 20.76 -19.38 -36.69
N VAL F 59 19.85 -18.75 -37.42
CA VAL F 59 18.92 -17.84 -36.81
C VAL F 59 17.47 -18.24 -37.01
N THR F 60 16.61 -17.77 -36.10
CA THR F 60 15.17 -18.02 -36.15
C THR F 60 14.48 -16.70 -35.81
N TYR F 61 13.40 -16.39 -36.53
CA TYR F 61 12.69 -15.15 -36.28
C TYR F 61 11.24 -15.34 -35.88
N LEU F 62 10.67 -14.29 -35.30
CA LEU F 62 9.28 -14.29 -34.90
C LEU F 62 8.57 -13.44 -35.92
N VAL F 63 7.59 -14.03 -36.60
CA VAL F 63 6.84 -13.30 -37.58
C VAL F 63 5.40 -13.30 -37.16
N SER F 64 4.77 -12.15 -37.18
CA SER F 64 3.38 -12.07 -36.77
C SER F 64 2.63 -11.09 -37.65
N GLY F 65 1.42 -11.49 -38.01
CA GLY F 65 0.59 -10.64 -38.82
C GLY F 65 -0.78 -11.22 -39.08
N SER F 66 -1.51 -10.51 -39.93
CA SER F 66 -2.85 -10.87 -40.37
C SER F 66 -2.76 -11.84 -41.55
N LEU F 67 -3.62 -12.85 -41.52
CA LEU F 67 -3.65 -13.85 -42.57
C LEU F 67 -5.10 -14.21 -42.83
N ILE F 68 -5.66 -13.68 -43.92
CA ILE F 68 -7.04 -13.96 -44.24
C ILE F 68 -7.14 -15.32 -44.91
N GLN F 69 -8.15 -16.10 -44.53
CA GLN F 69 -8.37 -17.43 -45.12
C GLN F 69 -9.60 -17.36 -46.05
N ASN F 70 -10.75 -17.03 -45.47
CA ASN F 70 -11.98 -16.90 -46.22
C ASN F 70 -12.69 -15.68 -45.69
N GLY F 71 -12.22 -14.53 -46.15
CA GLY F 71 -12.77 -13.25 -45.74
C GLY F 71 -12.55 -13.01 -44.26
N HIS F 72 -12.18 -14.10 -43.57
CA HIS F 72 -11.97 -14.08 -42.14
C HIS F 72 -10.53 -14.07 -41.69
N SER F 73 -10.20 -12.88 -41.19
CA SER F 73 -8.91 -12.45 -40.71
C SER F 73 -8.39 -13.04 -39.43
N CYS F 74 -7.45 -13.96 -39.54
CA CYS F 74 -6.85 -14.56 -38.37
C CYS F 74 -5.44 -14.00 -38.15
N HIS F 75 -5.12 -13.65 -36.92
CA HIS F 75 -3.79 -13.14 -36.60
C HIS F 75 -2.88 -14.35 -36.39
N LYS F 76 -1.69 -14.34 -36.97
CA LYS F 76 -0.80 -15.46 -36.78
C LYS F 76 0.50 -15.01 -36.15
N VAL F 77 0.96 -15.80 -35.20
CA VAL F 77 2.20 -15.55 -34.47
C VAL F 77 3.05 -16.81 -34.62
N ALA F 78 4.21 -16.69 -35.26
CA ALA F 78 5.06 -17.84 -35.47
C ALA F 78 6.56 -17.63 -35.40
N VAL F 79 7.22 -18.64 -34.84
CA VAL F 79 8.66 -18.69 -34.71
C VAL F 79 9.07 -19.53 -35.91
N VAL F 80 9.80 -18.93 -36.84
CA VAL F 80 10.20 -19.62 -38.05
C VAL F 80 11.69 -19.77 -38.17
N ARG F 81 12.09 -20.72 -39.00
CA ARG F 81 13.50 -21.00 -39.24
C ARG F 81 13.95 -19.94 -40.24
N GLU F 82 15.19 -19.50 -40.12
CA GLU F 82 15.71 -18.45 -40.99
C GLU F 82 15.24 -18.44 -42.46
N ASP F 83 15.43 -19.53 -43.20
CA ASP F 83 14.99 -19.54 -44.59
C ASP F 83 13.54 -19.13 -44.73
N LYS F 84 12.65 -20.01 -44.30
CA LYS F 84 11.22 -19.77 -44.39
C LYS F 84 10.68 -18.36 -44.07
N LEU F 85 11.46 -17.52 -43.40
CA LEU F 85 10.97 -16.18 -43.06
C LEU F 85 10.40 -15.43 -44.25
N GLU F 86 11.07 -15.51 -45.38
CA GLU F 86 10.57 -14.80 -46.55
C GLU F 86 9.21 -15.32 -46.95
N ALA F 87 9.10 -16.65 -47.02
CA ALA F 87 7.86 -17.30 -47.41
C ALA F 87 6.69 -16.87 -46.51
N VAL F 88 6.83 -17.11 -45.22
CA VAL F 88 5.79 -16.77 -44.28
C VAL F 88 5.42 -15.30 -44.40
N LYS F 89 6.42 -14.45 -44.30
CA LYS F 89 6.19 -13.01 -44.38
C LYS F 89 5.31 -12.65 -45.56
N SER F 90 5.44 -13.41 -46.64
CA SER F 90 4.65 -13.11 -47.83
C SER F 90 3.18 -13.47 -47.69
N LYS F 91 2.92 -14.69 -47.19
CA LYS F 91 1.57 -15.17 -47.03
C LYS F 91 0.71 -14.24 -46.17
N LEU F 92 1.35 -13.35 -45.44
CA LEU F 92 0.60 -12.45 -44.60
C LEU F 92 -0.01 -11.26 -45.33
N ALA F 93 -1.20 -10.89 -44.90
CA ALA F 93 -1.90 -9.76 -45.46
C ALA F 93 -1.19 -8.52 -44.99
N VAL F 94 -1.29 -8.24 -43.70
CA VAL F 94 -0.61 -7.09 -43.13
C VAL F 94 0.32 -7.61 -42.02
N THR F 95 1.60 -7.34 -42.13
CA THR F 95 2.55 -7.85 -41.16
C THR F 95 2.81 -6.91 -40.02
N ALA F 96 2.72 -7.44 -38.79
CA ALA F 96 2.92 -6.64 -37.58
C ALA F 96 4.30 -6.70 -36.92
N SER F 97 4.80 -7.90 -36.67
CA SER F 97 6.10 -8.04 -36.00
C SER F 97 7.12 -8.99 -36.65
N ILE F 98 8.38 -8.55 -36.63
CA ILE F 98 9.48 -9.34 -37.15
C ILE F 98 10.70 -9.02 -36.32
N HIS F 99 11.34 -10.04 -35.79
CA HIS F 99 12.54 -9.82 -35.01
C HIS F 99 13.17 -11.15 -34.73
N VAL F 100 14.47 -11.13 -34.46
CA VAL F 100 15.20 -12.35 -34.16
C VAL F 100 14.53 -13.04 -32.98
N TYR F 101 14.62 -14.36 -32.89
CA TYR F 101 14.05 -15.08 -31.76
C TYR F 101 15.19 -15.83 -31.13
N SER F 102 15.95 -16.57 -31.94
CA SER F 102 17.08 -17.32 -31.41
C SER F 102 18.32 -17.37 -32.30
N ILE F 103 19.41 -17.80 -31.68
CA ILE F 103 20.72 -17.92 -32.31
C ILE F 103 21.35 -19.20 -31.78
N GLN F 104 21.72 -20.09 -32.68
CA GLN F 104 22.35 -21.35 -32.29
C GLN F 104 23.47 -21.72 -33.24
N LYS F 105 24.49 -22.39 -32.73
CA LYS F 105 25.58 -22.80 -33.58
C LYS F 105 25.05 -23.93 -34.45
N ALA F 106 24.46 -24.93 -33.81
CA ALA F 106 23.90 -26.07 -34.52
C ALA F 106 22.41 -25.89 -34.81
N MET F 107 22.01 -26.22 -36.03
CA MET F 107 20.61 -26.07 -36.41
C MET F 107 19.72 -26.89 -35.50
N LEU F 108 18.46 -26.50 -35.40
CA LEU F 108 17.53 -27.22 -34.54
C LEU F 108 16.56 -28.06 -35.36
N LYS F 109 16.29 -29.28 -34.89
CA LYS F 109 15.36 -30.16 -35.60
C LYS F 109 13.97 -29.54 -35.65
N ASP F 110 13.41 -29.24 -34.47
CA ASP F 110 12.09 -28.61 -34.35
C ASP F 110 12.31 -27.41 -33.46
N SER F 111 11.25 -26.67 -33.21
CA SER F 111 11.35 -25.49 -32.36
C SER F 111 11.35 -25.91 -30.90
N GLY F 112 11.19 -27.20 -30.66
CA GLY F 112 11.16 -27.74 -29.32
C GLY F 112 12.10 -27.08 -28.34
N PRO F 113 13.39 -27.39 -28.43
CA PRO F 113 14.35 -26.79 -27.51
C PRO F 113 14.10 -25.31 -27.21
N LEU F 114 13.64 -24.57 -28.22
CA LEU F 114 13.35 -23.15 -28.02
C LEU F 114 12.44 -22.95 -26.83
N PHE F 115 11.75 -24.00 -26.44
CA PHE F 115 10.87 -23.91 -25.29
C PHE F 115 11.71 -24.18 -24.08
N ASN F 116 12.16 -25.41 -23.99
CA ASN F 116 12.98 -25.88 -22.88
C ASN F 116 13.91 -24.79 -22.40
N THR F 117 14.68 -24.23 -23.32
CA THR F 117 15.59 -23.17 -22.96
C THR F 117 14.83 -22.12 -22.17
N ASP F 118 13.91 -21.44 -22.85
CA ASP F 118 13.14 -20.40 -22.18
C ASP F 118 12.46 -20.90 -20.91
N TYR F 119 11.98 -22.15 -20.91
CA TYR F 119 11.31 -22.66 -19.72
C TYR F 119 12.22 -22.74 -18.52
N ASP F 120 13.43 -23.25 -18.72
CA ASP F 120 14.36 -23.36 -17.61
C ASP F 120 14.74 -22.04 -17.02
N ILE F 121 15.20 -21.13 -17.86
CA ILE F 121 15.60 -19.84 -17.35
C ILE F 121 14.44 -19.19 -16.59
N LEU F 122 13.22 -19.59 -16.92
CA LEU F 122 12.06 -19.04 -16.23
C LEU F 122 12.02 -19.55 -14.81
N LYS F 123 11.92 -20.88 -14.68
CA LYS F 123 11.85 -21.53 -13.39
C LYS F 123 12.84 -20.90 -12.43
N SER F 124 13.98 -20.48 -12.93
CA SER F 124 14.99 -19.84 -12.10
C SER F 124 14.66 -18.35 -11.82
N ASN F 125 13.89 -17.74 -12.69
CA ASN F 125 13.53 -16.33 -12.48
C ASN F 125 12.08 -16.20 -12.11
N LEU F 126 11.43 -17.33 -11.91
CA LEU F 126 10.02 -17.40 -11.55
C LEU F 126 9.60 -16.25 -10.65
N GLN F 127 10.58 -15.72 -9.95
CA GLN F 127 10.39 -14.60 -9.03
C GLN F 127 9.86 -13.34 -9.67
N ASN F 128 10.44 -12.95 -10.80
CA ASN F 128 10.00 -11.72 -11.42
C ASN F 128 9.91 -11.79 -12.94
N CYS F 129 8.82 -12.38 -13.40
CA CYS F 129 8.60 -12.57 -14.82
C CYS F 129 8.50 -11.31 -15.60
N SER F 130 7.66 -10.40 -15.16
CA SER F 130 7.50 -9.17 -15.92
C SER F 130 8.61 -8.16 -15.72
N LYS F 131 9.76 -8.61 -15.25
CA LYS F 131 10.85 -7.67 -15.03
C LYS F 131 11.32 -7.00 -16.30
N PHE F 132 11.50 -7.77 -17.35
CA PHE F 132 11.99 -7.19 -18.58
C PHE F 132 10.96 -7.09 -19.69
N SER F 133 9.69 -7.29 -19.36
CA SER F 133 8.63 -7.19 -20.36
C SER F 133 8.50 -5.75 -20.84
N ALA F 134 7.83 -5.58 -21.98
CA ALA F 134 7.63 -4.28 -22.53
C ALA F 134 6.35 -3.72 -21.94
N ILE F 135 5.77 -4.45 -20.98
CA ILE F 135 4.53 -4.02 -20.36
C ILE F 135 4.56 -4.09 -18.84
N GLN F 136 4.19 -2.99 -18.19
CA GLN F 136 4.13 -2.93 -16.73
C GLN F 136 2.71 -2.61 -16.32
N CYS F 137 2.19 -3.40 -15.37
CA CYS F 137 0.82 -3.24 -14.88
C CYS F 137 0.64 -2.71 -13.47
N ALA F 138 0.15 -1.49 -13.36
CA ALA F 138 -0.07 -0.91 -12.05
C ALA F 138 -0.63 -1.92 -11.04
N ALA F 139 -1.62 -2.71 -11.44
CA ALA F 139 -2.25 -3.67 -10.53
C ALA F 139 -1.43 -4.91 -10.16
N ALA F 140 -0.68 -5.45 -11.09
CA ALA F 140 0.10 -6.65 -10.82
C ALA F 140 1.08 -6.48 -9.67
N VAL F 141 0.56 -6.08 -8.50
CA VAL F 141 1.39 -5.91 -7.32
C VAL F 141 0.87 -6.85 -6.24
N PRO F 142 1.69 -7.83 -5.83
CA PRO F 142 1.31 -8.82 -4.79
C PRO F 142 0.52 -8.22 -3.62
N ARG F 143 -0.79 -8.46 -3.59
CA ARG F 143 -1.65 -7.95 -2.52
C ARG F 143 -2.81 -8.85 -2.07
N ALA F 144 -3.37 -9.65 -2.98
CA ALA F 144 -4.49 -10.54 -2.63
C ALA F 144 -4.07 -12.00 -2.51
N HIS G 4 -19.72 -57.78 21.23
CA HIS G 4 -18.36 -58.32 21.50
C HIS G 4 -17.57 -57.33 22.35
N HIS G 5 -17.06 -57.81 23.49
CA HIS G 5 -16.29 -56.97 24.38
C HIS G 5 -15.08 -57.75 24.88
N HIS G 6 -13.90 -57.27 24.56
CA HIS G 6 -12.66 -57.92 24.92
C HIS G 6 -11.69 -57.37 23.90
N GLY G 7 -10.53 -56.93 24.34
CA GLY G 7 -9.59 -56.42 23.37
C GLY G 7 -9.90 -54.99 23.00
N MET G 8 -10.63 -54.30 23.87
CA MET G 8 -10.91 -52.90 23.63
C MET G 8 -9.56 -52.23 23.69
N PHE G 9 -9.44 -51.01 23.20
CA PHE G 9 -8.13 -50.35 23.22
C PHE G 9 -7.53 -50.18 24.63
N SER G 10 -8.20 -49.41 25.47
CA SER G 10 -7.72 -49.17 26.82
C SER G 10 -7.22 -50.42 27.48
N GLU G 11 -7.94 -51.52 27.32
CA GLU G 11 -7.51 -52.77 27.93
C GLU G 11 -6.13 -53.18 27.41
N GLN G 12 -6.03 -53.53 26.13
CA GLN G 12 -4.74 -53.94 25.57
C GLN G 12 -3.64 -52.92 25.85
N ALA G 13 -4.04 -51.67 26.00
CA ALA G 13 -3.09 -50.59 26.25
C ALA G 13 -2.47 -50.64 27.63
N ALA G 14 -3.30 -50.77 28.68
CA ALA G 14 -2.79 -50.83 30.05
C ALA G 14 -2.11 -52.16 30.36
N GLN G 15 -2.24 -53.08 29.43
CA GLN G 15 -1.70 -54.42 29.56
C GLN G 15 -0.26 -54.54 30.04
N ARG G 16 0.47 -53.42 30.19
CA ARG G 16 1.85 -53.53 30.66
C ARG G 16 2.42 -52.37 31.44
N ALA G 17 3.33 -52.72 32.34
CA ALA G 17 4.02 -51.82 33.27
C ALA G 17 4.29 -50.42 32.80
N HIS G 18 4.36 -49.48 33.74
CA HIS G 18 4.63 -48.11 33.40
C HIS G 18 6.13 -47.94 33.42
N THR G 19 6.62 -46.79 32.94
CA THR G 19 8.06 -46.59 32.87
C THR G 19 8.51 -45.13 32.87
N LEU G 20 7.69 -44.28 32.27
CA LEU G 20 8.04 -42.86 32.14
C LEU G 20 8.05 -41.99 33.38
N LEU G 21 7.91 -42.60 34.55
CA LEU G 21 7.93 -41.86 35.79
C LEU G 21 9.18 -42.30 36.49
N SER G 22 10.30 -41.98 35.86
CA SER G 22 11.59 -42.37 36.37
C SER G 22 12.67 -41.70 35.55
N PRO G 23 13.90 -41.65 36.08
CA PRO G 23 15.01 -41.03 35.37
C PRO G 23 15.35 -41.80 34.11
N PRO G 24 15.81 -41.07 33.08
CA PRO G 24 16.19 -41.65 31.80
C PRO G 24 16.95 -42.94 31.96
N SER G 25 16.58 -43.96 31.19
CA SER G 25 17.32 -45.20 31.20
C SER G 25 17.86 -45.13 29.82
N ALA G 26 18.85 -45.94 29.48
CA ALA G 26 19.35 -45.86 28.11
C ALA G 26 18.39 -46.69 27.28
N ASN G 27 18.15 -47.93 27.72
CA ASN G 27 17.26 -48.84 27.02
C ASN G 27 15.95 -48.17 26.70
N ASN G 28 15.62 -48.09 25.42
CA ASN G 28 14.39 -47.44 25.00
C ASN G 28 13.63 -48.23 23.97
N ALA G 29 12.38 -48.49 24.27
CA ALA G 29 11.56 -49.27 23.37
C ALA G 29 11.09 -48.47 22.18
N THR G 30 11.21 -49.08 21.01
CA THR G 30 10.77 -48.45 19.79
C THR G 30 10.06 -49.59 19.10
N PHE G 31 8.77 -49.41 18.89
CA PHE G 31 7.92 -50.42 18.29
C PHE G 31 7.76 -50.47 16.79
N ALA G 32 7.83 -51.69 16.28
CA ALA G 32 7.67 -51.94 14.88
C ALA G 32 6.19 -52.06 14.68
N ARG G 33 5.62 -51.20 13.84
CA ARG G 33 4.18 -51.24 13.57
C ARG G 33 3.75 -52.57 12.97
N VAL G 34 2.46 -52.87 13.06
CA VAL G 34 1.98 -54.12 12.52
C VAL G 34 2.08 -54.12 11.01
N PRO G 35 2.19 -55.30 10.41
CA PRO G 35 2.29 -55.47 8.98
C PRO G 35 1.03 -55.03 8.25
N VAL G 36 1.05 -53.82 7.72
CA VAL G 36 -0.09 -53.28 7.00
C VAL G 36 -0.06 -53.82 5.59
N ALA G 37 0.21 -55.11 5.45
CA ALA G 37 0.32 -55.70 4.13
C ALA G 37 -0.93 -56.39 3.56
N THR G 38 -1.93 -56.68 4.39
CA THR G 38 -3.13 -57.35 3.88
C THR G 38 -4.29 -56.39 3.71
N TYR G 39 -4.30 -55.67 2.61
CA TYR G 39 -5.35 -54.69 2.33
C TYR G 39 -5.76 -54.77 0.90
N THR G 40 -7.00 -54.40 0.64
CA THR G 40 -7.49 -54.46 -0.72
C THR G 40 -8.54 -53.40 -0.85
N ASN G 41 -8.22 -52.30 -1.52
CA ASN G 41 -9.25 -51.32 -1.72
C ASN G 41 -10.16 -51.98 -2.73
N SER G 42 -11.46 -51.81 -2.57
CA SER G 42 -12.42 -52.43 -3.45
C SER G 42 -13.54 -51.46 -3.70
N SER G 43 -13.22 -50.18 -3.78
CA SER G 43 -14.25 -49.21 -4.01
C SER G 43 -14.40 -48.86 -5.48
N GLN G 44 -13.89 -49.70 -6.36
CA GLN G 44 -14.00 -49.41 -7.81
C GLN G 44 -15.44 -48.99 -8.11
N PRO G 45 -16.41 -49.85 -7.77
CA PRO G 45 -17.81 -49.52 -8.01
C PRO G 45 -18.25 -48.19 -7.45
N PHE G 46 -17.31 -47.32 -7.12
CA PHE G 46 -17.67 -46.01 -6.61
C PHE G 46 -16.92 -44.95 -7.41
N ARG G 47 -15.89 -45.40 -8.15
CA ARG G 47 -15.09 -44.51 -9.00
C ARG G 47 -15.83 -44.35 -10.33
N LEU G 48 -15.94 -43.11 -10.82
CA LEU G 48 -16.63 -42.88 -12.08
C LEU G 48 -15.87 -41.95 -13.01
N TYR G 61 -36.26 -44.60 -11.26
CA TYR G 61 -35.62 -45.44 -10.26
C TYR G 61 -35.74 -46.92 -10.57
N ALA G 62 -36.36 -47.20 -11.71
CA ALA G 62 -36.59 -48.57 -12.18
C ALA G 62 -35.42 -49.52 -11.97
N THR G 63 -34.27 -49.16 -12.53
CA THR G 63 -33.09 -49.99 -12.40
C THR G 63 -32.96 -50.55 -10.97
N ARG G 64 -33.31 -49.75 -9.97
CA ARG G 64 -33.26 -50.24 -8.60
C ARG G 64 -34.27 -51.36 -8.50
N LEU G 65 -35.53 -50.97 -8.65
CA LEU G 65 -36.65 -51.90 -8.61
C LEU G 65 -36.32 -53.22 -9.31
N ILE G 66 -35.60 -53.10 -10.41
CA ILE G 66 -35.22 -54.25 -11.19
C ILE G 66 -34.26 -55.15 -10.42
N GLN G 67 -33.22 -54.55 -9.84
CA GLN G 67 -32.22 -55.30 -9.08
C GLN G 67 -32.77 -55.78 -7.74
N MET G 68 -33.50 -54.89 -7.07
CA MET G 68 -34.10 -55.16 -5.76
C MET G 68 -35.22 -56.21 -5.82
N ARG G 69 -35.99 -56.16 -6.90
CA ARG G 69 -37.10 -57.08 -7.08
C ARG G 69 -36.78 -58.47 -6.56
N PRO G 70 -35.84 -59.18 -7.20
CA PRO G 70 -35.45 -60.53 -6.79
C PRO G 70 -35.32 -60.66 -5.29
N PHE G 71 -34.72 -59.64 -4.68
CA PHE G 71 -34.50 -59.63 -3.24
C PHE G 71 -35.82 -59.48 -2.49
N LEU G 72 -36.46 -58.31 -2.61
CA LEU G 72 -37.73 -58.03 -1.95
C LEU G 72 -38.75 -59.15 -2.16
N GLU G 73 -38.71 -59.78 -3.32
CA GLU G 73 -39.63 -60.87 -3.60
C GLU G 73 -39.29 -62.06 -2.74
N ASN G 74 -38.04 -62.51 -2.80
CA ASN G 74 -37.62 -63.68 -2.03
C ASN G 74 -37.72 -63.43 -0.53
N ARG G 75 -37.80 -62.16 -0.16
CA ARG G 75 -37.94 -61.78 1.25
C ARG G 75 -39.42 -61.91 1.61
N ALA G 76 -40.29 -61.39 0.76
CA ALA G 76 -41.73 -61.45 0.98
C ALA G 76 -42.20 -62.90 0.90
N GLN G 77 -41.60 -63.67 -0.02
CA GLN G 77 -41.98 -65.07 -0.17
C GLN G 77 -41.71 -65.87 1.09
N GLN G 78 -40.62 -65.57 1.78
CA GLN G 78 -40.31 -66.28 2.99
C GLN G 78 -41.06 -65.65 4.17
N HIS G 79 -41.25 -64.35 4.09
CA HIS G 79 -41.93 -63.58 5.13
C HIS G 79 -43.42 -63.90 5.23
N TRP G 80 -44.02 -64.29 4.10
CA TRP G 80 -45.45 -64.59 4.05
C TRP G 80 -45.77 -65.95 3.41
N GLY G 81 -44.75 -66.77 3.19
CA GLY G 81 -44.98 -68.07 2.61
C GLY G 81 -45.32 -68.13 1.12
N SER G 82 -45.29 -69.34 0.59
CA SER G 82 -45.59 -69.59 -0.81
C SER G 82 -46.69 -68.68 -1.36
N GLY G 83 -47.70 -68.36 -0.54
CA GLY G 83 -48.80 -67.49 -0.96
C GLY G 83 -48.31 -66.24 -1.69
N VAL G 84 -47.86 -66.46 -2.93
CA VAL G 84 -47.30 -65.42 -3.81
C VAL G 84 -48.25 -64.29 -4.13
N GLY G 85 -48.06 -63.16 -3.45
CA GLY G 85 -48.90 -62.00 -3.74
C GLY G 85 -48.32 -61.29 -4.94
N VAL G 86 -47.23 -61.85 -5.49
CA VAL G 86 -46.54 -61.28 -6.64
C VAL G 86 -47.46 -60.81 -7.77
N LYS G 87 -47.89 -59.56 -7.68
CA LYS G 87 -48.76 -58.95 -8.68
C LYS G 87 -48.29 -57.52 -8.90
N LYS G 88 -47.94 -57.17 -10.15
CA LYS G 88 -47.48 -55.82 -10.43
C LYS G 88 -48.60 -54.82 -10.17
N LEU G 89 -48.28 -53.54 -10.27
CA LEU G 89 -49.27 -52.49 -10.00
C LEU G 89 -50.42 -52.49 -11.00
N CYS G 90 -50.22 -53.11 -12.16
CA CYS G 90 -51.24 -53.17 -13.18
C CYS G 90 -52.22 -54.34 -13.02
N GLU G 91 -51.70 -55.53 -12.75
CA GLU G 91 -52.52 -56.73 -12.58
C GLU G 91 -53.34 -56.77 -11.30
N LEU G 92 -53.48 -55.62 -10.64
CA LEU G 92 -54.23 -55.54 -9.39
C LEU G 92 -55.76 -55.57 -9.56
N GLN G 93 -56.40 -56.51 -8.88
CA GLN G 93 -57.87 -56.65 -8.92
C GLN G 93 -58.45 -56.04 -7.65
N PRO G 94 -59.22 -54.93 -7.76
CA PRO G 94 -59.78 -54.31 -6.55
C PRO G 94 -60.15 -55.32 -5.47
N GLU G 95 -59.74 -55.06 -4.23
CA GLU G 95 -60.03 -55.93 -3.09
C GLU G 95 -59.28 -57.26 -3.12
N GLU G 96 -58.18 -57.32 -3.86
CA GLU G 96 -57.39 -58.55 -3.94
C GLU G 96 -56.20 -58.49 -3.00
N LYS G 97 -56.02 -59.55 -2.21
CA LYS G 97 -54.91 -59.63 -1.27
C LYS G 97 -53.64 -60.12 -1.98
N CYS G 98 -52.71 -59.21 -2.21
CA CYS G 98 -51.48 -59.56 -2.89
C CYS G 98 -50.29 -58.78 -2.37
N CYS G 99 -49.17 -58.90 -3.06
CA CYS G 99 -47.95 -58.20 -2.70
C CYS G 99 -47.32 -57.49 -3.89
N VAL G 100 -47.22 -56.17 -3.78
CA VAL G 100 -46.63 -55.33 -4.82
C VAL G 100 -45.20 -54.94 -4.39
N VAL G 101 -44.25 -54.99 -5.32
CA VAL G 101 -42.86 -54.62 -5.04
C VAL G 101 -42.53 -53.33 -5.78
N GLY G 102 -42.20 -52.28 -5.03
CA GLY G 102 -41.90 -51.00 -5.67
C GLY G 102 -41.06 -49.97 -4.95
N THR G 103 -41.09 -48.75 -5.46
CA THR G 103 -40.35 -47.61 -4.91
C THR G 103 -41.31 -46.70 -4.18
N LEU G 104 -40.84 -46.02 -3.15
CA LEU G 104 -41.70 -45.11 -2.41
C LEU G 104 -41.38 -43.66 -2.72
N PHE G 105 -42.40 -42.81 -2.69
CA PHE G 105 -42.25 -41.38 -2.93
C PHE G 105 -43.05 -40.68 -1.86
N LYS G 106 -42.51 -39.60 -1.31
CA LYS G 106 -43.20 -38.87 -0.26
C LYS G 106 -43.50 -37.46 -0.76
N ALA G 107 -44.53 -36.81 -0.21
CA ALA G 107 -44.90 -35.45 -0.59
C ALA G 107 -45.99 -34.91 0.34
N MET G 108 -46.16 -33.59 0.36
CA MET G 108 -47.15 -32.95 1.21
C MET G 108 -48.38 -32.45 0.47
N SER G 131 -33.71 -28.06 9.81
CA SER G 131 -33.80 -29.25 10.66
C SER G 131 -34.24 -30.49 9.89
N LYS G 132 -35.54 -30.78 9.92
CA LYS G 132 -36.13 -31.92 9.20
C LYS G 132 -37.27 -31.37 8.35
N TYR G 133 -37.41 -31.89 7.13
CA TYR G 133 -38.47 -31.40 6.26
C TYR G 133 -39.68 -32.32 6.19
N ILE G 134 -39.89 -33.16 7.21
CA ILE G 134 -41.05 -34.04 7.19
C ILE G 134 -42.26 -33.14 7.42
N HIS G 135 -43.36 -33.48 6.76
CA HIS G 135 -44.59 -32.70 6.88
C HIS G 135 -45.53 -33.37 7.87
N PRO G 136 -46.35 -32.58 8.59
CA PRO G 136 -47.28 -33.11 9.59
C PRO G 136 -47.94 -34.39 9.08
N ASP G 137 -48.45 -34.30 7.87
CA ASP G 137 -49.10 -35.41 7.19
C ASP G 137 -48.58 -35.49 5.77
N ASP G 138 -47.71 -36.46 5.55
CA ASP G 138 -47.13 -36.72 4.24
C ASP G 138 -47.93 -37.85 3.67
N GLU G 139 -47.53 -38.33 2.50
CA GLU G 139 -48.21 -39.46 1.89
C GLU G 139 -47.23 -40.23 1.04
N LEU G 140 -47.43 -41.54 0.97
CA LEU G 140 -46.56 -42.44 0.23
C LEU G 140 -47.18 -43.02 -1.03
N VAL G 141 -46.59 -42.71 -2.18
CA VAL G 141 -47.05 -43.24 -3.45
C VAL G 141 -46.07 -44.32 -3.85
N LEU G 142 -46.59 -45.46 -4.31
CA LEU G 142 -45.76 -46.57 -4.72
C LEU G 142 -45.63 -46.70 -6.24
N GLU G 143 -44.42 -46.48 -6.75
CA GLU G 143 -44.17 -46.57 -8.19
C GLU G 143 -43.70 -47.93 -8.71
N ASP G 144 -44.37 -48.40 -9.75
CA ASP G 144 -44.04 -49.65 -10.41
C ASP G 144 -43.41 -49.15 -11.70
N GLU G 145 -42.77 -50.02 -12.48
CA GLU G 145 -42.16 -49.56 -13.73
C GLU G 145 -43.18 -48.84 -14.59
N LEU G 146 -44.40 -49.39 -14.59
CA LEU G 146 -45.52 -48.87 -15.37
C LEU G 146 -46.25 -47.67 -14.74
N GLN G 147 -47.18 -47.97 -13.83
CA GLN G 147 -48.00 -46.94 -13.16
C GLN G 147 -47.52 -46.64 -11.74
N ARG G 148 -48.33 -45.90 -10.99
CA ARG G 148 -48.00 -45.54 -9.62
C ARG G 148 -49.25 -45.40 -8.76
N ILE G 149 -49.40 -46.30 -7.79
CA ILE G 149 -50.56 -46.30 -6.89
C ILE G 149 -50.29 -45.61 -5.54
N LYS G 150 -51.33 -45.06 -4.91
CA LYS G 150 -51.17 -44.40 -3.62
C LYS G 150 -51.28 -45.44 -2.49
N LEU G 151 -50.99 -45.04 -1.26
CA LEU G 151 -51.00 -45.99 -0.14
C LEU G 151 -51.78 -45.59 1.12
N LYS G 152 -52.50 -46.56 1.68
CA LYS G 152 -53.27 -46.40 2.91
C LYS G 152 -52.77 -47.53 3.76
N GLY G 153 -53.34 -47.66 4.96
CA GLY G 153 -52.96 -48.76 5.81
C GLY G 153 -52.13 -48.41 7.00
N THR G 154 -51.30 -49.36 7.41
CA THR G 154 -50.44 -49.18 8.54
C THR G 154 -48.96 -49.20 8.16
N ILE G 155 -48.49 -48.11 7.54
CA ILE G 155 -47.09 -47.99 7.15
C ILE G 155 -46.56 -46.65 7.66
N ASP G 156 -45.47 -46.69 8.42
CA ASP G 156 -44.88 -45.49 9.00
C ASP G 156 -44.33 -44.58 7.89
N VAL G 157 -44.65 -43.30 7.94
CA VAL G 157 -44.16 -42.38 6.93
C VAL G 157 -43.02 -41.55 7.51
N SER G 158 -43.18 -41.14 8.76
CA SER G 158 -42.14 -40.38 9.43
C SER G 158 -40.84 -41.18 9.33
N LYS G 159 -40.97 -42.50 9.22
CA LYS G 159 -39.80 -43.37 9.12
C LYS G 159 -39.27 -43.58 7.71
N LEU G 160 -40.12 -44.00 6.77
CA LEU G 160 -39.65 -44.24 5.41
C LEU G 160 -39.51 -42.98 4.56
N VAL G 161 -38.63 -43.03 3.55
CA VAL G 161 -38.45 -41.87 2.67
C VAL G 161 -38.14 -42.17 1.20
N THR G 162 -38.52 -41.19 0.37
CA THR G 162 -38.40 -41.22 -1.07
C THR G 162 -37.22 -41.97 -1.64
N GLY G 163 -37.45 -43.14 -2.20
CA GLY G 163 -36.36 -43.89 -2.78
C GLY G 163 -36.23 -45.29 -2.23
N THR G 164 -36.89 -45.53 -1.11
CA THR G 164 -36.85 -46.83 -0.47
C THR G 164 -37.42 -47.89 -1.42
N VAL G 165 -37.05 -49.14 -1.26
CA VAL G 165 -37.59 -50.17 -2.14
C VAL G 165 -38.14 -51.29 -1.29
N LEU G 166 -39.46 -51.28 -1.07
CA LEU G 166 -40.11 -52.27 -0.22
C LEU G 166 -40.98 -53.33 -0.89
N ALA G 167 -41.50 -54.22 -0.04
CA ALA G 167 -42.39 -55.29 -0.44
C ALA G 167 -43.66 -55.05 0.38
N VAL G 168 -44.60 -54.32 -0.20
CA VAL G 168 -45.86 -53.98 0.46
C VAL G 168 -46.91 -55.10 0.31
N PHE G 169 -47.78 -55.23 1.31
CA PHE G 169 -48.84 -56.23 1.27
C PHE G 169 -50.20 -55.72 1.75
N GLY G 170 -51.18 -55.82 0.85
CA GLY G 170 -52.53 -55.38 1.14
C GLY G 170 -53.35 -55.52 -0.13
N SER G 171 -54.44 -54.76 -0.24
CA SER G 171 -55.28 -54.84 -1.43
C SER G 171 -55.67 -53.44 -1.93
N VAL G 172 -56.05 -53.36 -3.20
CA VAL G 172 -56.45 -52.08 -3.79
C VAL G 172 -57.86 -51.79 -3.30
N ARG G 173 -58.17 -50.53 -3.05
CA ARG G 173 -59.49 -50.20 -2.53
C ARG G 173 -60.44 -49.40 -3.40
N ASP G 174 -61.67 -49.31 -2.89
CA ASP G 174 -62.75 -48.58 -3.51
C ASP G 174 -62.30 -47.14 -3.68
N ASP G 175 -61.30 -46.78 -2.88
CA ASP G 175 -60.72 -45.45 -2.87
C ASP G 175 -59.77 -45.26 -4.07
N GLY G 176 -59.21 -46.37 -4.55
CA GLY G 176 -58.27 -46.32 -5.66
C GLY G 176 -56.89 -46.44 -5.05
N LYS G 177 -56.82 -46.14 -3.75
CA LYS G 177 -55.59 -46.20 -2.97
C LYS G 177 -55.36 -47.63 -2.50
N PHE G 178 -54.09 -47.99 -2.28
CA PHE G 178 -53.75 -49.34 -1.83
C PHE G 178 -53.56 -49.38 -0.32
N LEU G 179 -54.40 -50.16 0.36
CA LEU G 179 -54.30 -50.28 1.81
C LEU G 179 -53.28 -51.37 2.16
N VAL G 180 -52.36 -51.03 3.06
CA VAL G 180 -51.31 -51.96 3.48
C VAL G 180 -51.52 -52.53 4.88
N GLU G 181 -51.25 -53.82 5.00
CA GLU G 181 -51.37 -54.50 6.27
C GLU G 181 -50.01 -54.90 6.79
N ASP G 182 -49.07 -55.14 5.88
CA ASP G 182 -47.72 -55.56 6.27
C ASP G 182 -46.70 -55.39 5.15
N TYR G 183 -45.53 -54.87 5.49
CA TYR G 183 -44.47 -54.67 4.51
C TYR G 183 -43.12 -55.13 5.06
N CYS G 184 -42.16 -55.37 4.16
CA CYS G 184 -40.81 -55.80 4.54
C CYS G 184 -39.78 -55.29 3.53
N PHE G 185 -38.50 -55.43 3.86
CA PHE G 185 -37.43 -54.97 2.96
C PHE G 185 -36.43 -56.10 2.72
N ALA G 186 -35.53 -55.90 1.77
CA ALA G 186 -34.53 -56.91 1.42
C ALA G 186 -33.63 -57.33 2.58
N ASP G 187 -33.38 -56.40 3.51
CA ASP G 187 -32.52 -56.62 4.67
C ASP G 187 -31.00 -56.65 4.32
N LEU G 188 -30.28 -57.62 4.90
CA LEU G 188 -28.85 -57.73 4.68
C LEU G 188 -28.57 -58.73 3.59
N ALA G 189 -27.52 -58.47 2.82
CA ALA G 189 -27.14 -59.35 1.73
C ALA G 189 -26.31 -60.51 2.27
N PRO G 190 -25.95 -61.49 1.41
CA PRO G 190 -25.15 -62.62 1.91
C PRO G 190 -23.83 -62.10 2.49
N GLN G 191 -23.20 -62.87 3.36
CA GLN G 191 -21.95 -62.42 3.97
C GLN G 191 -21.15 -63.52 4.62
N LYS G 192 -20.01 -63.84 4.02
CA LYS G 192 -19.16 -64.87 4.60
C LYS G 192 -18.39 -64.17 5.72
N PRO G 193 -18.08 -64.91 6.81
CA PRO G 193 -17.36 -64.47 8.02
C PRO G 193 -15.91 -64.08 7.77
N ALA G 194 -15.49 -63.01 8.43
CA ALA G 194 -14.13 -62.55 8.28
C ALA G 194 -13.20 -63.55 8.91
N PRO G 195 -12.06 -63.84 8.27
CA PRO G 195 -11.16 -64.82 8.86
C PRO G 195 -10.69 -64.35 10.25
N PRO G 196 -10.29 -65.31 11.10
CA PRO G 196 -9.80 -65.11 12.47
C PRO G 196 -8.46 -64.43 12.52
N LEU G 197 -8.26 -63.57 13.50
CA LEU G 197 -6.99 -62.87 13.65
C LEU G 197 -6.37 -63.35 14.93
N ASP G 198 -5.06 -63.56 14.94
CA ASP G 198 -4.47 -64.02 16.16
C ASP G 198 -4.10 -62.92 17.10
N THR G 199 -3.74 -61.77 16.55
CA THR G 199 -3.36 -60.65 17.41
C THR G 199 -4.20 -59.47 17.03
N ASP G 200 -4.69 -58.74 18.00
CA ASP G 200 -5.52 -57.60 17.68
C ASP G 200 -4.88 -56.60 16.73
N ARG G 201 -5.72 -56.02 15.87
CA ARG G 201 -5.32 -55.01 14.90
C ARG G 201 -6.34 -53.91 15.01
N PHE G 202 -5.91 -52.66 15.03
CA PHE G 202 -6.87 -51.58 15.15
C PHE G 202 -6.98 -50.70 13.93
N VAL G 203 -8.15 -50.09 13.80
CA VAL G 203 -8.40 -49.18 12.72
C VAL G 203 -8.93 -47.94 13.38
N LEU G 204 -8.22 -46.84 13.23
CA LEU G 204 -8.67 -45.60 13.84
C LEU G 204 -9.55 -44.84 12.86
N LEU G 205 -10.81 -44.61 13.26
CA LEU G 205 -11.77 -43.89 12.44
C LEU G 205 -11.97 -42.51 13.02
N VAL G 206 -11.74 -41.50 12.18
CA VAL G 206 -11.88 -40.14 12.63
C VAL G 206 -12.66 -39.38 11.61
N SER G 207 -13.22 -38.26 12.02
CA SER G 207 -13.96 -37.49 11.05
C SER G 207 -14.29 -36.10 11.55
N GLY G 208 -14.37 -35.16 10.60
CA GLY G 208 -14.70 -33.79 10.95
C GLY G 208 -13.58 -32.97 11.58
N LEU G 209 -12.34 -33.13 11.13
CA LEU G 209 -11.23 -32.35 11.68
C LEU G 209 -11.54 -30.87 11.59
N GLY G 210 -12.29 -30.53 10.54
CA GLY G 210 -12.69 -29.16 10.33
C GLY G 210 -11.67 -28.08 10.56
N LEU G 211 -10.68 -28.00 9.68
CA LEU G 211 -9.65 -26.98 9.81
C LEU G 211 -10.17 -25.69 9.20
N GLY G 212 -9.83 -24.55 9.79
CA GLY G 212 -10.31 -23.29 9.29
C GLY G 212 -10.95 -22.46 10.39
N GLY G 213 -11.79 -23.09 11.22
CA GLY G 213 -12.43 -22.41 12.32
C GLY G 213 -12.55 -23.33 13.55
N GLY G 214 -12.96 -22.79 14.70
CA GLY G 214 -13.11 -23.62 15.88
C GLY G 214 -12.27 -23.37 17.14
N GLY G 215 -11.21 -22.56 17.03
CA GLY G 215 -10.38 -22.30 18.20
C GLY G 215 -9.29 -23.34 18.43
N GLY G 216 -8.08 -22.84 18.71
CA GLY G 216 -6.93 -23.70 18.95
C GLY G 216 -7.09 -24.91 19.86
N GLU G 217 -8.14 -24.93 20.69
CA GLU G 217 -8.36 -26.07 21.57
C GLU G 217 -8.65 -27.27 20.68
N SER G 218 -9.39 -27.01 19.60
CA SER G 218 -9.73 -28.04 18.61
C SER G 218 -8.38 -28.62 18.13
N LEU G 219 -7.35 -27.77 18.15
CA LEU G 219 -6.00 -28.16 17.72
C LEU G 219 -5.27 -29.11 18.66
N LEU G 220 -4.90 -28.65 19.85
CA LEU G 220 -4.17 -29.53 20.76
C LEU G 220 -4.79 -30.90 20.73
N GLY G 221 -6.12 -30.92 20.80
CA GLY G 221 -6.84 -32.17 20.77
C GLY G 221 -6.38 -32.95 19.56
N THR G 222 -6.42 -32.27 18.41
CA THR G 222 -6.01 -32.91 17.17
C THR G 222 -4.57 -33.37 17.23
N GLN G 223 -3.68 -32.55 17.78
CA GLN G 223 -2.28 -32.94 17.86
C GLN G 223 -2.23 -34.22 18.66
N LEU G 224 -2.84 -34.20 19.84
CA LEU G 224 -2.84 -35.37 20.70
C LEU G 224 -3.30 -36.59 19.92
N LEU G 225 -4.37 -36.44 19.14
CA LEU G 225 -4.86 -37.55 18.33
C LEU G 225 -3.71 -38.08 17.48
N VAL G 226 -3.20 -37.24 16.60
CA VAL G 226 -2.09 -37.64 15.74
C VAL G 226 -0.99 -38.29 16.52
N ASP G 227 -0.53 -37.58 17.54
CA ASP G 227 0.55 -38.06 18.40
C ASP G 227 0.32 -39.41 19.06
N VAL G 228 -0.92 -39.85 19.21
CA VAL G 228 -1.12 -41.13 19.82
C VAL G 228 -0.88 -42.24 18.82
N VAL G 229 -1.38 -42.07 17.62
CA VAL G 229 -1.22 -43.10 16.62
C VAL G 229 0.20 -43.15 16.15
N THR G 230 0.81 -41.98 16.11
CA THR G 230 2.16 -41.84 15.63
C THR G 230 3.16 -42.52 16.54
N GLY G 231 2.95 -42.38 17.84
CA GLY G 231 3.86 -42.99 18.80
C GLY G 231 4.56 -41.91 19.62
N GLN G 232 4.13 -40.68 19.46
CA GLN G 232 4.75 -39.58 20.19
C GLN G 232 4.41 -39.63 21.68
N LEU G 233 3.14 -39.48 22.05
CA LEU G 233 2.78 -39.49 23.47
C LEU G 233 2.38 -40.85 24.02
N GLY G 234 2.27 -40.90 25.35
CA GLY G 234 1.91 -42.14 26.03
C GLY G 234 3.13 -42.95 26.44
N ASP G 235 2.89 -43.95 27.28
CA ASP G 235 3.94 -44.82 27.76
C ASP G 235 3.94 -46.04 26.85
N GLU G 236 4.91 -46.92 27.03
CA GLU G 236 5.04 -48.10 26.22
C GLU G 236 3.79 -48.91 26.05
N GLY G 237 2.90 -48.86 27.04
CA GLY G 237 1.66 -49.63 26.90
C GLY G 237 0.85 -49.09 25.73
N GLU G 238 0.50 -47.81 25.84
CA GLU G 238 -0.23 -47.08 24.80
C GLU G 238 0.43 -47.37 23.48
N GLN G 239 1.70 -46.95 23.41
CA GLN G 239 2.53 -47.07 22.24
C GLN G 239 2.51 -48.45 21.62
N CYS G 240 2.85 -49.47 22.40
CA CYS G 240 2.85 -50.81 21.87
C CYS G 240 1.48 -51.15 21.30
N SER G 241 0.42 -50.57 21.84
CA SER G 241 -0.88 -50.88 21.28
C SER G 241 -1.22 -49.99 20.10
N ALA G 242 -0.89 -48.71 20.20
CA ALA G 242 -1.13 -47.82 19.09
C ALA G 242 -0.38 -48.46 17.93
N ALA G 243 0.77 -49.02 18.25
CA ALA G 243 1.59 -49.67 17.25
C ALA G 243 0.78 -50.75 16.56
N HIS G 244 -0.18 -51.30 17.29
CA HIS G 244 -1.01 -52.34 16.68
C HIS G 244 -2.08 -51.80 15.73
N VAL G 245 -2.17 -50.47 15.59
CA VAL G 245 -3.16 -49.88 14.69
C VAL G 245 -2.72 -50.14 13.27
N SER G 246 -3.59 -50.75 12.49
CA SER G 246 -3.26 -51.11 11.11
C SER G 246 -3.51 -50.06 10.05
N ARG G 247 -4.55 -49.25 10.20
CA ARG G 247 -4.83 -48.22 9.22
C ARG G 247 -5.63 -47.10 9.85
N VAL G 248 -5.66 -45.93 9.21
CA VAL G 248 -6.40 -44.80 9.73
C VAL G 248 -7.28 -44.24 8.64
N ILE G 249 -8.58 -44.17 8.90
CA ILE G 249 -9.53 -43.65 7.91
C ILE G 249 -10.11 -42.31 8.33
N LEU G 250 -9.89 -41.27 7.53
CA LEU G 250 -10.48 -39.96 7.82
C LEU G 250 -11.70 -39.87 6.93
N ALA G 251 -12.89 -39.77 7.52
CA ALA G 251 -14.09 -39.69 6.71
C ALA G 251 -14.68 -38.28 6.55
N GLY G 252 -14.19 -37.59 5.53
CA GLY G 252 -14.65 -36.26 5.19
C GLY G 252 -14.65 -35.12 6.18
N ASN G 253 -14.93 -33.93 5.64
CA ASN G 253 -14.97 -32.71 6.41
C ASN G 253 -13.67 -32.50 7.13
N LEU G 254 -12.60 -32.39 6.39
CA LEU G 254 -11.34 -32.19 7.05
C LEU G 254 -11.13 -30.71 7.12
N LEU G 255 -11.69 -30.01 6.15
CA LEU G 255 -11.60 -28.55 6.07
C LEU G 255 -13.02 -28.07 6.17
N SER G 256 -13.27 -26.88 6.71
CA SER G 256 -14.66 -26.41 6.77
C SER G 256 -14.81 -24.94 6.51
N HIS G 257 -15.97 -24.60 5.94
CA HIS G 257 -16.30 -23.22 5.55
C HIS G 257 -17.63 -22.74 6.16
N LEU G 271 -13.03 -9.40 2.25
CA LEU G 271 -13.30 -10.84 2.34
C LEU G 271 -12.22 -11.65 1.59
N THR G 272 -12.47 -11.90 0.30
CA THR G 272 -11.58 -12.66 -0.58
C THR G 272 -10.09 -12.61 -0.24
N LYS G 273 -9.55 -11.42 0.05
CA LYS G 273 -8.14 -11.28 0.39
C LYS G 273 -7.67 -12.28 1.45
N LYS G 274 -8.12 -12.09 2.69
CA LYS G 274 -7.73 -12.98 3.80
C LYS G 274 -8.41 -14.34 3.77
N THR G 275 -9.69 -14.37 3.37
CA THR G 275 -10.42 -15.63 3.32
C THR G 275 -9.60 -16.63 2.53
N GLN G 276 -9.03 -16.19 1.43
CA GLN G 276 -8.22 -17.06 0.59
C GLN G 276 -7.09 -17.60 1.45
N ALA G 277 -6.19 -16.71 1.86
CA ALA G 277 -5.06 -17.10 2.71
C ALA G 277 -5.47 -18.15 3.73
N ALA G 278 -6.53 -17.84 4.48
CA ALA G 278 -7.03 -18.76 5.48
C ALA G 278 -7.28 -20.12 4.86
N SER G 279 -8.20 -20.19 3.89
CA SER G 279 -8.50 -21.45 3.26
C SER G 279 -7.20 -22.12 2.81
N VAL G 280 -6.25 -21.34 2.34
CA VAL G 280 -4.99 -21.93 1.90
C VAL G 280 -4.22 -22.51 3.07
N GLU G 281 -4.12 -21.72 4.14
CA GLU G 281 -3.43 -22.16 5.36
C GLU G 281 -4.01 -23.49 5.83
N ALA G 282 -5.32 -23.50 6.03
CA ALA G 282 -5.98 -24.71 6.47
C ALA G 282 -5.45 -25.87 5.67
N VAL G 283 -5.77 -25.92 4.39
CA VAL G 283 -5.30 -27.02 3.57
C VAL G 283 -3.86 -27.34 3.93
N LYS G 284 -3.02 -26.32 4.00
CA LYS G 284 -1.62 -26.55 4.36
C LYS G 284 -1.51 -27.45 5.58
N MET G 285 -2.12 -27.05 6.69
CA MET G 285 -2.09 -27.85 7.93
C MET G 285 -2.51 -29.30 7.72
N LEU G 286 -3.66 -29.47 7.08
CA LEU G 286 -4.16 -30.78 6.81
C LEU G 286 -3.08 -31.56 6.08
N ASP G 287 -2.26 -30.88 5.29
CA ASP G 287 -1.19 -31.58 4.58
C ASP G 287 -0.22 -32.06 5.65
N GLU G 288 0.19 -31.11 6.47
CA GLU G 288 1.12 -31.37 7.57
C GLU G 288 0.60 -32.53 8.44
N ILE G 289 -0.69 -32.49 8.80
CA ILE G 289 -1.24 -33.56 9.59
C ILE G 289 -1.13 -34.84 8.77
N LEU G 290 -1.72 -34.85 7.58
CA LEU G 290 -1.65 -36.05 6.76
C LEU G 290 -0.23 -36.54 6.64
N LEU G 291 0.71 -35.61 6.59
CA LEU G 291 2.11 -35.98 6.48
C LEU G 291 2.55 -36.82 7.68
N GLN G 292 2.46 -36.23 8.88
CA GLN G 292 2.85 -36.91 10.11
C GLN G 292 2.21 -38.30 10.13
N LEU G 293 0.91 -38.34 9.88
CA LEU G 293 0.21 -39.61 9.85
C LEU G 293 0.83 -40.57 8.84
N SER G 294 1.01 -40.09 7.62
CA SER G 294 1.57 -40.90 6.55
C SER G 294 2.93 -41.47 6.86
N ALA G 295 3.73 -40.70 7.59
CA ALA G 295 5.07 -41.13 7.92
C ALA G 295 5.07 -42.26 8.95
N SER G 296 3.92 -42.50 9.56
CA SER G 296 3.83 -43.52 10.59
C SER G 296 2.93 -44.67 10.26
N VAL G 297 1.80 -44.39 9.64
CA VAL G 297 0.88 -45.47 9.38
C VAL G 297 0.05 -45.19 8.16
N PRO G 298 -0.51 -46.23 7.55
CA PRO G 298 -1.34 -46.06 6.35
C PRO G 298 -2.53 -45.15 6.63
N VAL G 299 -2.78 -44.17 5.77
CA VAL G 299 -3.93 -43.28 5.95
C VAL G 299 -4.78 -43.13 4.70
N ASP G 300 -6.09 -43.25 4.86
CA ASP G 300 -7.03 -43.14 3.76
C ASP G 300 -7.86 -41.89 3.97
N VAL G 301 -7.86 -41.01 2.98
CA VAL G 301 -8.62 -39.79 3.12
C VAL G 301 -9.88 -39.84 2.26
N MET G 302 -10.97 -39.39 2.85
CA MET G 302 -12.26 -39.37 2.19
C MET G 302 -12.75 -37.96 2.10
N PRO G 303 -13.25 -37.60 0.91
CA PRO G 303 -13.77 -36.26 0.64
C PRO G 303 -15.05 -36.07 1.42
N GLY G 304 -15.37 -34.84 1.75
CA GLY G 304 -16.58 -34.60 2.50
C GLY G 304 -17.58 -33.64 1.91
N GLU G 305 -18.22 -32.88 2.78
CA GLU G 305 -19.21 -31.91 2.41
C GLU G 305 -18.70 -31.06 1.30
N PHE G 306 -17.87 -30.09 1.65
CA PHE G 306 -17.33 -29.19 0.65
C PHE G 306 -15.83 -29.29 0.49
N ASP G 307 -15.39 -30.41 -0.07
CA ASP G 307 -13.97 -30.63 -0.32
C ASP G 307 -13.90 -30.56 -1.85
N PRO G 308 -12.75 -30.20 -2.40
CA PRO G 308 -12.55 -30.09 -3.86
C PRO G 308 -12.91 -31.32 -4.69
N THR G 309 -14.18 -31.57 -4.91
CA THR G 309 -14.63 -32.71 -5.71
C THR G 309 -16.13 -32.60 -5.94
N ASN G 310 -16.74 -33.59 -6.60
CA ASN G 310 -18.17 -33.53 -6.87
C ASN G 310 -19.05 -33.59 -5.63
N TYR G 311 -20.17 -32.87 -5.68
CA TYR G 311 -21.11 -32.84 -4.57
C TYR G 311 -22.00 -34.07 -4.64
N THR G 312 -22.26 -34.54 -5.84
CA THR G 312 -23.11 -35.72 -6.03
C THR G 312 -22.58 -36.80 -5.13
N LEU G 313 -23.28 -37.92 -5.00
CA LEU G 313 -22.80 -38.91 -4.07
C LEU G 313 -21.53 -39.65 -4.33
N PRO G 314 -21.41 -40.38 -5.44
CA PRO G 314 -20.08 -40.99 -5.45
C PRO G 314 -18.92 -40.00 -5.68
N GLN G 315 -18.58 -39.26 -4.63
CA GLN G 315 -17.51 -38.26 -4.66
C GLN G 315 -16.18 -38.90 -5.07
N GLN G 316 -15.56 -38.34 -6.08
CA GLN G 316 -14.30 -38.88 -6.50
C GLN G 316 -13.22 -38.28 -5.60
N PRO G 317 -12.14 -39.03 -5.36
CA PRO G 317 -10.99 -38.67 -4.52
C PRO G 317 -10.57 -37.22 -4.61
N LEU G 318 -9.77 -36.79 -3.66
CA LEU G 318 -9.25 -35.43 -3.69
C LEU G 318 -8.04 -35.37 -4.61
N HIS G 319 -7.66 -34.16 -5.02
CA HIS G 319 -6.54 -34.06 -5.94
C HIS G 319 -5.17 -34.00 -5.28
N PRO G 320 -4.25 -34.87 -5.68
CA PRO G 320 -2.91 -34.91 -5.10
C PRO G 320 -2.30 -33.51 -5.03
N CYS G 321 -2.72 -32.64 -5.94
CA CYS G 321 -2.21 -31.29 -5.98
C CYS G 321 -2.44 -30.53 -4.68
N MET G 322 -3.22 -31.11 -3.78
CA MET G 322 -3.50 -30.45 -2.52
C MET G 322 -2.51 -30.81 -1.44
N PHE G 323 -2.13 -32.07 -1.39
CA PHE G 323 -1.24 -32.53 -0.34
C PHE G 323 0.14 -32.90 -0.85
N PRO G 324 0.96 -31.88 -1.13
CA PRO G 324 2.32 -32.06 -1.62
C PRO G 324 3.08 -32.88 -0.60
N LEU G 325 3.25 -32.30 0.58
CA LEU G 325 3.96 -32.93 1.68
C LEU G 325 3.63 -34.39 1.88
N ALA G 326 2.35 -34.70 2.08
CA ALA G 326 1.88 -36.06 2.34
C ALA G 326 2.03 -37.05 1.20
N THR G 327 1.49 -36.71 0.04
CA THR G 327 1.54 -37.57 -1.14
C THR G 327 2.90 -38.18 -1.42
N ALA G 328 3.94 -37.64 -0.79
CA ALA G 328 5.28 -38.16 -0.97
C ALA G 328 5.40 -39.58 -0.40
N TYR G 329 4.46 -39.93 0.47
CA TYR G 329 4.44 -41.23 1.11
C TYR G 329 3.53 -42.23 0.43
N SER G 330 4.04 -43.44 0.29
CA SER G 330 3.28 -44.49 -0.35
C SER G 330 2.16 -44.97 0.56
N THR G 331 2.16 -44.47 1.79
CA THR G 331 1.15 -44.86 2.75
C THR G 331 -0.10 -44.00 2.69
N LEU G 332 0.02 -42.78 2.16
CA LEU G 332 -1.14 -41.91 2.02
C LEU G 332 -1.93 -42.46 0.84
N GLN G 333 -3.25 -42.26 0.83
CA GLN G 333 -4.12 -42.76 -0.25
C GLN G 333 -5.41 -42.00 -0.23
N LEU G 334 -5.71 -41.29 -1.30
CA LEU G 334 -6.95 -40.51 -1.36
C LEU G 334 -8.07 -41.36 -1.95
N VAL G 335 -8.98 -41.85 -1.12
CA VAL G 335 -10.03 -42.70 -1.66
C VAL G 335 -11.33 -42.01 -1.98
N THR G 336 -12.19 -42.76 -2.67
CA THR G 336 -13.55 -42.39 -3.15
C THR G 336 -14.44 -42.01 -1.96
N ASN G 337 -15.68 -41.57 -2.20
CA ASN G 337 -16.48 -41.28 -1.01
C ASN G 337 -17.01 -42.59 -0.48
N PRO G 338 -18.26 -42.98 -0.79
CA PRO G 338 -18.60 -44.28 -0.18
C PRO G 338 -17.37 -45.15 -0.45
N TYR G 339 -16.64 -45.50 0.63
CA TYR G 339 -15.39 -46.25 0.58
C TYR G 339 -15.50 -47.72 1.03
N GLN G 340 -14.94 -48.61 0.22
CA GLN G 340 -14.93 -50.04 0.51
C GLN G 340 -13.51 -50.53 0.46
N ALA G 341 -13.20 -51.49 1.33
CA ALA G 341 -11.86 -52.08 1.37
C ALA G 341 -11.85 -53.22 2.37
N THR G 342 -10.89 -54.11 2.22
CA THR G 342 -10.79 -55.21 3.15
C THR G 342 -9.49 -55.10 3.93
N ILE G 343 -9.60 -54.69 5.19
CA ILE G 343 -8.46 -54.55 6.07
C ILE G 343 -8.24 -55.81 6.92
N ASP G 344 -7.01 -56.30 6.88
CA ASP G 344 -6.62 -57.47 7.62
C ASP G 344 -7.72 -58.52 7.63
N GLY G 345 -8.37 -58.67 6.48
CA GLY G 345 -9.42 -59.66 6.33
C GLY G 345 -10.83 -59.25 6.77
N VAL G 346 -11.01 -57.98 7.10
CA VAL G 346 -12.30 -57.51 7.56
C VAL G 346 -12.89 -56.51 6.58
N ARG G 347 -14.07 -56.79 6.04
CA ARG G 347 -14.70 -55.86 5.09
C ARG G 347 -15.31 -54.61 5.71
N PHE G 348 -14.72 -53.47 5.37
CA PHE G 348 -15.21 -52.18 5.87
C PHE G 348 -15.95 -51.44 4.75
N LEU G 349 -16.90 -50.63 5.14
CA LEU G 349 -17.66 -49.83 4.20
C LEU G 349 -18.23 -48.68 4.99
N GLY G 350 -18.02 -47.48 4.47
CA GLY G 350 -18.54 -46.33 5.16
C GLY G 350 -18.56 -45.16 4.24
N THR G 351 -19.23 -44.10 4.66
CA THR G 351 -19.34 -42.90 3.87
C THR G 351 -18.94 -41.82 4.82
N SER G 352 -18.69 -40.64 4.25
CA SER G 352 -18.29 -39.53 5.07
C SER G 352 -19.51 -38.83 5.65
N GLY G 353 -20.64 -39.55 5.66
CA GLY G 353 -21.84 -39.00 6.26
C GLY G 353 -23.09 -38.65 5.46
N GLN G 354 -22.95 -37.79 4.47
CA GLN G 354 -24.07 -37.36 3.65
C GLN G 354 -25.29 -38.30 3.59
N ASN G 355 -25.12 -39.53 3.11
CA ASN G 355 -26.27 -40.43 3.03
C ASN G 355 -27.13 -40.41 4.27
N VAL G 356 -26.55 -40.59 5.45
CA VAL G 356 -27.36 -40.56 6.67
C VAL G 356 -27.92 -39.17 6.90
N SER G 357 -27.10 -38.16 6.61
CA SER G 357 -27.48 -36.76 6.78
C SER G 357 -28.80 -36.47 6.07
N ASP G 358 -29.01 -37.11 4.93
CA ASP G 358 -30.22 -36.89 4.18
C ASP G 358 -31.39 -37.67 4.75
N ILE G 359 -31.23 -38.98 4.83
CA ILE G 359 -32.29 -39.78 5.38
C ILE G 359 -32.81 -39.05 6.61
N PHE G 360 -31.92 -38.38 7.34
CA PHE G 360 -32.35 -37.64 8.51
C PHE G 360 -33.28 -36.49 8.15
N ARG G 361 -32.87 -35.67 7.19
CA ARG G 361 -33.68 -34.52 6.78
C ARG G 361 -35.13 -34.86 6.43
N TYR G 362 -35.37 -36.04 5.86
CA TYR G 362 -36.72 -36.44 5.46
C TYR G 362 -37.33 -37.57 6.28
N SER G 363 -36.65 -37.98 7.34
CA SER G 363 -37.18 -39.01 8.20
C SER G 363 -37.46 -38.41 9.57
N SER G 364 -38.05 -39.21 10.42
CA SER G 364 -38.34 -38.79 11.76
C SER G 364 -37.27 -39.38 12.65
N MET G 365 -36.64 -40.45 12.17
CA MET G 365 -35.59 -41.10 12.93
C MET G 365 -34.66 -40.03 13.46
N GLU G 366 -34.30 -40.16 14.73
CA GLU G 366 -33.42 -39.19 15.37
C GLU G 366 -32.01 -39.69 15.42
N ASP G 367 -31.86 -40.89 15.98
CA ASP G 367 -30.57 -41.52 16.16
C ASP G 367 -29.91 -41.92 14.86
N HIS G 368 -28.79 -41.29 14.58
CA HIS G 368 -28.05 -41.57 13.39
C HIS G 368 -27.66 -43.03 13.34
N LEU G 369 -27.20 -43.55 14.46
CA LEU G 369 -26.82 -44.96 14.52
C LEU G 369 -27.98 -45.80 14.00
N GLU G 370 -29.20 -45.33 14.24
CA GLU G 370 -30.38 -46.05 13.77
C GLU G 370 -30.47 -45.87 12.26
N ILE G 371 -30.54 -44.61 11.82
CA ILE G 371 -30.65 -44.31 10.40
C ILE G 371 -29.62 -45.13 9.66
N LEU G 372 -28.46 -45.29 10.29
CA LEU G 372 -27.39 -46.06 9.69
C LEU G 372 -27.83 -47.49 9.56
N GLU G 373 -28.32 -48.07 10.66
CA GLU G 373 -28.77 -49.46 10.65
C GLU G 373 -29.88 -49.60 9.62
N TRP G 374 -30.69 -48.55 9.53
CA TRP G 374 -31.80 -48.53 8.61
C TRP G 374 -31.35 -48.89 7.18
N THR G 375 -30.45 -48.08 6.64
CA THR G 375 -29.95 -48.30 5.30
C THR G 375 -29.42 -49.70 5.11
N LEU G 376 -28.78 -50.23 6.13
CA LEU G 376 -28.24 -51.57 6.00
C LEU G 376 -29.39 -52.58 5.86
N ARG G 377 -30.53 -52.26 6.45
CA ARG G 377 -31.72 -53.13 6.41
C ARG G 377 -32.51 -52.94 5.11
N VAL G 378 -32.32 -51.79 4.49
CA VAL G 378 -33.00 -51.47 3.25
C VAL G 378 -32.07 -51.72 2.05
N ARG G 379 -31.01 -52.50 2.28
CA ARG G 379 -30.03 -52.82 1.24
C ARG G 379 -29.69 -51.65 0.34
N HIS G 380 -29.57 -50.46 0.91
CA HIS G 380 -29.23 -49.31 0.09
C HIS G 380 -28.56 -48.17 0.84
N ILE G 381 -27.26 -48.04 0.61
CA ILE G 381 -26.40 -47.03 1.24
C ILE G 381 -26.98 -45.63 1.35
N SER G 382 -27.73 -45.22 0.35
CA SER G 382 -28.34 -43.90 0.39
C SER G 382 -29.44 -43.82 -0.63
N PRO G 383 -30.61 -44.38 -0.31
CA PRO G 383 -31.80 -44.40 -1.18
C PRO G 383 -32.24 -42.97 -1.55
N THR G 384 -31.93 -42.05 -0.66
CA THR G 384 -32.26 -40.66 -0.86
C THR G 384 -31.45 -40.05 -2.01
N ALA G 385 -30.72 -40.88 -2.75
CA ALA G 385 -29.92 -40.38 -3.86
C ALA G 385 -30.50 -40.74 -5.22
N PRO G 386 -30.31 -39.85 -6.22
CA PRO G 386 -30.80 -40.02 -7.61
C PRO G 386 -30.11 -41.08 -8.47
N ASP G 387 -30.82 -41.52 -9.53
CA ASP G 387 -30.34 -42.56 -10.48
C ASP G 387 -29.45 -42.08 -11.64
N THR G 388 -28.39 -42.84 -11.91
CA THR G 388 -27.44 -42.53 -12.99
C THR G 388 -26.56 -43.72 -13.42
N LYS G 396 -24.96 -49.01 -15.40
CA LYS G 396 -26.28 -48.76 -14.84
C LYS G 396 -26.71 -49.82 -13.83
N THR G 397 -25.86 -50.01 -12.82
CA THR G 397 -26.10 -50.95 -11.73
C THR G 397 -26.09 -50.02 -10.52
N ASP G 398 -27.05 -50.16 -9.59
CA ASP G 398 -26.98 -49.26 -8.46
C ASP G 398 -25.85 -49.75 -7.55
N PRO G 399 -24.80 -48.94 -7.44
CA PRO G 399 -23.63 -49.26 -6.63
C PRO G 399 -24.03 -49.32 -5.19
N PHE G 400 -25.01 -48.50 -4.85
CA PHE G 400 -25.46 -48.38 -3.50
C PHE G 400 -26.32 -49.51 -2.97
N ILE G 401 -26.33 -50.62 -3.69
CA ILE G 401 -27.07 -51.79 -3.25
C ILE G 401 -26.04 -52.82 -2.86
N PHE G 402 -26.02 -53.14 -1.58
CA PHE G 402 -25.04 -54.08 -1.07
C PHE G 402 -25.03 -55.40 -1.81
N PRO G 403 -23.89 -55.73 -2.42
CA PRO G 403 -23.68 -56.97 -3.17
C PRO G 403 -23.46 -58.10 -2.17
N GLU G 404 -22.70 -57.77 -1.12
CA GLU G 404 -22.40 -58.69 -0.03
C GLU G 404 -22.56 -57.81 1.19
N CYS G 405 -22.56 -58.39 2.38
CA CYS G 405 -22.74 -57.58 3.59
C CYS G 405 -21.42 -57.21 4.25
N PRO G 406 -21.22 -55.92 4.53
CA PRO G 406 -19.98 -55.53 5.18
C PRO G 406 -19.83 -56.19 6.56
N HIS G 407 -18.67 -56.03 7.17
CA HIS G 407 -18.43 -56.54 8.52
C HIS G 407 -18.54 -55.34 9.44
N VAL G 408 -18.01 -54.23 8.97
CA VAL G 408 -18.04 -52.98 9.70
C VAL G 408 -18.67 -52.01 8.72
N TYR G 409 -19.64 -51.24 9.19
CA TYR G 409 -20.31 -50.28 8.34
C TYR G 409 -20.28 -48.99 9.13
N PHE G 410 -19.58 -47.99 8.62
CA PHE G 410 -19.48 -46.74 9.36
C PHE G 410 -20.12 -45.56 8.71
N CYS G 411 -20.17 -44.48 9.46
CA CYS G 411 -20.82 -43.31 8.98
C CYS G 411 -20.12 -42.03 9.35
N GLY G 412 -20.23 -41.04 8.45
CA GLY G 412 -19.61 -39.72 8.56
C GLY G 412 -19.61 -38.89 9.83
N ASN G 413 -19.78 -37.59 9.68
CA ASN G 413 -19.75 -36.67 10.84
C ASN G 413 -20.97 -36.66 11.76
N THR G 414 -21.18 -37.77 12.44
CA THR G 414 -22.28 -37.88 13.39
C THR G 414 -21.99 -36.88 14.48
N PRO G 415 -23.03 -36.36 15.14
CA PRO G 415 -22.80 -35.39 16.21
C PRO G 415 -22.36 -36.09 17.50
N SER G 416 -22.43 -37.41 17.51
CA SER G 416 -22.06 -38.20 18.68
C SER G 416 -21.57 -39.58 18.33
N PHE G 417 -20.63 -40.08 19.14
CA PHE G 417 -20.10 -41.42 18.88
C PHE G 417 -21.16 -42.49 18.96
N GLY G 418 -21.08 -43.46 18.07
CA GLY G 418 -22.09 -44.49 18.11
C GLY G 418 -21.56 -45.80 17.62
N SER G 419 -22.02 -46.86 18.27
CA SER G 419 -21.62 -48.21 17.92
C SER G 419 -22.62 -49.26 18.35
N LYS G 420 -22.74 -50.29 17.53
CA LYS G 420 -23.66 -51.36 17.80
C LYS G 420 -23.36 -52.51 16.86
N ILE G 421 -23.53 -53.73 17.34
CA ILE G 421 -23.35 -54.90 16.50
C ILE G 421 -24.75 -55.38 16.22
N ILE G 422 -25.03 -55.75 14.98
CA ILE G 422 -26.37 -56.23 14.65
C ILE G 422 -26.22 -57.54 13.89
N ARG G 423 -27.29 -58.31 13.84
CA ARG G 423 -27.21 -59.58 13.15
C ARG G 423 -28.27 -59.60 12.06
N GLY G 424 -28.19 -60.57 11.16
CA GLY G 424 -29.16 -60.59 10.08
C GLY G 424 -29.86 -61.91 9.86
N PRO G 425 -30.93 -61.92 9.03
CA PRO G 425 -31.73 -63.10 8.70
C PRO G 425 -30.86 -64.34 8.65
N GLU G 426 -30.01 -64.45 7.63
CA GLU G 426 -29.08 -65.58 7.54
C GLU G 426 -27.99 -65.04 8.45
N ASP G 427 -28.09 -65.35 9.75
CA ASP G 427 -27.14 -64.87 10.74
C ASP G 427 -25.83 -64.32 10.19
N GLN G 428 -25.80 -63.00 10.06
CA GLN G 428 -24.63 -62.31 9.59
C GLN G 428 -24.29 -61.43 10.77
N THR G 429 -23.04 -61.00 10.85
CA THR G 429 -22.64 -60.12 11.93
C THR G 429 -22.15 -58.84 11.30
N VAL G 430 -22.60 -57.71 11.82
CA VAL G 430 -22.18 -56.44 11.28
C VAL G 430 -22.05 -55.40 12.35
N LEU G 431 -20.89 -54.76 12.37
CA LEU G 431 -20.59 -53.73 13.35
C LEU G 431 -20.86 -52.35 12.76
N LEU G 432 -21.80 -51.63 13.34
CA LEU G 432 -22.08 -50.29 12.84
C LEU G 432 -21.32 -49.32 13.69
N VAL G 433 -20.97 -48.17 13.10
CA VAL G 433 -20.23 -47.13 13.82
C VAL G 433 -20.59 -45.76 13.31
N THR G 434 -20.83 -44.83 14.21
CA THR G 434 -21.11 -43.50 13.76
C THR G 434 -19.97 -42.64 14.29
N VAL G 435 -19.02 -42.31 13.43
CA VAL G 435 -17.86 -41.51 13.83
C VAL G 435 -18.11 -40.01 13.96
N PRO G 436 -18.22 -39.54 15.19
CA PRO G 436 -18.47 -38.14 15.55
C PRO G 436 -17.63 -37.13 14.80
N ASP G 437 -18.08 -35.89 14.84
CA ASP G 437 -17.38 -34.79 14.21
C ASP G 437 -16.35 -34.29 15.20
N PHE G 438 -15.12 -34.77 15.04
CA PHE G 438 -14.01 -34.38 15.91
C PHE G 438 -13.97 -32.88 16.22
N SER G 439 -14.32 -32.06 15.23
CA SER G 439 -14.32 -30.60 15.37
C SER G 439 -14.95 -30.18 16.68
N ALA G 440 -16.10 -30.75 16.99
CA ALA G 440 -16.78 -30.37 18.22
C ALA G 440 -16.80 -31.47 19.27
N THR G 441 -16.30 -32.65 18.96
CA THR G 441 -16.31 -33.70 19.97
C THR G 441 -14.91 -34.08 20.39
N GLN G 442 -13.97 -34.06 19.44
CA GLN G 442 -12.60 -34.44 19.73
C GLN G 442 -12.60 -35.90 20.16
N THR G 443 -13.30 -36.73 19.40
CA THR G 443 -13.38 -38.12 19.71
C THR G 443 -13.28 -38.91 18.43
N ALA G 444 -12.89 -40.16 18.54
CA ALA G 444 -12.79 -41.02 17.37
C ALA G 444 -12.97 -42.44 17.88
N CYS G 445 -13.41 -43.36 17.02
CA CYS G 445 -13.53 -44.74 17.49
C CYS G 445 -12.28 -45.50 17.06
N LEU G 446 -11.94 -46.52 17.84
CA LEU G 446 -10.83 -47.42 17.55
C LEU G 446 -11.48 -48.80 17.53
N VAL G 447 -11.52 -49.41 16.36
CA VAL G 447 -12.12 -50.72 16.19
C VAL G 447 -11.06 -51.77 16.16
N ASN G 448 -11.17 -52.71 17.08
CA ASN G 448 -10.22 -53.80 17.11
C ASN G 448 -10.81 -54.84 16.17
N LEU G 449 -10.05 -55.22 15.16
CA LEU G 449 -10.56 -56.18 14.20
C LEU G 449 -10.62 -57.61 14.64
N ARG G 450 -9.98 -58.02 15.71
CA ARG G 450 -10.13 -59.44 16.00
C ARG G 450 -11.33 -59.69 16.90
N SER G 451 -11.97 -58.61 17.36
CA SER G 451 -13.14 -58.76 18.21
C SER G 451 -14.33 -57.85 17.85
N LEU G 452 -14.10 -56.86 16.99
CA LEU G 452 -15.16 -55.95 16.61
C LEU G 452 -15.66 -55.16 17.80
N ALA G 453 -14.75 -54.48 18.48
CA ALA G 453 -15.13 -53.67 19.62
C ALA G 453 -14.85 -52.19 19.32
N CYS G 454 -15.86 -51.33 19.29
CA CYS G 454 -15.54 -49.94 19.06
C CYS G 454 -15.40 -49.33 20.42
N GLN G 455 -14.53 -48.37 20.54
CA GLN G 455 -14.39 -47.68 21.81
C GLN G 455 -13.97 -46.30 21.40
N PRO G 456 -14.59 -45.29 21.98
CA PRO G 456 -14.22 -43.92 21.63
C PRO G 456 -12.92 -43.55 22.28
N ILE G 457 -12.24 -42.58 21.70
CA ILE G 457 -10.99 -42.07 22.23
C ILE G 457 -11.27 -40.60 22.24
N SER G 458 -11.08 -39.97 23.40
CA SER G 458 -11.35 -38.53 23.53
C SER G 458 -10.14 -37.78 24.02
N PHE G 459 -9.79 -36.71 23.34
CA PHE G 459 -8.63 -35.96 23.74
C PHE G 459 -9.01 -34.63 24.34
N SER G 460 -8.18 -34.16 25.27
CA SER G 460 -8.48 -32.90 25.92
C SER G 460 -7.31 -32.31 26.69
N GLY G 461 -7.31 -30.99 26.76
CA GLY G 461 -6.26 -30.28 27.46
C GLY G 461 -6.92 -29.23 28.30
N PHE G 462 -6.35 -28.98 29.48
CA PHE G 462 -6.90 -28.02 30.42
C PHE G 462 -7.09 -26.60 29.90
N GLY G 463 -8.10 -25.93 30.44
CA GLY G 463 -8.40 -24.56 30.10
C GLY G 463 -8.24 -23.71 31.35
N ALA G 464 -8.24 -22.39 31.19
CA ALA G 464 -8.09 -21.49 32.34
C ALA G 464 -9.22 -21.70 33.34
N GLU G 465 -8.88 -22.19 34.53
CA GLU G 465 -9.88 -22.43 35.55
C GLU G 465 -9.20 -22.73 36.89
N ALA H 2 27.69 -36.96 31.05
CA ALA H 2 26.48 -37.73 30.65
C ALA H 2 25.23 -37.03 31.17
N ASP H 3 24.56 -37.67 32.10
CA ASP H 3 23.33 -37.15 32.70
C ASP H 3 23.37 -35.68 33.17
N GLN H 4 24.34 -35.33 34.01
CA GLN H 4 24.42 -33.96 34.52
C GLN H 4 24.34 -32.95 33.35
N LEU H 5 24.56 -33.45 32.13
CA LEU H 5 24.53 -32.62 30.94
C LEU H 5 23.12 -32.20 30.53
N TYR H 6 22.26 -33.17 30.22
CA TYR H 6 20.89 -32.84 29.81
C TYR H 6 20.18 -32.03 30.88
N LEU H 7 20.63 -32.16 32.11
CA LEU H 7 20.01 -31.44 33.20
C LEU H 7 20.26 -29.94 33.06
N GLU H 8 21.51 -29.55 32.88
CA GLU H 8 21.83 -28.13 32.72
C GLU H 8 21.07 -27.62 31.51
N ASN H 9 21.20 -28.33 30.40
CA ASN H 9 20.51 -27.98 29.18
C ASN H 9 19.08 -27.56 29.48
N ILE H 10 18.34 -28.40 30.18
CA ILE H 10 16.97 -28.08 30.51
C ILE H 10 16.84 -26.84 31.40
N ASP H 11 17.72 -26.72 32.39
CA ASP H 11 17.68 -25.57 33.28
C ASP H 11 17.81 -24.31 32.42
N GLU H 12 18.90 -24.22 31.67
CA GLU H 12 19.14 -23.09 30.77
C GLU H 12 17.89 -22.76 29.95
N PHE H 13 17.12 -23.79 29.62
CA PHE H 13 15.89 -23.63 28.82
C PHE H 13 14.74 -23.00 29.60
N VAL H 14 14.41 -23.63 30.72
CA VAL H 14 13.30 -23.18 31.56
C VAL H 14 13.56 -21.87 32.25
N THR H 15 14.44 -21.95 33.24
CA THR H 15 14.81 -20.82 34.08
C THR H 15 15.44 -19.64 33.34
N ASP H 16 16.54 -19.89 32.63
CA ASP H 16 17.23 -18.82 31.91
C ASP H 16 16.50 -18.29 30.67
N GLN H 17 16.17 -19.19 29.73
CA GLN H 17 15.50 -18.82 28.49
C GLN H 17 13.99 -18.58 28.60
N ASN H 18 13.38 -19.17 29.63
CA ASN H 18 11.95 -19.02 29.84
C ASN H 18 11.18 -19.62 28.68
N LYS H 19 11.52 -20.85 28.31
CA LYS H 19 10.85 -21.53 27.22
C LYS H 19 9.95 -22.65 27.75
N ILE H 20 8.86 -22.93 27.05
CA ILE H 20 7.98 -23.99 27.49
C ILE H 20 8.53 -25.29 26.95
N VAL H 21 8.90 -26.19 27.86
CA VAL H 21 9.50 -27.46 27.52
C VAL H 21 8.55 -28.67 27.52
N THR H 22 8.19 -29.11 26.31
CA THR H 22 7.30 -30.25 26.12
C THR H 22 8.19 -31.38 25.69
N TYR H 23 7.82 -32.61 26.03
CA TYR H 23 8.68 -33.71 25.66
C TYR H 23 9.00 -33.64 24.17
N LYS H 24 7.99 -33.48 23.35
CA LYS H 24 8.23 -33.43 21.91
C LYS H 24 9.28 -32.39 21.58
N TRP H 25 9.05 -31.17 22.06
CA TRP H 25 9.98 -30.07 21.83
C TRP H 25 11.40 -30.45 22.25
N LEU H 26 11.54 -31.07 23.42
CA LEU H 26 12.86 -31.45 23.92
C LEU H 26 13.38 -32.58 23.04
N SER H 27 12.46 -33.45 22.65
CA SER H 27 12.81 -34.58 21.81
C SER H 27 13.57 -34.08 20.62
N TYR H 28 12.92 -33.22 19.86
CA TYR H 28 13.55 -32.66 18.68
C TYR H 28 14.75 -31.79 19.03
N THR H 29 14.63 -31.00 20.09
CA THR H 29 15.72 -30.11 20.48
C THR H 29 17.01 -30.82 20.86
N LEU H 30 16.94 -31.83 21.73
CA LEU H 30 18.16 -32.51 22.11
C LEU H 30 18.39 -33.73 21.22
N GLY H 31 17.42 -34.00 20.36
CA GLY H 31 17.55 -35.16 19.46
C GLY H 31 17.51 -36.47 20.23
N VAL H 32 16.44 -36.65 20.98
CA VAL H 32 16.31 -37.83 21.80
C VAL H 32 14.95 -38.48 21.70
N HIS H 33 14.97 -39.80 21.82
CA HIS H 33 13.78 -40.64 21.79
C HIS H 33 12.68 -39.98 22.56
N VAL H 34 11.52 -39.92 21.95
CA VAL H 34 10.39 -39.26 22.58
C VAL H 34 10.18 -39.70 24.04
N ASN H 35 10.43 -40.96 24.35
CA ASN H 35 10.24 -41.43 25.72
C ASN H 35 11.32 -40.93 26.66
N GLN H 36 12.58 -41.17 26.28
CA GLN H 36 13.72 -40.74 27.07
C GLN H 36 13.62 -39.23 27.34
N ALA H 37 12.92 -38.51 26.48
CA ALA H 37 12.76 -37.09 26.66
C ALA H 37 11.85 -36.86 27.87
N LYS H 38 10.79 -37.65 27.92
CA LYS H 38 9.84 -37.58 28.99
C LYS H 38 10.57 -37.95 30.28
N GLN H 39 11.31 -39.05 30.26
CA GLN H 39 12.03 -39.47 31.46
C GLN H 39 12.98 -38.34 31.87
N MET H 40 13.48 -37.61 30.90
CA MET H 40 14.38 -36.50 31.20
C MET H 40 13.64 -35.44 31.98
N LEU H 41 12.47 -35.05 31.52
CA LEU H 41 11.75 -34.03 32.26
C LEU H 41 11.51 -34.52 33.67
N TYR H 42 11.09 -35.78 33.79
CA TYR H 42 10.81 -36.33 35.10
C TYR H 42 11.97 -36.14 36.05
N ASP H 43 13.14 -36.60 35.65
CA ASP H 43 14.32 -36.48 36.49
C ASP H 43 14.58 -35.02 36.83
N TYR H 44 14.50 -34.15 35.83
CA TYR H 44 14.74 -32.74 36.07
C TYR H 44 13.82 -32.12 37.10
N VAL H 45 12.55 -32.47 37.11
CA VAL H 45 11.70 -31.85 38.11
C VAL H 45 12.08 -32.33 39.48
N GLU H 46 12.22 -33.65 39.66
CA GLU H 46 12.58 -34.17 40.97
C GLU H 46 13.79 -33.42 41.54
N ARG H 47 14.87 -33.33 40.78
CA ARG H 47 16.06 -32.63 41.25
C ARG H 47 15.67 -31.22 41.70
N LYS H 48 15.27 -30.39 40.75
CA LYS H 48 14.87 -29.01 41.04
C LYS H 48 13.86 -28.95 42.18
N ARG H 49 13.07 -30.01 42.38
CA ARG H 49 12.09 -30.04 43.45
C ARG H 49 12.72 -30.35 44.81
N LYS H 50 13.67 -31.29 44.86
CA LYS H 50 14.35 -31.59 46.11
C LYS H 50 15.25 -30.41 46.42
N GLU H 51 16.00 -29.98 45.39
CA GLU H 51 16.91 -28.86 45.48
C GLU H 51 16.29 -27.65 46.19
N ASN H 52 15.33 -26.99 45.55
CA ASN H 52 14.70 -25.81 46.15
C ASN H 52 13.55 -26.08 47.11
N SER H 53 12.76 -27.11 46.81
CA SER H 53 11.61 -27.48 47.64
C SER H 53 10.55 -26.39 47.49
N GLY H 54 10.79 -25.49 46.54
CA GLY H 54 9.87 -24.39 46.29
C GLY H 54 10.39 -23.50 45.17
N ALA H 55 11.02 -24.10 44.17
CA ALA H 55 11.54 -23.38 43.01
C ALA H 55 10.37 -23.08 42.08
N GLN H 56 10.35 -21.89 41.49
CA GLN H 56 9.24 -21.52 40.60
C GLN H 56 9.18 -22.46 39.39
N LEU H 57 8.54 -23.61 39.58
CA LEU H 57 8.43 -24.62 38.52
C LEU H 57 7.06 -25.25 38.41
N HIS H 58 6.53 -25.27 37.19
CA HIS H 58 5.21 -25.85 36.94
C HIS H 58 5.25 -27.01 35.98
N VAL H 59 4.54 -28.08 36.34
CA VAL H 59 4.51 -29.26 35.49
C VAL H 59 3.12 -29.63 35.00
N THR H 60 3.06 -30.34 33.88
CA THR H 60 1.80 -30.82 33.31
C THR H 60 2.02 -32.26 32.90
N TYR H 61 1.02 -33.11 33.12
CA TYR H 61 1.15 -34.52 32.76
C TYR H 61 0.11 -35.00 31.74
N LEU H 62 0.43 -36.13 31.13
CA LEU H 62 -0.46 -36.76 30.18
C LEU H 62 -1.02 -37.97 30.91
N VAL H 63 -2.33 -38.02 31.02
CA VAL H 63 -2.96 -39.12 31.71
C VAL H 63 -3.90 -39.75 30.72
N SER H 64 -3.85 -41.06 30.63
CA SER H 64 -4.71 -41.73 29.69
C SER H 64 -5.21 -43.02 30.30
N GLY H 65 -6.49 -43.30 30.08
CA GLY H 65 -7.06 -44.51 30.61
C GLY H 65 -8.51 -44.71 30.21
N SER H 66 -9.08 -45.78 30.77
CA SER H 66 -10.47 -46.14 30.55
C SER H 66 -11.35 -45.37 31.52
N LEU H 67 -12.49 -44.91 31.01
CA LEU H 67 -13.44 -44.17 31.82
C LEU H 67 -14.84 -44.57 31.41
N ILE H 68 -15.49 -45.41 32.21
CA ILE H 68 -16.83 -45.86 31.88
C ILE H 68 -17.84 -44.78 32.26
N GLN H 69 -18.84 -44.57 31.41
CA GLN H 69 -19.87 -43.59 31.69
C GLN H 69 -21.18 -44.32 32.00
N ASN H 70 -21.64 -45.11 31.05
CA ASN H 70 -22.86 -45.90 31.23
C ASN H 70 -22.64 -47.25 30.59
N GLY H 71 -21.97 -48.13 31.34
CA GLY H 71 -21.68 -49.47 30.87
C GLY H 71 -20.78 -49.47 29.66
N HIS H 72 -20.69 -48.32 29.00
CA HIS H 72 -19.86 -48.21 27.82
C HIS H 72 -18.56 -47.52 28.16
N SER H 73 -17.49 -48.26 27.91
CA SER H 73 -16.12 -47.86 28.17
C SER H 73 -15.51 -46.91 27.15
N CYS H 74 -15.15 -45.70 27.57
CA CYS H 74 -14.51 -44.75 26.68
C CYS H 74 -13.06 -44.47 27.09
N HIS H 75 -12.13 -44.52 26.14
CA HIS H 75 -10.72 -44.25 26.44
C HIS H 75 -10.52 -42.75 26.47
N LYS H 76 -9.82 -42.25 27.49
CA LYS H 76 -9.58 -40.81 27.56
C LYS H 76 -8.09 -40.51 27.61
N VAL H 77 -7.69 -39.50 26.84
CA VAL H 77 -6.31 -39.06 26.73
C VAL H 77 -6.32 -37.57 27.04
N ALA H 78 -5.66 -37.19 28.13
CA ALA H 78 -5.65 -35.79 28.50
C ALA H 78 -4.37 -35.23 29.08
N VAL H 79 -4.12 -33.97 28.73
CA VAL H 79 -2.98 -33.23 29.23
C VAL H 79 -3.57 -32.43 30.37
N VAL H 80 -3.09 -32.69 31.58
CA VAL H 80 -3.62 -32.02 32.75
C VAL H 80 -2.59 -31.18 33.46
N ARG H 81 -3.09 -30.25 34.27
CA ARG H 81 -2.22 -29.37 35.04
C ARG H 81 -1.80 -30.17 36.26
N GLU H 82 -0.57 -29.95 36.72
CA GLU H 82 -0.02 -30.69 37.85
C GLU H 82 -0.98 -31.09 38.98
N ASP H 83 -1.68 -30.12 39.57
CA ASP H 83 -2.61 -30.46 40.66
C ASP H 83 -3.60 -31.55 40.27
N LYS H 84 -4.53 -31.18 39.39
CA LYS H 84 -5.57 -32.07 38.91
C LYS H 84 -5.17 -33.53 38.58
N LEU H 85 -3.89 -33.80 38.35
CA LEU H 85 -3.48 -35.16 38.01
C LEU H 85 -4.09 -36.22 38.92
N GLU H 86 -4.06 -35.97 40.21
CA GLU H 86 -4.59 -36.95 41.15
C GLU H 86 -6.06 -37.19 40.89
N ALA H 87 -6.80 -36.10 40.73
CA ALA H 87 -8.23 -36.16 40.48
C ALA H 87 -8.54 -37.00 39.25
N VAL H 88 -8.02 -36.57 38.11
CA VAL H 88 -8.28 -37.28 36.88
C VAL H 88 -7.91 -38.74 37.03
N LYS H 89 -6.69 -38.99 37.47
CA LYS H 89 -6.21 -40.35 37.62
C LYS H 89 -7.20 -41.22 38.38
N SER H 90 -7.93 -40.62 39.29
CA SER H 90 -8.87 -41.38 40.07
C SER H 90 -10.11 -41.76 39.27
N LYS H 91 -10.69 -40.78 38.59
CA LYS H 91 -11.91 -40.99 37.82
C LYS H 91 -11.77 -42.12 36.79
N LEU H 92 -10.54 -42.51 36.49
CA LEU H 92 -10.33 -43.57 35.52
C LEU H 92 -10.53 -44.95 36.09
N ALA H 93 -11.11 -45.81 35.26
CA ALA H 93 -11.35 -47.18 35.65
C ALA H 93 -9.99 -47.88 35.68
N VAL H 94 -9.40 -48.03 34.51
CA VAL H 94 -8.09 -48.65 34.40
C VAL H 94 -7.19 -47.64 33.70
N THR H 95 -6.10 -47.26 34.37
CA THR H 95 -5.20 -46.26 33.83
C THR H 95 -4.03 -46.85 33.04
N ALA H 96 -3.83 -46.35 31.82
CA ALA H 96 -2.77 -46.83 30.92
C ALA H 96 -1.50 -46.01 30.89
N SER H 97 -1.59 -44.69 30.72
CA SER H 97 -0.39 -43.86 30.67
C SER H 97 -0.33 -42.59 31.52
N ILE H 98 0.84 -42.38 32.10
CA ILE H 98 1.14 -41.21 32.93
C ILE H 98 2.59 -40.81 32.76
N HIS H 99 2.82 -39.57 32.39
CA HIS H 99 4.20 -39.13 32.23
C HIS H 99 4.16 -37.64 32.09
N VAL H 100 5.28 -37.00 32.37
CA VAL H 100 5.37 -35.55 32.27
C VAL H 100 5.03 -35.14 30.83
N TYR H 101 4.49 -33.94 30.63
CA TYR H 101 4.20 -33.47 29.27
C TYR H 101 5.01 -32.20 29.06
N SER H 102 4.90 -31.27 30.00
CA SER H 102 5.64 -30.04 29.89
C SER H 102 6.19 -29.49 31.21
N ILE H 103 7.07 -28.52 31.06
CA ILE H 103 7.73 -27.86 32.16
C ILE H 103 7.82 -26.38 31.81
N GLN H 104 7.31 -25.52 32.67
CA GLN H 104 7.37 -24.08 32.42
C GLN H 104 7.67 -23.32 33.70
N LYS H 105 8.33 -22.18 33.57
CA LYS H 105 8.64 -21.39 34.75
C LYS H 105 7.33 -20.75 35.17
N ALA H 106 6.66 -20.12 34.21
CA ALA H 106 5.39 -19.46 34.50
C ALA H 106 4.22 -20.38 34.17
N MET H 107 3.21 -20.37 35.04
CA MET H 107 2.04 -21.20 34.82
C MET H 107 1.33 -20.81 33.53
N LEU H 108 0.61 -21.75 32.94
CA LEU H 108 -0.09 -21.51 31.68
C LEU H 108 -1.58 -21.33 31.91
N LYS H 109 -2.17 -20.36 31.23
CA LYS H 109 -3.60 -20.09 31.36
C LYS H 109 -4.41 -21.30 30.91
N ASP H 110 -4.17 -21.71 29.68
CA ASP H 110 -4.85 -22.87 29.10
C ASP H 110 -3.74 -23.74 28.53
N SER H 111 -4.11 -24.90 27.99
CA SER H 111 -3.12 -25.79 27.41
C SER H 111 -2.69 -25.28 26.03
N GLY H 112 -3.34 -24.20 25.59
CA GLY H 112 -3.04 -23.61 24.30
C GLY H 112 -1.59 -23.59 23.91
N PRO H 113 -0.79 -22.72 24.49
CA PRO H 113 0.63 -22.67 24.12
C PRO H 113 1.27 -24.05 23.91
N LEU H 114 0.86 -25.04 24.70
CA LEU H 114 1.41 -26.39 24.59
C LEU H 114 1.29 -26.91 23.17
N PHE H 115 0.43 -26.27 22.38
CA PHE H 115 0.27 -26.67 21.00
C PHE H 115 1.30 -25.88 20.24
N ASN H 116 1.08 -24.57 20.20
CA ASN H 116 1.97 -23.66 19.50
C ASN H 116 3.41 -24.11 19.58
N THR H 117 3.87 -24.33 20.80
CA THR H 117 5.23 -24.79 20.98
C THR H 117 5.47 -26.00 20.09
N ASP H 118 4.79 -27.10 20.39
CA ASP H 118 4.98 -28.28 19.58
C ASP H 118 4.75 -28.04 18.10
N TYR H 119 3.77 -27.20 17.75
CA TYR H 119 3.51 -26.96 16.34
C TYR H 119 4.68 -26.30 15.64
N ASP H 120 5.29 -25.30 16.26
CA ASP H 120 6.40 -24.64 15.62
C ASP H 120 7.59 -25.56 15.38
N ILE H 121 8.05 -26.21 16.44
CA ILE H 121 9.19 -27.12 16.33
C ILE H 121 8.93 -28.16 15.24
N LEU H 122 7.65 -28.44 14.98
CA LEU H 122 7.31 -29.39 13.95
C LEU H 122 7.58 -28.79 12.59
N LYS H 123 6.95 -27.66 12.30
CA LYS H 123 7.15 -27.00 11.03
C LYS H 123 8.62 -26.97 10.61
N SER H 124 9.51 -26.87 11.60
CA SER H 124 10.94 -26.84 11.30
C SER H 124 11.53 -28.24 11.09
N ASN H 125 10.86 -29.26 11.61
CA ASN H 125 11.32 -30.64 11.46
C ASN H 125 10.42 -31.42 10.52
N LEU H 126 9.43 -30.73 9.98
CA LEU H 126 8.47 -31.32 9.07
C LEU H 126 9.08 -32.43 8.24
N GLN H 127 10.38 -32.32 8.06
CA GLN H 127 11.15 -33.28 7.31
C GLN H 127 11.04 -34.69 7.84
N ASN H 128 11.27 -34.87 9.13
CA ASN H 128 11.23 -36.20 9.67
C ASN H 128 10.47 -36.34 10.99
N CYS H 129 9.16 -36.43 10.89
CA CYS H 129 8.31 -36.53 12.04
C CYS H 129 8.54 -37.77 12.86
N SER H 130 8.46 -38.92 12.21
CA SER H 130 8.62 -40.16 12.96
C SER H 130 10.05 -40.48 13.35
N LYS H 131 10.92 -39.50 13.37
CA LYS H 131 12.30 -39.79 13.73
C LYS H 131 12.45 -40.27 15.16
N PHE H 132 11.81 -39.60 16.10
CA PHE H 132 11.93 -40.00 17.49
C PHE H 132 10.69 -40.68 18.07
N SER H 133 9.76 -41.10 17.23
CA SER H 133 8.54 -41.76 17.68
C SER H 133 8.90 -43.10 18.25
N ALA H 134 7.99 -43.70 19.01
CA ALA H 134 8.25 -44.99 19.57
C ALA H 134 7.76 -46.04 18.58
N ILE H 135 7.37 -45.59 17.39
CA ILE H 135 6.87 -46.51 16.37
C ILE H 135 7.49 -46.27 15.00
N GLN H 136 8.03 -47.33 14.40
CA GLN H 136 8.63 -47.28 13.08
C GLN H 136 7.87 -48.20 12.16
N CYS H 137 7.51 -47.68 10.99
CA CYS H 137 6.72 -48.42 10.00
C CYS H 137 7.41 -48.80 8.70
N ALA H 138 7.65 -50.09 8.53
CA ALA H 138 8.29 -50.57 7.33
C ALA H 138 7.80 -49.88 6.06
N ALA H 139 6.49 -49.69 5.93
CA ALA H 139 5.92 -49.06 4.74
C ALA H 139 6.12 -47.56 4.59
N ALA H 140 6.07 -46.82 5.68
CA ALA H 140 6.23 -45.37 5.63
C ALA H 140 7.56 -44.91 5.01
N VAL H 141 7.84 -45.40 3.80
CA VAL H 141 9.05 -45.03 3.09
C VAL H 141 8.62 -44.37 1.79
N PRO H 142 8.99 -43.07 1.61
CA PRO H 142 8.66 -42.28 0.41
C PRO H 142 8.84 -43.05 -0.90
N ARG H 143 7.71 -43.46 -1.51
CA ARG H 143 7.77 -44.21 -2.76
C ARG H 143 6.63 -43.96 -3.75
N ALA H 144 5.44 -43.63 -3.24
CA ALA H 144 4.30 -43.37 -4.14
C ALA H 144 3.97 -41.88 -4.23
#